data_1G12
# 
_entry.id   1G12 
# 
_audit_conform.dict_name       mmcif_pdbx.dic 
_audit_conform.dict_version    5.399 
_audit_conform.dict_location   http://mmcif.pdb.org/dictionaries/ascii/mmcif_pdbx.dic 
# 
loop_
_database_2.database_id 
_database_2.database_code 
_database_2.pdbx_database_accession 
_database_2.pdbx_DOI 
PDB   1G12         pdb_00001g12 10.2210/pdb1g12/pdb 
RCSB  RCSB012100   ?            ?                   
WWPDB D_1000012100 ?            ?                   
# 
loop_
_pdbx_audit_revision_history.ordinal 
_pdbx_audit_revision_history.data_content_type 
_pdbx_audit_revision_history.major_revision 
_pdbx_audit_revision_history.minor_revision 
_pdbx_audit_revision_history.revision_date 
1 'Structure model' 1 0 2001-03-14 
2 'Structure model' 1 1 2008-04-27 
3 'Structure model' 1 2 2011-07-13 
4 'Structure model' 1 3 2017-10-04 
5 'Structure model' 1 4 2020-07-29 
6 'Structure model' 1 5 2024-11-20 
# 
loop_
_pdbx_audit_revision_details.ordinal 
_pdbx_audit_revision_details.revision_ordinal 
_pdbx_audit_revision_details.data_content_type 
_pdbx_audit_revision_details.provider 
_pdbx_audit_revision_details.type 
_pdbx_audit_revision_details.description 
_pdbx_audit_revision_details.details 
1 1 'Structure model' repository 'Initial release' ?                          ? 
2 5 'Structure model' repository Remediation       'Carbohydrate remediation' ? 
# 
loop_
_pdbx_audit_revision_group.ordinal 
_pdbx_audit_revision_group.revision_ordinal 
_pdbx_audit_revision_group.data_content_type 
_pdbx_audit_revision_group.group 
1 2 'Structure model' 'Version format compliance' 
2 3 'Structure model' 'Version format compliance' 
3 4 'Structure model' 'Refinement description'    
4 5 'Structure model' 'Data collection'           
5 5 'Structure model' 'Derived calculations'      
6 5 'Structure model' 'Structure summary'         
7 6 'Structure model' 'Data collection'           
8 6 'Structure model' 'Database references'       
9 6 'Structure model' 'Structure summary'         
# 
loop_
_pdbx_audit_revision_category.ordinal 
_pdbx_audit_revision_category.revision_ordinal 
_pdbx_audit_revision_category.data_content_type 
_pdbx_audit_revision_category.category 
1  4 'Structure model' software                  
2  5 'Structure model' chem_comp                 
3  5 'Structure model' entity                    
4  5 'Structure model' pdbx_chem_comp_identifier 
5  5 'Structure model' pdbx_entity_nonpoly       
6  5 'Structure model' pdbx_struct_conn_angle    
7  5 'Structure model' struct_conn               
8  5 'Structure model' struct_site               
9  5 'Structure model' struct_site_gen           
10 6 'Structure model' chem_comp                 
11 6 'Structure model' chem_comp_atom            
12 6 'Structure model' chem_comp_bond            
13 6 'Structure model' database_2                
14 6 'Structure model' pdbx_entry_details        
15 6 'Structure model' pdbx_modification_feature 
# 
loop_
_pdbx_audit_revision_item.ordinal 
_pdbx_audit_revision_item.revision_ordinal 
_pdbx_audit_revision_item.data_content_type 
_pdbx_audit_revision_item.item 
1  5 'Structure model' '_chem_comp.name'                             
2  5 'Structure model' '_chem_comp.type'                             
3  5 'Structure model' '_entity.pdbx_description'                    
4  5 'Structure model' '_pdbx_entity_nonpoly.name'                   
5  5 'Structure model' '_pdbx_struct_conn_angle.ptnr1_auth_comp_id'  
6  5 'Structure model' '_pdbx_struct_conn_angle.ptnr1_auth_seq_id'   
7  5 'Structure model' '_pdbx_struct_conn_angle.ptnr1_label_asym_id' 
8  5 'Structure model' '_pdbx_struct_conn_angle.ptnr1_label_atom_id' 
9  5 'Structure model' '_pdbx_struct_conn_angle.ptnr1_label_comp_id' 
10 5 'Structure model' '_pdbx_struct_conn_angle.ptnr1_label_seq_id'  
11 5 'Structure model' '_pdbx_struct_conn_angle.ptnr3_auth_comp_id'  
12 5 'Structure model' '_pdbx_struct_conn_angle.ptnr3_auth_seq_id'   
13 5 'Structure model' '_pdbx_struct_conn_angle.ptnr3_label_asym_id' 
14 5 'Structure model' '_pdbx_struct_conn_angle.ptnr3_label_atom_id' 
15 5 'Structure model' '_pdbx_struct_conn_angle.ptnr3_label_comp_id' 
16 5 'Structure model' '_pdbx_struct_conn_angle.ptnr3_label_seq_id'  
17 5 'Structure model' '_pdbx_struct_conn_angle.value'               
18 5 'Structure model' '_struct_conn.pdbx_dist_value'                
19 5 'Structure model' '_struct_conn.pdbx_leaving_atom_flag'         
20 5 'Structure model' '_struct_conn.pdbx_role'                      
21 5 'Structure model' '_struct_conn.ptnr1_auth_comp_id'             
22 5 'Structure model' '_struct_conn.ptnr1_auth_seq_id'              
23 5 'Structure model' '_struct_conn.ptnr1_label_asym_id'            
24 5 'Structure model' '_struct_conn.ptnr1_label_atom_id'            
25 5 'Structure model' '_struct_conn.ptnr1_label_comp_id'            
26 5 'Structure model' '_struct_conn.ptnr1_label_seq_id'             
27 5 'Structure model' '_struct_conn.ptnr2_auth_comp_id'             
28 5 'Structure model' '_struct_conn.ptnr2_auth_seq_id'              
29 5 'Structure model' '_struct_conn.ptnr2_label_asym_id'            
30 5 'Structure model' '_struct_conn.ptnr2_label_atom_id'            
31 5 'Structure model' '_struct_conn.ptnr2_label_comp_id'            
32 5 'Structure model' '_struct_conn.ptnr2_label_seq_id'             
33 6 'Structure model' '_chem_comp.pdbx_synonyms'                    
34 6 'Structure model' '_database_2.pdbx_DOI'                        
35 6 'Structure model' '_database_2.pdbx_database_accession'         
# 
_pdbx_database_status.status_code                     REL 
_pdbx_database_status.entry_id                        1G12 
_pdbx_database_status.recvd_initial_deposition_date   2000-10-10 
_pdbx_database_status.deposit_site                    RCSB 
_pdbx_database_status.process_site                    PDBJ 
_pdbx_database_status.status_code_sf                  REL 
_pdbx_database_status.SG_entry                        . 
_pdbx_database_status.pdb_format_compatible           Y 
_pdbx_database_status.status_code_mr                  ? 
_pdbx_database_status.status_code_cs                  ? 
_pdbx_database_status.methods_development_category    ? 
_pdbx_database_status.status_code_nmr_data            ? 
# 
loop_
_pdbx_database_related.db_name 
_pdbx_database_related.db_id 
_pdbx_database_related.details 
_pdbx_database_related.content_type 
PDB 1GE5 '1GE5 contains the same enzyme with different crystal form.' unspecified 
PDB 1GE6 '1GE6 contains the same enzyme with different crystal form.' unspecified 
PDB 1GE7 '1GE7 contains the same enzyme with different crystal form.' unspecified 
# 
loop_
_audit_author.name 
_audit_author.pdbx_ordinal 
'Hori, T.'      1 
'Kumasaka, T.'  2 
'Yamamoto, M.'  3 
'Nonaka, T.'    4 
'Tanaka, N.'    5 
'Hashimoto, Y.' 6 
'Ueki, T.'      7 
'Takio, K.'     8 
# 
_citation.id                        primary 
_citation.title                     
;Structure of a new 'aspzincin' metalloendopeptidase from Grifola frondosa: implications for the catalytic mechanism and substrate specificity based on several different crystal forms.
;
_citation.journal_abbrev            'Acta Crystallogr.,Sect.D' 
_citation.journal_volume            57 
_citation.page_first                361 
_citation.page_last                 368 
_citation.year                      2001 
_citation.journal_id_ASTM           ABCRE6 
_citation.country                   DK 
_citation.journal_id_ISSN           0907-4449 
_citation.journal_id_CSD            0766 
_citation.book_publisher            ? 
_citation.pdbx_database_id_PubMed   11223512 
_citation.pdbx_database_id_DOI      10.1107/S0907444900019740 
# 
loop_
_citation_author.citation_id 
_citation_author.name 
_citation_author.ordinal 
_citation_author.identifier_ORCID 
primary 'Hori, T.'      1 ? 
primary 'Kumasaka, T.'  2 ? 
primary 'Yamamoto, M.'  3 ? 
primary 'Nonaka, N.'    4 ? 
primary 'Tanaka, N.'    5 ? 
primary 'Hashimoto, Y.' 6 ? 
primary 'Ueki, U.'      7 ? 
primary 'Takio, K.'     8 ? 
# 
loop_
_entity.id 
_entity.type 
_entity.src_method 
_entity.pdbx_description 
_entity.formula_weight 
_entity.pdbx_number_of_molecules 
_entity.pdbx_ec 
_entity.pdbx_mutation 
_entity.pdbx_fragment 
_entity.details 
1 polymer     nat 'PEPTIDYL-LYS METALLOENDOPEPTIDASE' 18058.424 1   3.4.24.20 ? ? ? 
2 non-polymer man alpha-D-mannopyranose               180.156   1   ?         ? ? ? 
3 non-polymer syn 'ZINC ION'                          65.409    1   ?         ? ? ? 
4 water       nat water                               18.015    201 ?         ? ? ? 
# 
_entity_poly.entity_id                      1 
_entity_poly.type                           'polypeptide(L)' 
_entity_poly.nstd_linkage                   no 
_entity_poly.nstd_monomer                   no 
_entity_poly.pdbx_seq_one_letter_code       
;TYNGCSSSEQSALAAAASAAQSYVAESLSYLQTHTAATPRYTTWFGSYISSRHSTVLQHYTDMNSNDFSSYSFDCTCTAA
GTFAYVYPNRFGTVYLCGAFWKAPTTGTDSQAGTLVHESSHFTRNGGTKDYAYGQAAAKSLATMDPDKAVMNADNHEYFS
ENNPAQS
;
_entity_poly.pdbx_seq_one_letter_code_can   
;TYNGCSSSEQSALAAAASAAQSYVAESLSYLQTHTAATPRYTTWFGSYISSRHSTVLQHYTDMNSNDFSSYSFDCTCTAA
GTFAYVYPNRFGTVYLCGAFWKAPTTGTDSQAGTLVHESSHFTRNGGTKDYAYGQAAAKSLATMDPDKAVMNADNHEYFS
ENNPAQS
;
_entity_poly.pdbx_strand_id                 A 
_entity_poly.pdbx_target_identifier         ? 
# 
loop_
_pdbx_entity_nonpoly.entity_id 
_pdbx_entity_nonpoly.name 
_pdbx_entity_nonpoly.comp_id 
2 alpha-D-mannopyranose MAN 
3 'ZINC ION'            ZN  
4 water                 HOH 
# 
loop_
_entity_poly_seq.entity_id 
_entity_poly_seq.num 
_entity_poly_seq.mon_id 
_entity_poly_seq.hetero 
1 1   THR n 
1 2   TYR n 
1 3   ASN n 
1 4   GLY n 
1 5   CYS n 
1 6   SER n 
1 7   SER n 
1 8   SER n 
1 9   GLU n 
1 10  GLN n 
1 11  SER n 
1 12  ALA n 
1 13  LEU n 
1 14  ALA n 
1 15  ALA n 
1 16  ALA n 
1 17  ALA n 
1 18  SER n 
1 19  ALA n 
1 20  ALA n 
1 21  GLN n 
1 22  SER n 
1 23  TYR n 
1 24  VAL n 
1 25  ALA n 
1 26  GLU n 
1 27  SER n 
1 28  LEU n 
1 29  SER n 
1 30  TYR n 
1 31  LEU n 
1 32  GLN n 
1 33  THR n 
1 34  HIS n 
1 35  THR n 
1 36  ALA n 
1 37  ALA n 
1 38  THR n 
1 39  PRO n 
1 40  ARG n 
1 41  TYR n 
1 42  THR n 
1 43  THR n 
1 44  TRP n 
1 45  PHE n 
1 46  GLY n 
1 47  SER n 
1 48  TYR n 
1 49  ILE n 
1 50  SER n 
1 51  SER n 
1 52  ARG n 
1 53  HIS n 
1 54  SER n 
1 55  THR n 
1 56  VAL n 
1 57  LEU n 
1 58  GLN n 
1 59  HIS n 
1 60  TYR n 
1 61  THR n 
1 62  ASP n 
1 63  MET n 
1 64  ASN n 
1 65  SER n 
1 66  ASN n 
1 67  ASP n 
1 68  PHE n 
1 69  SER n 
1 70  SER n 
1 71  TYR n 
1 72  SER n 
1 73  PHE n 
1 74  ASP n 
1 75  CYS n 
1 76  THR n 
1 77  CYS n 
1 78  THR n 
1 79  ALA n 
1 80  ALA n 
1 81  GLY n 
1 82  THR n 
1 83  PHE n 
1 84  ALA n 
1 85  TYR n 
1 86  VAL n 
1 87  TYR n 
1 88  PRO n 
1 89  ASN n 
1 90  ARG n 
1 91  PHE n 
1 92  GLY n 
1 93  THR n 
1 94  VAL n 
1 95  TYR n 
1 96  LEU n 
1 97  CYS n 
1 98  GLY n 
1 99  ALA n 
1 100 PHE n 
1 101 TRP n 
1 102 LYS n 
1 103 ALA n 
1 104 PRO n 
1 105 THR n 
1 106 THR n 
1 107 GLY n 
1 108 THR n 
1 109 ASP n 
1 110 SER n 
1 111 GLN n 
1 112 ALA n 
1 113 GLY n 
1 114 THR n 
1 115 LEU n 
1 116 VAL n 
1 117 HIS n 
1 118 GLU n 
1 119 SER n 
1 120 SER n 
1 121 HIS n 
1 122 PHE n 
1 123 THR n 
1 124 ARG n 
1 125 ASN n 
1 126 GLY n 
1 127 GLY n 
1 128 THR n 
1 129 LYS n 
1 130 ASP n 
1 131 TYR n 
1 132 ALA n 
1 133 TYR n 
1 134 GLY n 
1 135 GLN n 
1 136 ALA n 
1 137 ALA n 
1 138 ALA n 
1 139 LYS n 
1 140 SER n 
1 141 LEU n 
1 142 ALA n 
1 143 THR n 
1 144 MET n 
1 145 ASP n 
1 146 PRO n 
1 147 ASP n 
1 148 LYS n 
1 149 ALA n 
1 150 VAL n 
1 151 MET n 
1 152 ASN n 
1 153 ALA n 
1 154 ASP n 
1 155 ASN n 
1 156 HIS n 
1 157 GLU n 
1 158 TYR n 
1 159 PHE n 
1 160 SER n 
1 161 GLU n 
1 162 ASN n 
1 163 ASN n 
1 164 PRO n 
1 165 ALA n 
1 166 GLN n 
1 167 SER n 
# 
_entity_src_nat.entity_id                  1 
_entity_src_nat.pdbx_src_id                1 
_entity_src_nat.pdbx_alt_source_flag       sample 
_entity_src_nat.pdbx_beg_seq_num           ? 
_entity_src_nat.pdbx_end_seq_num           ? 
_entity_src_nat.common_name                ? 
_entity_src_nat.pdbx_organism_scientific   'Grifola frondosa' 
_entity_src_nat.pdbx_ncbi_taxonomy_id      5627 
_entity_src_nat.genus                      Grifola 
_entity_src_nat.species                    ? 
_entity_src_nat.strain                     ? 
_entity_src_nat.tissue                     'FRUITING BODY' 
_entity_src_nat.tissue_fraction            ? 
_entity_src_nat.pdbx_secretion             ? 
_entity_src_nat.pdbx_fragment              ? 
_entity_src_nat.pdbx_variant               ? 
_entity_src_nat.pdbx_cell_line             ? 
_entity_src_nat.pdbx_atcc                  ? 
_entity_src_nat.pdbx_cellular_location     ? 
_entity_src_nat.pdbx_organ                 ? 
_entity_src_nat.pdbx_organelle             ? 
_entity_src_nat.pdbx_cell                  ? 
_entity_src_nat.pdbx_plasmid_name          ? 
_entity_src_nat.pdbx_plasmid_details       ? 
_entity_src_nat.details                    ? 
# 
loop_
_chem_comp.id 
_chem_comp.type 
_chem_comp.mon_nstd_flag 
_chem_comp.name 
_chem_comp.pdbx_synonyms 
_chem_comp.formula 
_chem_comp.formula_weight 
ALA 'L-peptide linking'           y ALANINE               ?                                     'C3 H7 N O2'     89.093  
ARG 'L-peptide linking'           y ARGININE              ?                                     'C6 H15 N4 O2 1' 175.209 
ASN 'L-peptide linking'           y ASPARAGINE            ?                                     'C4 H8 N2 O3'    132.118 
ASP 'L-peptide linking'           y 'ASPARTIC ACID'       ?                                     'C4 H7 N O4'     133.103 
CYS 'L-peptide linking'           y CYSTEINE              ?                                     'C3 H7 N O2 S'   121.158 
GLN 'L-peptide linking'           y GLUTAMINE             ?                                     'C5 H10 N2 O3'   146.144 
GLU 'L-peptide linking'           y 'GLUTAMIC ACID'       ?                                     'C5 H9 N O4'     147.129 
GLY 'peptide linking'             y GLYCINE               ?                                     'C2 H5 N O2'     75.067  
HIS 'L-peptide linking'           y HISTIDINE             ?                                     'C6 H10 N3 O2 1' 156.162 
HOH non-polymer                   . WATER                 ?                                     'H2 O'           18.015  
ILE 'L-peptide linking'           y ISOLEUCINE            ?                                     'C6 H13 N O2'    131.173 
LEU 'L-peptide linking'           y LEUCINE               ?                                     'C6 H13 N O2'    131.173 
LYS 'L-peptide linking'           y LYSINE                ?                                     'C6 H15 N2 O2 1' 147.195 
MAN 'D-saccharide, alpha linking' . alpha-D-mannopyranose 'alpha-D-mannose; D-mannose; mannose' 'C6 H12 O6'      180.156 
MET 'L-peptide linking'           y METHIONINE            ?                                     'C5 H11 N O2 S'  149.211 
PHE 'L-peptide linking'           y PHENYLALANINE         ?                                     'C9 H11 N O2'    165.189 
PRO 'L-peptide linking'           y PROLINE               ?                                     'C5 H9 N O2'     115.130 
SER 'L-peptide linking'           y SERINE                ?                                     'C3 H7 N O3'     105.093 
THR 'L-peptide linking'           y THREONINE             ?                                     'C4 H9 N O3'     119.119 
TRP 'L-peptide linking'           y TRYPTOPHAN            ?                                     'C11 H12 N2 O2'  204.225 
TYR 'L-peptide linking'           y TYROSINE              ?                                     'C9 H11 N O3'    181.189 
VAL 'L-peptide linking'           y VALINE                ?                                     'C5 H11 N O2'    117.146 
ZN  non-polymer                   . 'ZINC ION'            ?                                     'Zn 2'           65.409  
# 
loop_
_pdbx_chem_comp_identifier.comp_id 
_pdbx_chem_comp_identifier.type 
_pdbx_chem_comp_identifier.program 
_pdbx_chem_comp_identifier.program_version 
_pdbx_chem_comp_identifier.identifier 
MAN 'CONDENSED IUPAC CARBOHYDRATE SYMBOL' GMML     1.0 DManpa            
MAN 'COMMON NAME'                         GMML     1.0 a-D-mannopyranose 
MAN 'IUPAC CARBOHYDRATE SYMBOL'           PDB-CARE 1.0 a-D-Manp          
MAN 'SNFG CARBOHYDRATE SYMBOL'            GMML     1.0 Man               
# 
loop_
_pdbx_poly_seq_scheme.asym_id 
_pdbx_poly_seq_scheme.entity_id 
_pdbx_poly_seq_scheme.seq_id 
_pdbx_poly_seq_scheme.mon_id 
_pdbx_poly_seq_scheme.ndb_seq_num 
_pdbx_poly_seq_scheme.pdb_seq_num 
_pdbx_poly_seq_scheme.auth_seq_num 
_pdbx_poly_seq_scheme.pdb_mon_id 
_pdbx_poly_seq_scheme.auth_mon_id 
_pdbx_poly_seq_scheme.pdb_strand_id 
_pdbx_poly_seq_scheme.pdb_ins_code 
_pdbx_poly_seq_scheme.hetero 
A 1 1   THR 1   1   1   THR THR A . n 
A 1 2   TYR 2   2   2   TYR TYR A . n 
A 1 3   ASN 3   3   3   ASN ASN A . n 
A 1 4   GLY 4   4   4   GLY GLY A . n 
A 1 5   CYS 5   5   5   CYS CYS A . n 
A 1 6   SER 6   6   6   SER SER A . n 
A 1 7   SER 7   7   7   SER SER A . n 
A 1 8   SER 8   8   8   SER SER A . n 
A 1 9   GLU 9   9   9   GLU GLU A . n 
A 1 10  GLN 10  10  10  GLN GLN A . n 
A 1 11  SER 11  11  11  SER SER A . n 
A 1 12  ALA 12  12  12  ALA ALA A . n 
A 1 13  LEU 13  13  13  LEU LEU A . n 
A 1 14  ALA 14  14  14  ALA ALA A . n 
A 1 15  ALA 15  15  15  ALA ALA A . n 
A 1 16  ALA 16  16  16  ALA ALA A . n 
A 1 17  ALA 17  17  17  ALA ALA A . n 
A 1 18  SER 18  18  18  SER SER A . n 
A 1 19  ALA 19  19  19  ALA ALA A . n 
A 1 20  ALA 20  20  20  ALA ALA A . n 
A 1 21  GLN 21  21  21  GLN GLN A . n 
A 1 22  SER 22  22  22  SER SER A . n 
A 1 23  TYR 23  23  23  TYR TYR A . n 
A 1 24  VAL 24  24  24  VAL VAL A . n 
A 1 25  ALA 25  25  25  ALA ALA A . n 
A 1 26  GLU 26  26  26  GLU GLU A . n 
A 1 27  SER 27  27  27  SER SER A . n 
A 1 28  LEU 28  28  28  LEU LEU A . n 
A 1 29  SER 29  29  29  SER SER A . n 
A 1 30  TYR 30  30  30  TYR TYR A . n 
A 1 31  LEU 31  31  31  LEU LEU A . n 
A 1 32  GLN 32  32  32  GLN GLN A . n 
A 1 33  THR 33  33  33  THR THR A . n 
A 1 34  HIS 34  34  34  HIS HIS A . n 
A 1 35  THR 35  35  35  THR THR A . n 
A 1 36  ALA 36  36  36  ALA ALA A . n 
A 1 37  ALA 37  37  37  ALA ALA A . n 
A 1 38  THR 38  38  38  THR THR A . n 
A 1 39  PRO 39  39  39  PRO PRO A . n 
A 1 40  ARG 40  40  40  ARG ARG A . n 
A 1 41  TYR 41  41  41  TYR TYR A . n 
A 1 42  THR 42  42  42  THR THR A . n 
A 1 43  THR 43  43  43  THR THR A . n 
A 1 44  TRP 44  44  44  TRP TRP A . n 
A 1 45  PHE 45  45  45  PHE PHE A . n 
A 1 46  GLY 46  46  46  GLY GLY A . n 
A 1 47  SER 47  47  47  SER SER A . n 
A 1 48  TYR 48  48  48  TYR TYR A . n 
A 1 49  ILE 49  49  49  ILE ILE A . n 
A 1 50  SER 50  50  50  SER SER A . n 
A 1 51  SER 51  51  51  SER SER A . n 
A 1 52  ARG 52  52  52  ARG ARG A . n 
A 1 53  HIS 53  53  53  HIS HIS A . n 
A 1 54  SER 54  54  54  SER SER A . n 
A 1 55  THR 55  55  55  THR THR A . n 
A 1 56  VAL 56  56  56  VAL VAL A . n 
A 1 57  LEU 57  57  57  LEU LEU A . n 
A 1 58  GLN 58  58  58  GLN GLN A . n 
A 1 59  HIS 59  59  59  HIS HIS A . n 
A 1 60  TYR 60  60  60  TYR TYR A . n 
A 1 61  THR 61  61  61  THR THR A . n 
A 1 62  ASP 62  62  62  ASP ASP A . n 
A 1 63  MET 63  63  63  MET MET A . n 
A 1 64  ASN 64  64  64  ASN ASN A . n 
A 1 65  SER 65  65  65  SER SER A . n 
A 1 66  ASN 66  66  66  ASN ASN A . n 
A 1 67  ASP 67  67  67  ASP ASP A . n 
A 1 68  PHE 68  68  68  PHE PHE A . n 
A 1 69  SER 69  69  69  SER SER A . n 
A 1 70  SER 70  70  70  SER SER A . n 
A 1 71  TYR 71  71  71  TYR TYR A . n 
A 1 72  SER 72  72  72  SER SER A . n 
A 1 73  PHE 73  73  73  PHE PHE A . n 
A 1 74  ASP 74  74  74  ASP ASP A . n 
A 1 75  CYS 75  75  75  CYS CYS A . n 
A 1 76  THR 76  76  76  THR THR A . n 
A 1 77  CYS 77  77  77  CYS CYS A . n 
A 1 78  THR 78  78  78  THR THR A . n 
A 1 79  ALA 79  79  79  ALA ALA A . n 
A 1 80  ALA 80  80  80  ALA ALA A . n 
A 1 81  GLY 81  81  81  GLY GLY A . n 
A 1 82  THR 82  82  82  THR THR A . n 
A 1 83  PHE 83  83  83  PHE PHE A . n 
A 1 84  ALA 84  84  84  ALA ALA A . n 
A 1 85  TYR 85  85  85  TYR TYR A . n 
A 1 86  VAL 86  86  86  VAL VAL A . n 
A 1 87  TYR 87  87  87  TYR TYR A . n 
A 1 88  PRO 88  88  88  PRO PRO A . n 
A 1 89  ASN 89  89  89  ASN ASN A . n 
A 1 90  ARG 90  90  90  ARG ARG A . n 
A 1 91  PHE 91  91  91  PHE PHE A . n 
A 1 92  GLY 92  92  92  GLY GLY A . n 
A 1 93  THR 93  93  93  THR THR A . n 
A 1 94  VAL 94  94  94  VAL VAL A . n 
A 1 95  TYR 95  95  95  TYR TYR A . n 
A 1 96  LEU 96  96  96  LEU LEU A . n 
A 1 97  CYS 97  97  97  CYS CYS A . n 
A 1 98  GLY 98  98  98  GLY GLY A . n 
A 1 99  ALA 99  99  99  ALA ALA A . n 
A 1 100 PHE 100 100 100 PHE PHE A . n 
A 1 101 TRP 101 101 101 TRP TRP A . n 
A 1 102 LYS 102 102 102 LYS LYS A . n 
A 1 103 ALA 103 103 103 ALA ALA A . n 
A 1 104 PRO 104 104 104 PRO PRO A . n 
A 1 105 THR 105 105 105 THR THR A . n 
A 1 106 THR 106 106 106 THR THR A . n 
A 1 107 GLY 107 107 107 GLY GLY A . n 
A 1 108 THR 108 108 108 THR THR A . n 
A 1 109 ASP 109 109 109 ASP ASP A . n 
A 1 110 SER 110 110 110 SER SER A . n 
A 1 111 GLN 111 111 111 GLN GLN A . n 
A 1 112 ALA 112 112 112 ALA ALA A . n 
A 1 113 GLY 113 113 113 GLY GLY A . n 
A 1 114 THR 114 114 114 THR THR A . n 
A 1 115 LEU 115 115 115 LEU LEU A . n 
A 1 116 VAL 116 116 116 VAL VAL A . n 
A 1 117 HIS 117 117 117 HIS HIS A . n 
A 1 118 GLU 118 118 118 GLU GLU A . n 
A 1 119 SER 119 119 119 SER SER A . n 
A 1 120 SER 120 120 120 SER SER A . n 
A 1 121 HIS 121 121 121 HIS HIS A . n 
A 1 122 PHE 122 122 122 PHE PHE A . n 
A 1 123 THR 123 123 123 THR THR A . n 
A 1 124 ARG 124 124 124 ARG ARG A . n 
A 1 125 ASN 125 125 125 ASN ASN A . n 
A 1 126 GLY 126 126 126 GLY GLY A . n 
A 1 127 GLY 127 127 127 GLY GLY A . n 
A 1 128 THR 128 128 128 THR THR A . n 
A 1 129 LYS 129 129 129 LYS LYS A . n 
A 1 130 ASP 130 130 130 ASP ASP A . n 
A 1 131 TYR 131 131 131 TYR TYR A . n 
A 1 132 ALA 132 132 132 ALA ALA A . n 
A 1 133 TYR 133 133 133 TYR TYR A . n 
A 1 134 GLY 134 134 134 GLY GLY A . n 
A 1 135 GLN 135 135 135 GLN GLN A . n 
A 1 136 ALA 136 136 136 ALA ALA A . n 
A 1 137 ALA 137 137 137 ALA ALA A . n 
A 1 138 ALA 138 138 138 ALA ALA A . n 
A 1 139 LYS 139 139 139 LYS LYS A . n 
A 1 140 SER 140 140 140 SER SER A . n 
A 1 141 LEU 141 141 141 LEU LEU A . n 
A 1 142 ALA 142 142 142 ALA ALA A . n 
A 1 143 THR 143 143 143 THR THR A . n 
A 1 144 MET 144 144 144 MET MET A . n 
A 1 145 ASP 145 145 145 ASP ASP A . n 
A 1 146 PRO 146 146 146 PRO PRO A . n 
A 1 147 ASP 147 147 147 ASP ASP A . n 
A 1 148 LYS 148 148 148 LYS LYS A . n 
A 1 149 ALA 149 149 149 ALA ALA A . n 
A 1 150 VAL 150 150 150 VAL VAL A . n 
A 1 151 MET 151 151 151 MET MET A . n 
A 1 152 ASN 152 152 152 ASN ASN A . n 
A 1 153 ALA 153 153 153 ALA ALA A . n 
A 1 154 ASP 154 154 154 ASP ASP A . n 
A 1 155 ASN 155 155 155 ASN ASN A . n 
A 1 156 HIS 156 156 156 HIS HIS A . n 
A 1 157 GLU 157 157 157 GLU GLU A . n 
A 1 158 TYR 158 158 158 TYR TYR A . n 
A 1 159 PHE 159 159 159 PHE PHE A . n 
A 1 160 SER 160 160 160 SER SER A . n 
A 1 161 GLU 161 161 161 GLU GLU A . n 
A 1 162 ASN 162 162 162 ASN ASN A . n 
A 1 163 ASN 163 163 163 ASN ASN A . n 
A 1 164 PRO 164 164 164 PRO PRO A . n 
A 1 165 ALA 165 165 165 ALA ALA A . n 
A 1 166 GLN 166 166 166 GLN GLN A . n 
A 1 167 SER 167 167 167 SER SER A . n 
# 
loop_
_pdbx_nonpoly_scheme.asym_id 
_pdbx_nonpoly_scheme.entity_id 
_pdbx_nonpoly_scheme.mon_id 
_pdbx_nonpoly_scheme.ndb_seq_num 
_pdbx_nonpoly_scheme.pdb_seq_num 
_pdbx_nonpoly_scheme.auth_seq_num 
_pdbx_nonpoly_scheme.pdb_mon_id 
_pdbx_nonpoly_scheme.auth_mon_id 
_pdbx_nonpoly_scheme.pdb_strand_id 
_pdbx_nonpoly_scheme.pdb_ins_code 
B 2 MAN 1   900 900 MAN MAN A . 
C 3 ZN  1   200 200 ZN  ZN  A . 
D 4 HOH 1   201 201 HOH WAT A . 
D 4 HOH 2   202 202 HOH WAT A . 
D 4 HOH 3   204 204 HOH WAT A . 
D 4 HOH 4   205 205 HOH WAT A . 
D 4 HOH 5   206 206 HOH WAT A . 
D 4 HOH 6   207 207 HOH WAT A . 
D 4 HOH 7   208 208 HOH WAT A . 
D 4 HOH 8   209 209 HOH WAT A . 
D 4 HOH 9   210 210 HOH WAT A . 
D 4 HOH 10  211 211 HOH WAT A . 
D 4 HOH 11  212 212 HOH WAT A . 
D 4 HOH 12  213 213 HOH WAT A . 
D 4 HOH 13  214 214 HOH WAT A . 
D 4 HOH 14  215 215 HOH WAT A . 
D 4 HOH 15  216 216 HOH WAT A . 
D 4 HOH 16  217 217 HOH WAT A . 
D 4 HOH 17  219 219 HOH WAT A . 
D 4 HOH 18  220 220 HOH WAT A . 
D 4 HOH 19  221 221 HOH WAT A . 
D 4 HOH 20  222 222 HOH WAT A . 
D 4 HOH 21  223 223 HOH WAT A . 
D 4 HOH 22  224 224 HOH WAT A . 
D 4 HOH 23  225 225 HOH WAT A . 
D 4 HOH 24  226 226 HOH WAT A . 
D 4 HOH 25  227 227 HOH WAT A . 
D 4 HOH 26  228 228 HOH WAT A . 
D 4 HOH 27  229 229 HOH WAT A . 
D 4 HOH 28  230 230 HOH WAT A . 
D 4 HOH 29  231 231 HOH WAT A . 
D 4 HOH 30  232 232 HOH WAT A . 
D 4 HOH 31  233 233 HOH WAT A . 
D 4 HOH 32  234 234 HOH WAT A . 
D 4 HOH 33  235 235 HOH WAT A . 
D 4 HOH 34  236 236 HOH WAT A . 
D 4 HOH 35  238 238 HOH WAT A . 
D 4 HOH 36  240 240 HOH WAT A . 
D 4 HOH 37  241 241 HOH WAT A . 
D 4 HOH 38  242 242 HOH WAT A . 
D 4 HOH 39  243 243 HOH WAT A . 
D 4 HOH 40  244 244 HOH WAT A . 
D 4 HOH 41  246 246 HOH WAT A . 
D 4 HOH 42  247 247 HOH WAT A . 
D 4 HOH 43  248 248 HOH WAT A . 
D 4 HOH 44  249 249 HOH WAT A . 
D 4 HOH 45  250 250 HOH WAT A . 
D 4 HOH 46  251 251 HOH WAT A . 
D 4 HOH 47  252 252 HOH WAT A . 
D 4 HOH 48  253 253 HOH WAT A . 
D 4 HOH 49  255 255 HOH WAT A . 
D 4 HOH 50  256 256 HOH WAT A . 
D 4 HOH 51  257 257 HOH WAT A . 
D 4 HOH 52  259 259 HOH WAT A . 
D 4 HOH 53  260 260 HOH WAT A . 
D 4 HOH 54  263 263 HOH WAT A . 
D 4 HOH 55  267 267 HOH WAT A . 
D 4 HOH 56  269 269 HOH WAT A . 
D 4 HOH 57  271 271 HOH WAT A . 
D 4 HOH 58  272 272 HOH WAT A . 
D 4 HOH 59  273 273 HOH WAT A . 
D 4 HOH 60  275 275 HOH WAT A . 
D 4 HOH 61  276 276 HOH WAT A . 
D 4 HOH 62  277 277 HOH WAT A . 
D 4 HOH 63  279 279 HOH WAT A . 
D 4 HOH 64  281 281 HOH WAT A . 
D 4 HOH 65  282 282 HOH WAT A . 
D 4 HOH 66  284 284 HOH WAT A . 
D 4 HOH 67  289 289 HOH WAT A . 
D 4 HOH 68  290 290 HOH WAT A . 
D 4 HOH 69  291 291 HOH WAT A . 
D 4 HOH 70  293 293 HOH WAT A . 
D 4 HOH 71  299 299 HOH WAT A . 
D 4 HOH 72  301 301 HOH WAT A . 
D 4 HOH 73  305 305 HOH WAT A . 
D 4 HOH 74  311 311 HOH WAT A . 
D 4 HOH 75  316 316 HOH WAT A . 
D 4 HOH 76  327 327 HOH WAT A . 
D 4 HOH 77  330 330 HOH WAT A . 
D 4 HOH 78  332 332 HOH WAT A . 
D 4 HOH 79  335 335 HOH WAT A . 
D 4 HOH 80  344 344 HOH WAT A . 
D 4 HOH 81  349 349 HOH WAT A . 
D 4 HOH 82  352 352 HOH WAT A . 
D 4 HOH 83  353 353 HOH WAT A . 
D 4 HOH 84  354 354 HOH WAT A . 
D 4 HOH 85  356 356 HOH WAT A . 
D 4 HOH 86  357 357 HOH WAT A . 
D 4 HOH 87  366 366 HOH WAT A . 
D 4 HOH 88  401 401 HOH WAT A . 
D 4 HOH 89  405 405 HOH WAT A . 
D 4 HOH 90  407 407 HOH WAT A . 
D 4 HOH 91  413 413 HOH WAT A . 
D 4 HOH 92  415 415 HOH WAT A . 
D 4 HOH 93  416 416 HOH WAT A . 
D 4 HOH 94  419 419 HOH WAT A . 
D 4 HOH 95  422 422 HOH WAT A . 
D 4 HOH 96  423 423 HOH WAT A . 
D 4 HOH 97  424 424 HOH WAT A . 
D 4 HOH 98  425 425 HOH WAT A . 
D 4 HOH 99  427 427 HOH WAT A . 
D 4 HOH 100 428 428 HOH WAT A . 
D 4 HOH 101 429 429 HOH WAT A . 
D 4 HOH 102 430 430 HOH WAT A . 
D 4 HOH 103 432 432 HOH WAT A . 
D 4 HOH 104 441 441 HOH WAT A . 
D 4 HOH 105 505 505 HOH WAT A . 
D 4 HOH 106 508 508 HOH WAT A . 
D 4 HOH 107 510 510 HOH WAT A . 
D 4 HOH 108 512 512 HOH WAT A . 
D 4 HOH 109 514 514 HOH WAT A . 
D 4 HOH 110 515 515 HOH WAT A . 
D 4 HOH 111 516 516 HOH WAT A . 
D 4 HOH 112 521 521 HOH WAT A . 
D 4 HOH 113 522 522 HOH WAT A . 
D 4 HOH 114 525 525 HOH WAT A . 
D 4 HOH 115 526 526 HOH WAT A . 
D 4 HOH 116 531 531 HOH WAT A . 
D 4 HOH 117 534 534 HOH WAT A . 
D 4 HOH 118 538 538 HOH WAT A . 
D 4 HOH 119 539 539 HOH WAT A . 
D 4 HOH 120 540 540 HOH WAT A . 
D 4 HOH 121 541 541 HOH WAT A . 
D 4 HOH 122 543 543 HOH WAT A . 
D 4 HOH 123 545 545 HOH WAT A . 
D 4 HOH 124 547 547 HOH WAT A . 
D 4 HOH 125 549 549 HOH WAT A . 
D 4 HOH 126 558 558 HOH WAT A . 
D 4 HOH 127 559 559 HOH WAT A . 
D 4 HOH 128 562 562 HOH WAT A . 
D 4 HOH 129 566 566 HOH WAT A . 
D 4 HOH 130 568 568 HOH WAT A . 
D 4 HOH 131 572 572 HOH WAT A . 
D 4 HOH 132 574 574 HOH WAT A . 
D 4 HOH 133 575 575 HOH WAT A . 
D 4 HOH 134 576 576 HOH WAT A . 
D 4 HOH 135 577 577 HOH WAT A . 
D 4 HOH 136 579 579 HOH WAT A . 
D 4 HOH 137 584 584 HOH WAT A . 
D 4 HOH 138 585 585 HOH WAT A . 
D 4 HOH 139 586 586 HOH WAT A . 
D 4 HOH 140 587 587 HOH WAT A . 
D 4 HOH 141 588 588 HOH WAT A . 
D 4 HOH 142 591 591 HOH WAT A . 
D 4 HOH 143 593 593 HOH WAT A . 
D 4 HOH 144 594 594 HOH WAT A . 
D 4 HOH 145 595 595 HOH WAT A . 
D 4 HOH 146 601 601 HOH WAT A . 
D 4 HOH 147 602 602 HOH WAT A . 
D 4 HOH 148 603 603 HOH WAT A . 
D 4 HOH 149 607 607 HOH WAT A . 
D 4 HOH 150 608 608 HOH WAT A . 
D 4 HOH 151 609 609 HOH WAT A . 
D 4 HOH 152 612 612 HOH WAT A . 
D 4 HOH 153 617 617 HOH WAT A . 
D 4 HOH 154 618 618 HOH WAT A . 
D 4 HOH 155 622 622 HOH WAT A . 
D 4 HOH 156 626 626 HOH WAT A . 
D 4 HOH 157 629 629 HOH WAT A . 
D 4 HOH 158 631 631 HOH WAT A . 
D 4 HOH 159 632 632 HOH WAT A . 
D 4 HOH 160 633 633 HOH WAT A . 
D 4 HOH 161 634 634 HOH WAT A . 
D 4 HOH 162 635 635 HOH WAT A . 
D 4 HOH 163 636 636 HOH WAT A . 
D 4 HOH 164 637 637 HOH WAT A . 
D 4 HOH 165 642 642 HOH WAT A . 
D 4 HOH 166 643 643 HOH WAT A . 
D 4 HOH 167 644 644 HOH WAT A . 
D 4 HOH 168 646 646 HOH WAT A . 
D 4 HOH 169 650 650 HOH WAT A . 
D 4 HOH 170 656 656 HOH WAT A . 
D 4 HOH 171 657 657 HOH WAT A . 
D 4 HOH 172 665 665 HOH WAT A . 
D 4 HOH 173 669 669 HOH WAT A . 
D 4 HOH 174 670 670 HOH WAT A . 
D 4 HOH 175 674 674 HOH WAT A . 
D 4 HOH 176 677 677 HOH WAT A . 
D 4 HOH 177 680 680 HOH WAT A . 
D 4 HOH 178 681 681 HOH WAT A . 
D 4 HOH 179 696 696 HOH WAT A . 
D 4 HOH 180 699 699 HOH WAT A . 
D 4 HOH 181 702 702 HOH WAT A . 
D 4 HOH 182 707 707 HOH WAT A . 
D 4 HOH 183 716 716 HOH WAT A . 
D 4 HOH 184 718 718 HOH WAT A . 
D 4 HOH 185 719 719 HOH WAT A . 
D 4 HOH 186 723 723 HOH WAT A . 
D 4 HOH 187 724 724 HOH WAT A . 
D 4 HOH 188 728 728 HOH WAT A . 
D 4 HOH 189 733 733 HOH WAT A . 
D 4 HOH 190 735 735 HOH WAT A . 
D 4 HOH 191 736 736 HOH WAT A . 
D 4 HOH 192 738 738 HOH WAT A . 
D 4 HOH 193 739 739 HOH WAT A . 
D 4 HOH 194 740 740 HOH WAT A . 
D 4 HOH 195 741 741 HOH WAT A . 
D 4 HOH 196 742 742 HOH WAT A . 
D 4 HOH 197 743 743 HOH WAT A . 
D 4 HOH 198 751 751 HOH WAT A . 
D 4 HOH 199 752 752 HOH WAT A . 
D 4 HOH 200 753 753 HOH WAT A . 
D 4 HOH 201 754 754 HOH WAT A . 
# 
loop_
_software.name 
_software.classification 
_software.version 
_software.citation_id 
_software.pdbx_ordinal 
PROCESS 'data collection' .          ? 1 
PROCESS 'data reduction'  .          ? 2 
DM      'model building'  .          ? 3 
CNS     refinement        .          ? 4 
PROCESS 'data scaling'    '(RIGAKU)' ? 5 
DM      phasing           .          ? 6 
# 
_cell.entry_id           1G12 
_cell.length_a           43.631 
_cell.length_b           41.757 
_cell.length_c           76.941 
_cell.angle_alpha        90.00 
_cell.angle_beta         95.48 
_cell.angle_gamma        90.00 
_cell.Z_PDB              4 
_cell.pdbx_unique_axis   ? 
# 
_symmetry.entry_id                         1G12 
_symmetry.space_group_name_H-M             'C 1 2 1' 
_symmetry.pdbx_full_space_group_name_H-M   ? 
_symmetry.cell_setting                     ? 
_symmetry.Int_Tables_number                5 
# 
_exptl.entry_id          1G12 
_exptl.method            'X-RAY DIFFRACTION' 
_exptl.crystals_number   1 
# 
_exptl_crystal.id                    1 
_exptl_crystal.density_meas          ? 
_exptl_crystal.density_percent_sol   36.31 
_exptl_crystal.density_Matthews      1.93 
_exptl_crystal.description           ? 
# 
_exptl_crystal_grow.crystal_id      1 
_exptl_crystal_grow.method          'VAPOR DIFFUSION, HANGING DROP' 
_exptl_crystal_grow.pH              7 
_exptl_crystal_grow.temp            297 
_exptl_crystal_grow.temp_details    ? 
_exptl_crystal_grow.pdbx_details    'sodium chloride, pH 7, VAPOR DIFFUSION, HANGING DROP, temperature 297K' 
_exptl_crystal_grow.pdbx_pH_range   ? 
# 
_diffrn.id                     1 
_diffrn.ambient_temp           100 
_diffrn.ambient_temp_details   ? 
_diffrn.crystal_id             1 
# 
_diffrn_detector.diffrn_id              1 
_diffrn_detector.detector               'IMAGE PLATE' 
_diffrn_detector.type                   'RIGAKU RAXIS IV' 
_diffrn_detector.pdbx_collection_date   1998-02-11 
_diffrn_detector.details                ? 
# 
_diffrn_radiation.diffrn_id                        1 
_diffrn_radiation.wavelength_id                    1 
_diffrn_radiation.monochromator                    ? 
_diffrn_radiation.pdbx_monochromatic_or_laue_m_l   M 
_diffrn_radiation.pdbx_diffrn_protocol             'SINGLE WAVELENGTH' 
_diffrn_radiation.pdbx_scattering_type             x-ray 
# 
_diffrn_radiation_wavelength.id           1 
_diffrn_radiation_wavelength.wavelength   1.04 
_diffrn_radiation_wavelength.wt           1.0 
# 
_diffrn_source.diffrn_id                   1 
_diffrn_source.source                      SYNCHROTRON 
_diffrn_source.type                        'SPRING-8 BEAMLINE BL45XU' 
_diffrn_source.pdbx_wavelength             1.04 
_diffrn_source.pdbx_synchrotron_site       SPring-8 
_diffrn_source.pdbx_synchrotron_beamline   BL45XU 
_diffrn_source.pdbx_wavelength_list        ? 
# 
_reflns.entry_id                     1G12 
_reflns.observed_criterion_sigma_I   0 
_reflns.observed_criterion_sigma_F   0 
_reflns.d_resolution_low             38.3 
_reflns.d_resolution_high            1.6 
_reflns.number_obs                   96644 
_reflns.number_all                   96644 
_reflns.percent_possible_obs         84.3 
_reflns.pdbx_Rmerge_I_obs            0.069 
_reflns.pdbx_Rsym_value              ? 
_reflns.pdbx_netI_over_sigmaI        21.4 
_reflns.B_iso_Wilson_estimate        15.0 
_reflns.pdbx_redundancy              6.3 
_reflns.R_free_details               ? 
_reflns.limit_h_max                  ? 
_reflns.limit_h_min                  ? 
_reflns.limit_k_max                  ? 
_reflns.limit_k_min                  ? 
_reflns.limit_l_max                  ? 
_reflns.limit_l_min                  ? 
_reflns.observed_criterion_F_max     ? 
_reflns.observed_criterion_F_min     ? 
_reflns.pdbx_diffrn_id               1 
_reflns.pdbx_ordinal                 1 
# 
_reflns_shell.d_res_high             1.6 
_reflns_shell.d_res_low              1.66 
_reflns_shell.percent_possible_obs   ? 
_reflns_shell.percent_possible_all   40.9 
_reflns_shell.Rmerge_I_obs           0.195 
_reflns_shell.meanI_over_sigI_obs    ? 
_reflns_shell.pdbx_Rsym_value        ? 
_reflns_shell.pdbx_redundancy        3.8 
_reflns_shell.number_unique_all      749 
_reflns_shell.pdbx_diffrn_id         ? 
_reflns_shell.pdbx_ordinal           1 
# 
_refine.entry_id                                 1G12 
_refine.ls_number_reflns_obs                     96644 
_refine.ls_number_reflns_all                     15467 
_refine.pdbx_ls_sigma_I                          0 
_refine.pdbx_ls_sigma_F                          0 
_refine.pdbx_data_cutoff_high_absF               ? 
_refine.pdbx_data_cutoff_low_absF                ? 
_refine.ls_d_res_low                             38.3 
_refine.ls_d_res_high                            1.6 
_refine.ls_percent_reflns_obs                    84.3 
_refine.ls_R_factor_obs                          ? 
_refine.ls_R_factor_all                          ? 
_refine.ls_R_factor_R_work                       0.218 
_refine.ls_R_factor_R_free                       0.229 
_refine.ls_R_factor_R_free_error                 ? 
_refine.ls_R_factor_R_free_error_details         ? 
_refine.ls_percent_reflns_R_free                 ? 
_refine.ls_number_reflns_R_free                  777 
_refine.ls_number_parameters                     ? 
_refine.ls_number_restraints                     ? 
_refine.occupancy_min                            ? 
_refine.occupancy_max                            ? 
_refine.B_iso_mean                               ? 
_refine.aniso_B[1][1]                            ? 
_refine.aniso_B[2][2]                            ? 
_refine.aniso_B[3][3]                            ? 
_refine.aniso_B[1][2]                            ? 
_refine.aniso_B[1][3]                            ? 
_refine.aniso_B[2][3]                            ? 
_refine.solvent_model_details                    ? 
_refine.solvent_model_param_ksol                 ? 
_refine.solvent_model_param_bsol                 ? 
_refine.pdbx_ls_cross_valid_method               ? 
_refine.details                                  ? 
_refine.pdbx_starting_model                      ? 
_refine.pdbx_method_to_determine_struct          ? 
_refine.pdbx_isotropic_thermal_model             ? 
_refine.pdbx_stereochemistry_target_values       'ENGH & HUBER' 
_refine.pdbx_stereochem_target_val_spec_case     ? 
_refine.pdbx_R_Free_selection_details            RANDOM 
_refine.pdbx_overall_ESU_R_Free                  ? 
_refine.overall_SU_B                             ? 
_refine.ls_redundancy_reflns_obs                 ? 
_refine.B_iso_min                                ? 
_refine.B_iso_max                                ? 
_refine.overall_SU_ML                            ? 
_refine.pdbx_overall_ESU_R                       ? 
_refine.pdbx_data_cutoff_high_rms_absF           ? 
_refine.correlation_coeff_Fo_to_Fc               ? 
_refine.overall_SU_R_Cruickshank_DPI             ? 
_refine.overall_SU_R_free                        ? 
_refine.correlation_coeff_Fo_to_Fc_free          ? 
_refine.pdbx_solvent_vdw_probe_radii             ? 
_refine.pdbx_solvent_ion_probe_radii             ? 
_refine.pdbx_solvent_shrinkage_radii             ? 
_refine.pdbx_refine_id                           'X-RAY DIFFRACTION' 
_refine.pdbx_diffrn_id                           1 
_refine.pdbx_TLS_residual_ADP_flag               ? 
_refine.pdbx_overall_phase_error                 ? 
_refine.pdbx_overall_SU_R_free_Cruickshank_DPI   ? 
_refine.pdbx_overall_SU_R_Blow_DPI               ? 
_refine.pdbx_overall_SU_R_free_Blow_DPI          ? 
# 
_refine_hist.pdbx_refine_id                   'X-RAY DIFFRACTION' 
_refine_hist.cycle_id                         LAST 
_refine_hist.pdbx_number_atoms_protein        1271 
_refine_hist.pdbx_number_atoms_nucleic_acid   0 
_refine_hist.pdbx_number_atoms_ligand         12 
_refine_hist.number_atoms_solvent             201 
_refine_hist.number_atoms_total               1484 
_refine_hist.d_res_high                       1.6 
_refine_hist.d_res_low                        38.3 
# 
loop_
_refine_ls_restr.type 
_refine_ls_restr.dev_ideal 
_refine_ls_restr.dev_ideal_target 
_refine_ls_restr.weight 
_refine_ls_restr.number 
_refine_ls_restr.pdbx_refine_id 
_refine_ls_restr.pdbx_restraint_function 
c_bond_d    0.005 ? ? ? 'X-RAY DIFFRACTION' ? 
c_angle_deg 1.06  ? ? ? 'X-RAY DIFFRACTION' ? 
# 
_struct.entry_id                  1G12 
_struct.title                     'ZINC PEPTIDASE FROM GRIFOLA FRONDOSA' 
_struct.pdbx_model_details        ? 
_struct.pdbx_CASP_flag            ? 
_struct.pdbx_model_type_details   ? 
# 
_struct_keywords.entry_id        1G12 
_struct_keywords.pdbx_keywords   HYDROLASE 
_struct_keywords.text            'zinc cordinate, METALLOPROTEASE, HYDROLASE' 
# 
loop_
_struct_asym.id 
_struct_asym.pdbx_blank_PDB_chainid_flag 
_struct_asym.pdbx_modified 
_struct_asym.entity_id 
_struct_asym.details 
A N N 1 ? 
B N N 2 ? 
C N N 3 ? 
D N N 4 ? 
# 
_struct_ref.id                         1 
_struct_ref.db_code                    PLMP_GRIFR 
_struct_ref.db_name                    UNP 
_struct_ref.entity_id                  1 
_struct_ref.pdbx_db_accession          P81054 
_struct_ref.pdbx_align_begin           1 
_struct_ref.pdbx_seq_one_letter_code   ? 
_struct_ref.pdbx_db_isoform            ? 
# 
_struct_ref_seq.align_id                      1 
_struct_ref_seq.ref_id                        1 
_struct_ref_seq.pdbx_PDB_id_code              1G12 
_struct_ref_seq.pdbx_strand_id                A 
_struct_ref_seq.seq_align_beg                 1 
_struct_ref_seq.pdbx_seq_align_beg_ins_code   ? 
_struct_ref_seq.seq_align_end                 167 
_struct_ref_seq.pdbx_seq_align_end_ins_code   ? 
_struct_ref_seq.pdbx_db_accession             P81054 
_struct_ref_seq.db_align_beg                  1 
_struct_ref_seq.pdbx_db_align_beg_ins_code    ? 
_struct_ref_seq.db_align_end                  167 
_struct_ref_seq.pdbx_db_align_end_ins_code    ? 
_struct_ref_seq.pdbx_auth_seq_align_beg       1 
_struct_ref_seq.pdbx_auth_seq_align_end       167 
# 
_pdbx_struct_assembly.id                   1 
_pdbx_struct_assembly.details              author_defined_assembly 
_pdbx_struct_assembly.method_details       ? 
_pdbx_struct_assembly.oligomeric_details   monomeric 
_pdbx_struct_assembly.oligomeric_count     1 
# 
_pdbx_struct_assembly_gen.assembly_id       1 
_pdbx_struct_assembly_gen.oper_expression   1 
_pdbx_struct_assembly_gen.asym_id_list      A,B,C,D 
# 
_pdbx_struct_oper_list.id                   1 
_pdbx_struct_oper_list.type                 'identity operation' 
_pdbx_struct_oper_list.name                 1_555 
_pdbx_struct_oper_list.symmetry_operation   x,y,z 
_pdbx_struct_oper_list.matrix[1][1]         1.0000000000 
_pdbx_struct_oper_list.matrix[1][2]         0.0000000000 
_pdbx_struct_oper_list.matrix[1][3]         0.0000000000 
_pdbx_struct_oper_list.vector[1]            0.0000000000 
_pdbx_struct_oper_list.matrix[2][1]         0.0000000000 
_pdbx_struct_oper_list.matrix[2][2]         1.0000000000 
_pdbx_struct_oper_list.matrix[2][3]         0.0000000000 
_pdbx_struct_oper_list.vector[2]            0.0000000000 
_pdbx_struct_oper_list.matrix[3][1]         0.0000000000 
_pdbx_struct_oper_list.matrix[3][2]         0.0000000000 
_pdbx_struct_oper_list.matrix[3][3]         1.0000000000 
_pdbx_struct_oper_list.vector[3]            0.0000000000 
# 
_struct_biol.id                    1 
_struct_biol.pdbx_parent_biol_id   ? 
_struct_biol.details               ? 
# 
loop_
_struct_conf.conf_type_id 
_struct_conf.id 
_struct_conf.pdbx_PDB_helix_id 
_struct_conf.beg_label_comp_id 
_struct_conf.beg_label_asym_id 
_struct_conf.beg_label_seq_id 
_struct_conf.pdbx_beg_PDB_ins_code 
_struct_conf.end_label_comp_id 
_struct_conf.end_label_asym_id 
_struct_conf.end_label_seq_id 
_struct_conf.pdbx_end_PDB_ins_code 
_struct_conf.beg_auth_comp_id 
_struct_conf.beg_auth_asym_id 
_struct_conf.beg_auth_seq_id 
_struct_conf.end_auth_comp_id 
_struct_conf.end_auth_asym_id 
_struct_conf.end_auth_seq_id 
_struct_conf.pdbx_PDB_helix_class 
_struct_conf.details 
_struct_conf.pdbx_PDB_helix_length 
HELX_P HELX_P1  1  SER A 6   ? HIS A 34  ? SER A 6   HIS A 34  1 ? 29 
HELX_P HELX_P2  2  THR A 38  ? GLY A 46  ? THR A 38  GLY A 46  1 ? 9  
HELX_P HELX_P3  3  ILE A 49  ? SER A 65  ? ILE A 49  SER A 65  1 ? 17 
HELX_P HELX_P4  4  ASN A 66  ? ASN A 66  ? ASN A 66  ASN A 66  5 ? 1  
HELX_P HELX_P5  5  ASP A 67  ? TYR A 71  ? ASP A 67  TYR A 71  5 ? 5  
HELX_P HELX_P6  6  GLY A 98  ? ALA A 103 ? GLY A 98  ALA A 103 5 ? 6  
HELX_P HELX_P7  7  SER A 110 ? PHE A 122 ? SER A 110 PHE A 122 1 ? 13 
HELX_P HELX_P8  8  THR A 123 ? GLY A 126 ? THR A 123 GLY A 126 5 ? 4  
HELX_P HELX_P9  9  TYR A 133 ? ASP A 145 ? TYR A 133 ASP A 145 1 ? 13 
HELX_P HELX_P10 10 ASP A 145 ? VAL A 150 ? ASP A 145 VAL A 150 1 ? 6  
HELX_P HELX_P11 11 ASN A 152 ? ASN A 162 ? ASN A 152 ASN A 162 1 ? 11 
# 
_struct_conf_type.id          HELX_P 
_struct_conf_type.criteria    ? 
_struct_conf_type.reference   ? 
# 
loop_
_struct_conn.id 
_struct_conn.conn_type_id 
_struct_conn.pdbx_leaving_atom_flag 
_struct_conn.pdbx_PDB_id 
_struct_conn.ptnr1_label_asym_id 
_struct_conn.ptnr1_label_comp_id 
_struct_conn.ptnr1_label_seq_id 
_struct_conn.ptnr1_label_atom_id 
_struct_conn.pdbx_ptnr1_label_alt_id 
_struct_conn.pdbx_ptnr1_PDB_ins_code 
_struct_conn.pdbx_ptnr1_standard_comp_id 
_struct_conn.ptnr1_symmetry 
_struct_conn.ptnr2_label_asym_id 
_struct_conn.ptnr2_label_comp_id 
_struct_conn.ptnr2_label_seq_id 
_struct_conn.ptnr2_label_atom_id 
_struct_conn.pdbx_ptnr2_label_alt_id 
_struct_conn.pdbx_ptnr2_PDB_ins_code 
_struct_conn.ptnr1_auth_asym_id 
_struct_conn.ptnr1_auth_comp_id 
_struct_conn.ptnr1_auth_seq_id 
_struct_conn.ptnr2_auth_asym_id 
_struct_conn.ptnr2_auth_comp_id 
_struct_conn.ptnr2_auth_seq_id 
_struct_conn.ptnr2_symmetry 
_struct_conn.pdbx_ptnr3_label_atom_id 
_struct_conn.pdbx_ptnr3_label_seq_id 
_struct_conn.pdbx_ptnr3_label_comp_id 
_struct_conn.pdbx_ptnr3_label_asym_id 
_struct_conn.pdbx_ptnr3_label_alt_id 
_struct_conn.pdbx_ptnr3_PDB_ins_code 
_struct_conn.details 
_struct_conn.pdbx_dist_value 
_struct_conn.pdbx_value_order 
_struct_conn.pdbx_role 
disulf1 disulf ?   ? A CYS 5   SG  ? ? ? 1_555 A CYS 75 SG ? ? A CYS 5   A CYS 75  1_555 ? ? ? ? ? ? ? 2.036 ? ?               
disulf2 disulf ?   ? A CYS 77  SG  ? ? ? 1_555 A CYS 97 SG ? ? A CYS 77  A CYS 97  1_555 ? ? ? ? ? ? ? 2.032 ? ?               
covale1 covale one ? A THR 42  OG1 ? ? ? 1_555 B MAN .  C1 ? ? A THR 42  A MAN 900 1_555 ? ? ? ? ? ? ? 1.482 ? O-Glycosylation 
metalc1 metalc ?   ? A HIS 117 NE2 ? ? ? 1_555 C ZN  .  ZN ? ? A HIS 117 A ZN  200 1_555 ? ? ? ? ? ? ? 1.996 ? ?               
metalc2 metalc ?   ? A HIS 121 NE2 ? ? ? 1_555 C ZN  .  ZN ? ? A HIS 121 A ZN  200 1_555 ? ? ? ? ? ? ? 2.073 ? ?               
metalc3 metalc ?   ? A ASP 130 OD1 ? ? ? 1_555 C ZN  .  ZN ? ? A ASP 130 A ZN  200 1_555 ? ? ? ? ? ? ? 2.140 ? ?               
metalc4 metalc ?   ? A ASP 130 OD2 ? ? ? 1_555 C ZN  .  ZN ? ? A ASP 130 A ZN  200 1_555 ? ? ? ? ? ? ? 2.459 ? ?               
metalc5 metalc ?   ? C ZN  .   ZN  ? ? ? 1_555 D HOH .  O  ? ? A ZN  200 A HOH 401 1_555 ? ? ? ? ? ? ? 2.258 ? ?               
metalc6 metalc ?   ? C ZN  .   ZN  ? ? ? 1_555 D HOH .  O  ? ? A ZN  200 A HOH 754 1_555 ? ? ? ? ? ? ? 2.279 ? ?               
# 
loop_
_struct_conn_type.id 
_struct_conn_type.criteria 
_struct_conn_type.reference 
disulf ? ? 
covale ? ? 
metalc ? ? 
# 
loop_
_pdbx_struct_conn_angle.id 
_pdbx_struct_conn_angle.ptnr1_label_atom_id 
_pdbx_struct_conn_angle.ptnr1_label_alt_id 
_pdbx_struct_conn_angle.ptnr1_label_asym_id 
_pdbx_struct_conn_angle.ptnr1_label_comp_id 
_pdbx_struct_conn_angle.ptnr1_label_seq_id 
_pdbx_struct_conn_angle.ptnr1_auth_atom_id 
_pdbx_struct_conn_angle.ptnr1_auth_asym_id 
_pdbx_struct_conn_angle.ptnr1_auth_comp_id 
_pdbx_struct_conn_angle.ptnr1_auth_seq_id 
_pdbx_struct_conn_angle.ptnr1_PDB_ins_code 
_pdbx_struct_conn_angle.ptnr1_symmetry 
_pdbx_struct_conn_angle.ptnr2_label_atom_id 
_pdbx_struct_conn_angle.ptnr2_label_alt_id 
_pdbx_struct_conn_angle.ptnr2_label_asym_id 
_pdbx_struct_conn_angle.ptnr2_label_comp_id 
_pdbx_struct_conn_angle.ptnr2_label_seq_id 
_pdbx_struct_conn_angle.ptnr2_auth_atom_id 
_pdbx_struct_conn_angle.ptnr2_auth_asym_id 
_pdbx_struct_conn_angle.ptnr2_auth_comp_id 
_pdbx_struct_conn_angle.ptnr2_auth_seq_id 
_pdbx_struct_conn_angle.ptnr2_PDB_ins_code 
_pdbx_struct_conn_angle.ptnr2_symmetry 
_pdbx_struct_conn_angle.ptnr3_label_atom_id 
_pdbx_struct_conn_angle.ptnr3_label_alt_id 
_pdbx_struct_conn_angle.ptnr3_label_asym_id 
_pdbx_struct_conn_angle.ptnr3_label_comp_id 
_pdbx_struct_conn_angle.ptnr3_label_seq_id 
_pdbx_struct_conn_angle.ptnr3_auth_atom_id 
_pdbx_struct_conn_angle.ptnr3_auth_asym_id 
_pdbx_struct_conn_angle.ptnr3_auth_comp_id 
_pdbx_struct_conn_angle.ptnr3_auth_seq_id 
_pdbx_struct_conn_angle.ptnr3_PDB_ins_code 
_pdbx_struct_conn_angle.ptnr3_symmetry 
_pdbx_struct_conn_angle.value 
_pdbx_struct_conn_angle.value_esd 
1  NE2 ? A HIS 117 ? A HIS 117 ? 1_555 ZN ? C ZN . ? A ZN 200 ? 1_555 NE2 ? A HIS 121 ? A HIS 121 ? 1_555 104.1 ? 
2  NE2 ? A HIS 117 ? A HIS 117 ? 1_555 ZN ? C ZN . ? A ZN 200 ? 1_555 OD1 ? A ASP 130 ? A ASP 130 ? 1_555 98.2  ? 
3  NE2 ? A HIS 121 ? A HIS 121 ? 1_555 ZN ? C ZN . ? A ZN 200 ? 1_555 OD1 ? A ASP 130 ? A ASP 130 ? 1_555 95.6  ? 
4  NE2 ? A HIS 117 ? A HIS 117 ? 1_555 ZN ? C ZN . ? A ZN 200 ? 1_555 OD2 ? A ASP 130 ? A ASP 130 ? 1_555 154.2 ? 
5  NE2 ? A HIS 121 ? A HIS 121 ? 1_555 ZN ? C ZN . ? A ZN 200 ? 1_555 OD2 ? A ASP 130 ? A ASP 130 ? 1_555 84.8  ? 
6  OD1 ? A ASP 130 ? A ASP 130 ? 1_555 ZN ? C ZN . ? A ZN 200 ? 1_555 OD2 ? A ASP 130 ? A ASP 130 ? 1_555 56.4  ? 
7  NE2 ? A HIS 117 ? A HIS 117 ? 1_555 ZN ? C ZN . ? A ZN 200 ? 1_555 O   ? D HOH .   ? A HOH 401 ? 1_555 98.7  ? 
8  NE2 ? A HIS 121 ? A HIS 121 ? 1_555 ZN ? C ZN . ? A ZN 200 ? 1_555 O   ? D HOH .   ? A HOH 401 ? 1_555 96.1  ? 
9  OD1 ? A ASP 130 ? A ASP 130 ? 1_555 ZN ? C ZN . ? A ZN 200 ? 1_555 O   ? D HOH .   ? A HOH 401 ? 1_555 156.3 ? 
10 OD2 ? A ASP 130 ? A ASP 130 ? 1_555 ZN ? C ZN . ? A ZN 200 ? 1_555 O   ? D HOH .   ? A HOH 401 ? 1_555 104.4 ? 
11 NE2 ? A HIS 117 ? A HIS 117 ? 1_555 ZN ? C ZN . ? A ZN 200 ? 1_555 O   ? D HOH .   ? A HOH 754 ? 1_555 101.2 ? 
12 NE2 ? A HIS 121 ? A HIS 121 ? 1_555 ZN ? C ZN . ? A ZN 200 ? 1_555 O   ? D HOH .   ? A HOH 754 ? 1_555 152.0 ? 
13 OD1 ? A ASP 130 ? A ASP 130 ? 1_555 ZN ? C ZN . ? A ZN 200 ? 1_555 O   ? D HOH .   ? A HOH 754 ? 1_555 92.3  ? 
14 OD2 ? A ASP 130 ? A ASP 130 ? 1_555 ZN ? C ZN . ? A ZN 200 ? 1_555 O   ? D HOH .   ? A HOH 754 ? 1_555 77.4  ? 
15 O   ? D HOH .   ? A HOH 401 ? 1_555 ZN ? C ZN . ? A ZN 200 ? 1_555 O   ? D HOH .   ? A HOH 754 ? 1_555 68.3  ? 
# 
loop_
_pdbx_modification_feature.ordinal 
_pdbx_modification_feature.label_comp_id 
_pdbx_modification_feature.label_asym_id 
_pdbx_modification_feature.label_seq_id 
_pdbx_modification_feature.label_alt_id 
_pdbx_modification_feature.modified_residue_label_comp_id 
_pdbx_modification_feature.modified_residue_label_asym_id 
_pdbx_modification_feature.modified_residue_label_seq_id 
_pdbx_modification_feature.modified_residue_label_alt_id 
_pdbx_modification_feature.auth_comp_id 
_pdbx_modification_feature.auth_asym_id 
_pdbx_modification_feature.auth_seq_id 
_pdbx_modification_feature.PDB_ins_code 
_pdbx_modification_feature.symmetry 
_pdbx_modification_feature.modified_residue_auth_comp_id 
_pdbx_modification_feature.modified_residue_auth_asym_id 
_pdbx_modification_feature.modified_residue_auth_seq_id 
_pdbx_modification_feature.modified_residue_PDB_ins_code 
_pdbx_modification_feature.modified_residue_symmetry 
_pdbx_modification_feature.comp_id_linking_atom 
_pdbx_modification_feature.modified_residue_id_linking_atom 
_pdbx_modification_feature.modified_residue_id 
_pdbx_modification_feature.ref_pcm_id 
_pdbx_modification_feature.ref_comp_id 
_pdbx_modification_feature.type 
_pdbx_modification_feature.category 
1 MAN B .  ? THR A 42 ? MAN A 900 ? 1_555 THR A 42 ? 1_555 C1 OG1 THR 2 MAN O-Glycosylation Carbohydrate       
2 CYS A 5  ? CYS A 75 ? CYS A 5   ? 1_555 CYS A 75 ? 1_555 SG SG  .   . .   None            'Disulfide bridge' 
3 CYS A 77 ? CYS A 97 ? CYS A 77  ? 1_555 CYS A 97 ? 1_555 SG SG  .   . .   None            'Disulfide bridge' 
# 
_struct_mon_prot_cis.pdbx_id                1 
_struct_mon_prot_cis.label_comp_id          ASN 
_struct_mon_prot_cis.label_seq_id           163 
_struct_mon_prot_cis.label_asym_id          A 
_struct_mon_prot_cis.label_alt_id           . 
_struct_mon_prot_cis.pdbx_PDB_ins_code      ? 
_struct_mon_prot_cis.auth_comp_id           ASN 
_struct_mon_prot_cis.auth_seq_id            163 
_struct_mon_prot_cis.auth_asym_id           A 
_struct_mon_prot_cis.pdbx_label_comp_id_2   PRO 
_struct_mon_prot_cis.pdbx_label_seq_id_2    164 
_struct_mon_prot_cis.pdbx_label_asym_id_2   A 
_struct_mon_prot_cis.pdbx_PDB_ins_code_2    ? 
_struct_mon_prot_cis.pdbx_auth_comp_id_2    PRO 
_struct_mon_prot_cis.pdbx_auth_seq_id_2     164 
_struct_mon_prot_cis.pdbx_auth_asym_id_2    A 
_struct_mon_prot_cis.pdbx_PDB_model_num     1 
_struct_mon_prot_cis.pdbx_omega_angle       0.12 
# 
_struct_sheet.id               A 
_struct_sheet.type             ? 
_struct_sheet.number_strands   4 
_struct_sheet.details          ? 
# 
loop_
_struct_sheet_order.sheet_id 
_struct_sheet_order.range_id_1 
_struct_sheet_order.range_id_2 
_struct_sheet_order.offset 
_struct_sheet_order.sense 
A 1 2 ? parallel      
A 2 3 ? parallel      
A 3 4 ? anti-parallel 
# 
loop_
_struct_sheet_range.sheet_id 
_struct_sheet_range.id 
_struct_sheet_range.beg_label_comp_id 
_struct_sheet_range.beg_label_asym_id 
_struct_sheet_range.beg_label_seq_id 
_struct_sheet_range.pdbx_beg_PDB_ins_code 
_struct_sheet_range.end_label_comp_id 
_struct_sheet_range.end_label_asym_id 
_struct_sheet_range.end_label_seq_id 
_struct_sheet_range.pdbx_end_PDB_ins_code 
_struct_sheet_range.beg_auth_comp_id 
_struct_sheet_range.beg_auth_asym_id 
_struct_sheet_range.beg_auth_seq_id 
_struct_sheet_range.end_auth_comp_id 
_struct_sheet_range.end_auth_asym_id 
_struct_sheet_range.end_auth_seq_id 
A 1 TYR A 2  ? ASN A 3  ? TYR A 2  ASN A 3  
A 2 SER A 72 ? ASP A 74 ? SER A 72 ASP A 74 
A 3 THR A 93 ? LEU A 96 ? THR A 93 LEU A 96 
A 4 ALA A 84 ? TYR A 85 ? ALA A 84 TYR A 85 
# 
loop_
_pdbx_struct_sheet_hbond.sheet_id 
_pdbx_struct_sheet_hbond.range_id_1 
_pdbx_struct_sheet_hbond.range_id_2 
_pdbx_struct_sheet_hbond.range_1_label_atom_id 
_pdbx_struct_sheet_hbond.range_1_label_comp_id 
_pdbx_struct_sheet_hbond.range_1_label_asym_id 
_pdbx_struct_sheet_hbond.range_1_label_seq_id 
_pdbx_struct_sheet_hbond.range_1_PDB_ins_code 
_pdbx_struct_sheet_hbond.range_1_auth_atom_id 
_pdbx_struct_sheet_hbond.range_1_auth_comp_id 
_pdbx_struct_sheet_hbond.range_1_auth_asym_id 
_pdbx_struct_sheet_hbond.range_1_auth_seq_id 
_pdbx_struct_sheet_hbond.range_2_label_atom_id 
_pdbx_struct_sheet_hbond.range_2_label_comp_id 
_pdbx_struct_sheet_hbond.range_2_label_asym_id 
_pdbx_struct_sheet_hbond.range_2_label_seq_id 
_pdbx_struct_sheet_hbond.range_2_PDB_ins_code 
_pdbx_struct_sheet_hbond.range_2_auth_atom_id 
_pdbx_struct_sheet_hbond.range_2_auth_comp_id 
_pdbx_struct_sheet_hbond.range_2_auth_asym_id 
_pdbx_struct_sheet_hbond.range_2_auth_seq_id 
A 1 2 N ASN A 3  ? N ASN A 3  O PHE A 73 ? O PHE A 73 
A 2 3 O SER A 72 ? O SER A 72 N VAL A 94 ? N VAL A 94 
A 3 4 N TYR A 95 ? N TYR A 95 O TYR A 85 ? O TYR A 85 
# 
_pdbx_entry_details.entry_id                   1G12 
_pdbx_entry_details.compound_details           ? 
_pdbx_entry_details.source_details             ? 
_pdbx_entry_details.nonpolymer_details         ? 
_pdbx_entry_details.sequence_details           ? 
_pdbx_entry_details.has_ligand_of_interest     ? 
_pdbx_entry_details.has_protein_modification   Y 
# 
_pdbx_struct_mod_residue.id               1 
_pdbx_struct_mod_residue.label_asym_id    A 
_pdbx_struct_mod_residue.label_comp_id    THR 
_pdbx_struct_mod_residue.label_seq_id     42 
_pdbx_struct_mod_residue.auth_asym_id     A 
_pdbx_struct_mod_residue.auth_comp_id     THR 
_pdbx_struct_mod_residue.auth_seq_id      42 
_pdbx_struct_mod_residue.PDB_ins_code     ? 
_pdbx_struct_mod_residue.parent_comp_id   THR 
_pdbx_struct_mod_residue.details          'GLYCOSYLATION SITE' 
# 
loop_
_chem_comp_atom.comp_id 
_chem_comp_atom.atom_id 
_chem_comp_atom.type_symbol 
_chem_comp_atom.pdbx_aromatic_flag 
_chem_comp_atom.pdbx_stereo_config 
_chem_comp_atom.pdbx_ordinal 
ALA N    N  N N 1   
ALA CA   C  N S 2   
ALA C    C  N N 3   
ALA O    O  N N 4   
ALA CB   C  N N 5   
ALA OXT  O  N N 6   
ALA H    H  N N 7   
ALA H2   H  N N 8   
ALA HA   H  N N 9   
ALA HB1  H  N N 10  
ALA HB2  H  N N 11  
ALA HB3  H  N N 12  
ALA HXT  H  N N 13  
ARG N    N  N N 14  
ARG CA   C  N S 15  
ARG C    C  N N 16  
ARG O    O  N N 17  
ARG CB   C  N N 18  
ARG CG   C  N N 19  
ARG CD   C  N N 20  
ARG NE   N  N N 21  
ARG CZ   C  N N 22  
ARG NH1  N  N N 23  
ARG NH2  N  N N 24  
ARG OXT  O  N N 25  
ARG H    H  N N 26  
ARG H2   H  N N 27  
ARG HA   H  N N 28  
ARG HB2  H  N N 29  
ARG HB3  H  N N 30  
ARG HG2  H  N N 31  
ARG HG3  H  N N 32  
ARG HD2  H  N N 33  
ARG HD3  H  N N 34  
ARG HE   H  N N 35  
ARG HH11 H  N N 36  
ARG HH12 H  N N 37  
ARG HH21 H  N N 38  
ARG HH22 H  N N 39  
ARG HXT  H  N N 40  
ASN N    N  N N 41  
ASN CA   C  N S 42  
ASN C    C  N N 43  
ASN O    O  N N 44  
ASN CB   C  N N 45  
ASN CG   C  N N 46  
ASN OD1  O  N N 47  
ASN ND2  N  N N 48  
ASN OXT  O  N N 49  
ASN H    H  N N 50  
ASN H2   H  N N 51  
ASN HA   H  N N 52  
ASN HB2  H  N N 53  
ASN HB3  H  N N 54  
ASN HD21 H  N N 55  
ASN HD22 H  N N 56  
ASN HXT  H  N N 57  
ASP N    N  N N 58  
ASP CA   C  N S 59  
ASP C    C  N N 60  
ASP O    O  N N 61  
ASP CB   C  N N 62  
ASP CG   C  N N 63  
ASP OD1  O  N N 64  
ASP OD2  O  N N 65  
ASP OXT  O  N N 66  
ASP H    H  N N 67  
ASP H2   H  N N 68  
ASP HA   H  N N 69  
ASP HB2  H  N N 70  
ASP HB3  H  N N 71  
ASP HD2  H  N N 72  
ASP HXT  H  N N 73  
CYS N    N  N N 74  
CYS CA   C  N R 75  
CYS C    C  N N 76  
CYS O    O  N N 77  
CYS CB   C  N N 78  
CYS SG   S  N N 79  
CYS OXT  O  N N 80  
CYS H    H  N N 81  
CYS H2   H  N N 82  
CYS HA   H  N N 83  
CYS HB2  H  N N 84  
CYS HB3  H  N N 85  
CYS HG   H  N N 86  
CYS HXT  H  N N 87  
GLN N    N  N N 88  
GLN CA   C  N S 89  
GLN C    C  N N 90  
GLN O    O  N N 91  
GLN CB   C  N N 92  
GLN CG   C  N N 93  
GLN CD   C  N N 94  
GLN OE1  O  N N 95  
GLN NE2  N  N N 96  
GLN OXT  O  N N 97  
GLN H    H  N N 98  
GLN H2   H  N N 99  
GLN HA   H  N N 100 
GLN HB2  H  N N 101 
GLN HB3  H  N N 102 
GLN HG2  H  N N 103 
GLN HG3  H  N N 104 
GLN HE21 H  N N 105 
GLN HE22 H  N N 106 
GLN HXT  H  N N 107 
GLU N    N  N N 108 
GLU CA   C  N S 109 
GLU C    C  N N 110 
GLU O    O  N N 111 
GLU CB   C  N N 112 
GLU CG   C  N N 113 
GLU CD   C  N N 114 
GLU OE1  O  N N 115 
GLU OE2  O  N N 116 
GLU OXT  O  N N 117 
GLU H    H  N N 118 
GLU H2   H  N N 119 
GLU HA   H  N N 120 
GLU HB2  H  N N 121 
GLU HB3  H  N N 122 
GLU HG2  H  N N 123 
GLU HG3  H  N N 124 
GLU HE2  H  N N 125 
GLU HXT  H  N N 126 
GLY N    N  N N 127 
GLY CA   C  N N 128 
GLY C    C  N N 129 
GLY O    O  N N 130 
GLY OXT  O  N N 131 
GLY H    H  N N 132 
GLY H2   H  N N 133 
GLY HA2  H  N N 134 
GLY HA3  H  N N 135 
GLY HXT  H  N N 136 
HIS N    N  N N 137 
HIS CA   C  N S 138 
HIS C    C  N N 139 
HIS O    O  N N 140 
HIS CB   C  N N 141 
HIS CG   C  Y N 142 
HIS ND1  N  Y N 143 
HIS CD2  C  Y N 144 
HIS CE1  C  Y N 145 
HIS NE2  N  Y N 146 
HIS OXT  O  N N 147 
HIS H    H  N N 148 
HIS H2   H  N N 149 
HIS HA   H  N N 150 
HIS HB2  H  N N 151 
HIS HB3  H  N N 152 
HIS HD1  H  N N 153 
HIS HD2  H  N N 154 
HIS HE1  H  N N 155 
HIS HE2  H  N N 156 
HIS HXT  H  N N 157 
HOH O    O  N N 158 
HOH H1   H  N N 159 
HOH H2   H  N N 160 
ILE N    N  N N 161 
ILE CA   C  N S 162 
ILE C    C  N N 163 
ILE O    O  N N 164 
ILE CB   C  N S 165 
ILE CG1  C  N N 166 
ILE CG2  C  N N 167 
ILE CD1  C  N N 168 
ILE OXT  O  N N 169 
ILE H    H  N N 170 
ILE H2   H  N N 171 
ILE HA   H  N N 172 
ILE HB   H  N N 173 
ILE HG12 H  N N 174 
ILE HG13 H  N N 175 
ILE HG21 H  N N 176 
ILE HG22 H  N N 177 
ILE HG23 H  N N 178 
ILE HD11 H  N N 179 
ILE HD12 H  N N 180 
ILE HD13 H  N N 181 
ILE HXT  H  N N 182 
LEU N    N  N N 183 
LEU CA   C  N S 184 
LEU C    C  N N 185 
LEU O    O  N N 186 
LEU CB   C  N N 187 
LEU CG   C  N N 188 
LEU CD1  C  N N 189 
LEU CD2  C  N N 190 
LEU OXT  O  N N 191 
LEU H    H  N N 192 
LEU H2   H  N N 193 
LEU HA   H  N N 194 
LEU HB2  H  N N 195 
LEU HB3  H  N N 196 
LEU HG   H  N N 197 
LEU HD11 H  N N 198 
LEU HD12 H  N N 199 
LEU HD13 H  N N 200 
LEU HD21 H  N N 201 
LEU HD22 H  N N 202 
LEU HD23 H  N N 203 
LEU HXT  H  N N 204 
LYS N    N  N N 205 
LYS CA   C  N S 206 
LYS C    C  N N 207 
LYS O    O  N N 208 
LYS CB   C  N N 209 
LYS CG   C  N N 210 
LYS CD   C  N N 211 
LYS CE   C  N N 212 
LYS NZ   N  N N 213 
LYS OXT  O  N N 214 
LYS H    H  N N 215 
LYS H2   H  N N 216 
LYS HA   H  N N 217 
LYS HB2  H  N N 218 
LYS HB3  H  N N 219 
LYS HG2  H  N N 220 
LYS HG3  H  N N 221 
LYS HD2  H  N N 222 
LYS HD3  H  N N 223 
LYS HE2  H  N N 224 
LYS HE3  H  N N 225 
LYS HZ1  H  N N 226 
LYS HZ2  H  N N 227 
LYS HZ3  H  N N 228 
LYS HXT  H  N N 229 
MAN C1   C  N S 230 
MAN C2   C  N S 231 
MAN C3   C  N S 232 
MAN C4   C  N S 233 
MAN C5   C  N R 234 
MAN C6   C  N N 235 
MAN O1   O  N N 236 
MAN O2   O  N N 237 
MAN O3   O  N N 238 
MAN O4   O  N N 239 
MAN O5   O  N N 240 
MAN O6   O  N N 241 
MAN H1   H  N N 242 
MAN H2   H  N N 243 
MAN H3   H  N N 244 
MAN H4   H  N N 245 
MAN H5   H  N N 246 
MAN H61  H  N N 247 
MAN H62  H  N N 248 
MAN HO1  H  N N 249 
MAN HO2  H  N N 250 
MAN HO3  H  N N 251 
MAN HO4  H  N N 252 
MAN HO6  H  N N 253 
MET N    N  N N 254 
MET CA   C  N S 255 
MET C    C  N N 256 
MET O    O  N N 257 
MET CB   C  N N 258 
MET CG   C  N N 259 
MET SD   S  N N 260 
MET CE   C  N N 261 
MET OXT  O  N N 262 
MET H    H  N N 263 
MET H2   H  N N 264 
MET HA   H  N N 265 
MET HB2  H  N N 266 
MET HB3  H  N N 267 
MET HG2  H  N N 268 
MET HG3  H  N N 269 
MET HE1  H  N N 270 
MET HE2  H  N N 271 
MET HE3  H  N N 272 
MET HXT  H  N N 273 
PHE N    N  N N 274 
PHE CA   C  N S 275 
PHE C    C  N N 276 
PHE O    O  N N 277 
PHE CB   C  N N 278 
PHE CG   C  Y N 279 
PHE CD1  C  Y N 280 
PHE CD2  C  Y N 281 
PHE CE1  C  Y N 282 
PHE CE2  C  Y N 283 
PHE CZ   C  Y N 284 
PHE OXT  O  N N 285 
PHE H    H  N N 286 
PHE H2   H  N N 287 
PHE HA   H  N N 288 
PHE HB2  H  N N 289 
PHE HB3  H  N N 290 
PHE HD1  H  N N 291 
PHE HD2  H  N N 292 
PHE HE1  H  N N 293 
PHE HE2  H  N N 294 
PHE HZ   H  N N 295 
PHE HXT  H  N N 296 
PRO N    N  N N 297 
PRO CA   C  N S 298 
PRO C    C  N N 299 
PRO O    O  N N 300 
PRO CB   C  N N 301 
PRO CG   C  N N 302 
PRO CD   C  N N 303 
PRO OXT  O  N N 304 
PRO H    H  N N 305 
PRO HA   H  N N 306 
PRO HB2  H  N N 307 
PRO HB3  H  N N 308 
PRO HG2  H  N N 309 
PRO HG3  H  N N 310 
PRO HD2  H  N N 311 
PRO HD3  H  N N 312 
PRO HXT  H  N N 313 
SER N    N  N N 314 
SER CA   C  N S 315 
SER C    C  N N 316 
SER O    O  N N 317 
SER CB   C  N N 318 
SER OG   O  N N 319 
SER OXT  O  N N 320 
SER H    H  N N 321 
SER H2   H  N N 322 
SER HA   H  N N 323 
SER HB2  H  N N 324 
SER HB3  H  N N 325 
SER HG   H  N N 326 
SER HXT  H  N N 327 
THR N    N  N N 328 
THR CA   C  N S 329 
THR C    C  N N 330 
THR O    O  N N 331 
THR CB   C  N R 332 
THR OG1  O  N N 333 
THR CG2  C  N N 334 
THR OXT  O  N N 335 
THR H    H  N N 336 
THR H2   H  N N 337 
THR HA   H  N N 338 
THR HB   H  N N 339 
THR HG1  H  N N 340 
THR HG21 H  N N 341 
THR HG22 H  N N 342 
THR HG23 H  N N 343 
THR HXT  H  N N 344 
TRP N    N  N N 345 
TRP CA   C  N S 346 
TRP C    C  N N 347 
TRP O    O  N N 348 
TRP CB   C  N N 349 
TRP CG   C  Y N 350 
TRP CD1  C  Y N 351 
TRP CD2  C  Y N 352 
TRP NE1  N  Y N 353 
TRP CE2  C  Y N 354 
TRP CE3  C  Y N 355 
TRP CZ2  C  Y N 356 
TRP CZ3  C  Y N 357 
TRP CH2  C  Y N 358 
TRP OXT  O  N N 359 
TRP H    H  N N 360 
TRP H2   H  N N 361 
TRP HA   H  N N 362 
TRP HB2  H  N N 363 
TRP HB3  H  N N 364 
TRP HD1  H  N N 365 
TRP HE1  H  N N 366 
TRP HE3  H  N N 367 
TRP HZ2  H  N N 368 
TRP HZ3  H  N N 369 
TRP HH2  H  N N 370 
TRP HXT  H  N N 371 
TYR N    N  N N 372 
TYR CA   C  N S 373 
TYR C    C  N N 374 
TYR O    O  N N 375 
TYR CB   C  N N 376 
TYR CG   C  Y N 377 
TYR CD1  C  Y N 378 
TYR CD2  C  Y N 379 
TYR CE1  C  Y N 380 
TYR CE2  C  Y N 381 
TYR CZ   C  Y N 382 
TYR OH   O  N N 383 
TYR OXT  O  N N 384 
TYR H    H  N N 385 
TYR H2   H  N N 386 
TYR HA   H  N N 387 
TYR HB2  H  N N 388 
TYR HB3  H  N N 389 
TYR HD1  H  N N 390 
TYR HD2  H  N N 391 
TYR HE1  H  N N 392 
TYR HE2  H  N N 393 
TYR HH   H  N N 394 
TYR HXT  H  N N 395 
VAL N    N  N N 396 
VAL CA   C  N S 397 
VAL C    C  N N 398 
VAL O    O  N N 399 
VAL CB   C  N N 400 
VAL CG1  C  N N 401 
VAL CG2  C  N N 402 
VAL OXT  O  N N 403 
VAL H    H  N N 404 
VAL H2   H  N N 405 
VAL HA   H  N N 406 
VAL HB   H  N N 407 
VAL HG11 H  N N 408 
VAL HG12 H  N N 409 
VAL HG13 H  N N 410 
VAL HG21 H  N N 411 
VAL HG22 H  N N 412 
VAL HG23 H  N N 413 
VAL HXT  H  N N 414 
ZN  ZN   ZN N N 415 
# 
loop_
_chem_comp_bond.comp_id 
_chem_comp_bond.atom_id_1 
_chem_comp_bond.atom_id_2 
_chem_comp_bond.value_order 
_chem_comp_bond.pdbx_aromatic_flag 
_chem_comp_bond.pdbx_stereo_config 
_chem_comp_bond.pdbx_ordinal 
ALA N   CA   sing N N 1   
ALA N   H    sing N N 2   
ALA N   H2   sing N N 3   
ALA CA  C    sing N N 4   
ALA CA  CB   sing N N 5   
ALA CA  HA   sing N N 6   
ALA C   O    doub N N 7   
ALA C   OXT  sing N N 8   
ALA CB  HB1  sing N N 9   
ALA CB  HB2  sing N N 10  
ALA CB  HB3  sing N N 11  
ALA OXT HXT  sing N N 12  
ARG N   CA   sing N N 13  
ARG N   H    sing N N 14  
ARG N   H2   sing N N 15  
ARG CA  C    sing N N 16  
ARG CA  CB   sing N N 17  
ARG CA  HA   sing N N 18  
ARG C   O    doub N N 19  
ARG C   OXT  sing N N 20  
ARG CB  CG   sing N N 21  
ARG CB  HB2  sing N N 22  
ARG CB  HB3  sing N N 23  
ARG CG  CD   sing N N 24  
ARG CG  HG2  sing N N 25  
ARG CG  HG3  sing N N 26  
ARG CD  NE   sing N N 27  
ARG CD  HD2  sing N N 28  
ARG CD  HD3  sing N N 29  
ARG NE  CZ   sing N N 30  
ARG NE  HE   sing N N 31  
ARG CZ  NH1  sing N N 32  
ARG CZ  NH2  doub N N 33  
ARG NH1 HH11 sing N N 34  
ARG NH1 HH12 sing N N 35  
ARG NH2 HH21 sing N N 36  
ARG NH2 HH22 sing N N 37  
ARG OXT HXT  sing N N 38  
ASN N   CA   sing N N 39  
ASN N   H    sing N N 40  
ASN N   H2   sing N N 41  
ASN CA  C    sing N N 42  
ASN CA  CB   sing N N 43  
ASN CA  HA   sing N N 44  
ASN C   O    doub N N 45  
ASN C   OXT  sing N N 46  
ASN CB  CG   sing N N 47  
ASN CB  HB2  sing N N 48  
ASN CB  HB3  sing N N 49  
ASN CG  OD1  doub N N 50  
ASN CG  ND2  sing N N 51  
ASN ND2 HD21 sing N N 52  
ASN ND2 HD22 sing N N 53  
ASN OXT HXT  sing N N 54  
ASP N   CA   sing N N 55  
ASP N   H    sing N N 56  
ASP N   H2   sing N N 57  
ASP CA  C    sing N N 58  
ASP CA  CB   sing N N 59  
ASP CA  HA   sing N N 60  
ASP C   O    doub N N 61  
ASP C   OXT  sing N N 62  
ASP CB  CG   sing N N 63  
ASP CB  HB2  sing N N 64  
ASP CB  HB3  sing N N 65  
ASP CG  OD1  doub N N 66  
ASP CG  OD2  sing N N 67  
ASP OD2 HD2  sing N N 68  
ASP OXT HXT  sing N N 69  
CYS N   CA   sing N N 70  
CYS N   H    sing N N 71  
CYS N   H2   sing N N 72  
CYS CA  C    sing N N 73  
CYS CA  CB   sing N N 74  
CYS CA  HA   sing N N 75  
CYS C   O    doub N N 76  
CYS C   OXT  sing N N 77  
CYS CB  SG   sing N N 78  
CYS CB  HB2  sing N N 79  
CYS CB  HB3  sing N N 80  
CYS SG  HG   sing N N 81  
CYS OXT HXT  sing N N 82  
GLN N   CA   sing N N 83  
GLN N   H    sing N N 84  
GLN N   H2   sing N N 85  
GLN CA  C    sing N N 86  
GLN CA  CB   sing N N 87  
GLN CA  HA   sing N N 88  
GLN C   O    doub N N 89  
GLN C   OXT  sing N N 90  
GLN CB  CG   sing N N 91  
GLN CB  HB2  sing N N 92  
GLN CB  HB3  sing N N 93  
GLN CG  CD   sing N N 94  
GLN CG  HG2  sing N N 95  
GLN CG  HG3  sing N N 96  
GLN CD  OE1  doub N N 97  
GLN CD  NE2  sing N N 98  
GLN NE2 HE21 sing N N 99  
GLN NE2 HE22 sing N N 100 
GLN OXT HXT  sing N N 101 
GLU N   CA   sing N N 102 
GLU N   H    sing N N 103 
GLU N   H2   sing N N 104 
GLU CA  C    sing N N 105 
GLU CA  CB   sing N N 106 
GLU CA  HA   sing N N 107 
GLU C   O    doub N N 108 
GLU C   OXT  sing N N 109 
GLU CB  CG   sing N N 110 
GLU CB  HB2  sing N N 111 
GLU CB  HB3  sing N N 112 
GLU CG  CD   sing N N 113 
GLU CG  HG2  sing N N 114 
GLU CG  HG3  sing N N 115 
GLU CD  OE1  doub N N 116 
GLU CD  OE2  sing N N 117 
GLU OE2 HE2  sing N N 118 
GLU OXT HXT  sing N N 119 
GLY N   CA   sing N N 120 
GLY N   H    sing N N 121 
GLY N   H2   sing N N 122 
GLY CA  C    sing N N 123 
GLY CA  HA2  sing N N 124 
GLY CA  HA3  sing N N 125 
GLY C   O    doub N N 126 
GLY C   OXT  sing N N 127 
GLY OXT HXT  sing N N 128 
HIS N   CA   sing N N 129 
HIS N   H    sing N N 130 
HIS N   H2   sing N N 131 
HIS CA  C    sing N N 132 
HIS CA  CB   sing N N 133 
HIS CA  HA   sing N N 134 
HIS C   O    doub N N 135 
HIS C   OXT  sing N N 136 
HIS CB  CG   sing N N 137 
HIS CB  HB2  sing N N 138 
HIS CB  HB3  sing N N 139 
HIS CG  ND1  sing Y N 140 
HIS CG  CD2  doub Y N 141 
HIS ND1 CE1  doub Y N 142 
HIS ND1 HD1  sing N N 143 
HIS CD2 NE2  sing Y N 144 
HIS CD2 HD2  sing N N 145 
HIS CE1 NE2  sing Y N 146 
HIS CE1 HE1  sing N N 147 
HIS NE2 HE2  sing N N 148 
HIS OXT HXT  sing N N 149 
HOH O   H1   sing N N 150 
HOH O   H2   sing N N 151 
ILE N   CA   sing N N 152 
ILE N   H    sing N N 153 
ILE N   H2   sing N N 154 
ILE CA  C    sing N N 155 
ILE CA  CB   sing N N 156 
ILE CA  HA   sing N N 157 
ILE C   O    doub N N 158 
ILE C   OXT  sing N N 159 
ILE CB  CG1  sing N N 160 
ILE CB  CG2  sing N N 161 
ILE CB  HB   sing N N 162 
ILE CG1 CD1  sing N N 163 
ILE CG1 HG12 sing N N 164 
ILE CG1 HG13 sing N N 165 
ILE CG2 HG21 sing N N 166 
ILE CG2 HG22 sing N N 167 
ILE CG2 HG23 sing N N 168 
ILE CD1 HD11 sing N N 169 
ILE CD1 HD12 sing N N 170 
ILE CD1 HD13 sing N N 171 
ILE OXT HXT  sing N N 172 
LEU N   CA   sing N N 173 
LEU N   H    sing N N 174 
LEU N   H2   sing N N 175 
LEU CA  C    sing N N 176 
LEU CA  CB   sing N N 177 
LEU CA  HA   sing N N 178 
LEU C   O    doub N N 179 
LEU C   OXT  sing N N 180 
LEU CB  CG   sing N N 181 
LEU CB  HB2  sing N N 182 
LEU CB  HB3  sing N N 183 
LEU CG  CD1  sing N N 184 
LEU CG  CD2  sing N N 185 
LEU CG  HG   sing N N 186 
LEU CD1 HD11 sing N N 187 
LEU CD1 HD12 sing N N 188 
LEU CD1 HD13 sing N N 189 
LEU CD2 HD21 sing N N 190 
LEU CD2 HD22 sing N N 191 
LEU CD2 HD23 sing N N 192 
LEU OXT HXT  sing N N 193 
LYS N   CA   sing N N 194 
LYS N   H    sing N N 195 
LYS N   H2   sing N N 196 
LYS CA  C    sing N N 197 
LYS CA  CB   sing N N 198 
LYS CA  HA   sing N N 199 
LYS C   O    doub N N 200 
LYS C   OXT  sing N N 201 
LYS CB  CG   sing N N 202 
LYS CB  HB2  sing N N 203 
LYS CB  HB3  sing N N 204 
LYS CG  CD   sing N N 205 
LYS CG  HG2  sing N N 206 
LYS CG  HG3  sing N N 207 
LYS CD  CE   sing N N 208 
LYS CD  HD2  sing N N 209 
LYS CD  HD3  sing N N 210 
LYS CE  NZ   sing N N 211 
LYS CE  HE2  sing N N 212 
LYS CE  HE3  sing N N 213 
LYS NZ  HZ1  sing N N 214 
LYS NZ  HZ2  sing N N 215 
LYS NZ  HZ3  sing N N 216 
LYS OXT HXT  sing N N 217 
MAN C1  C2   sing N N 218 
MAN C1  O1   sing N N 219 
MAN C1  O5   sing N N 220 
MAN C1  H1   sing N N 221 
MAN C2  C3   sing N N 222 
MAN C2  O2   sing N N 223 
MAN C2  H2   sing N N 224 
MAN C3  C4   sing N N 225 
MAN C3  O3   sing N N 226 
MAN C3  H3   sing N N 227 
MAN C4  C5   sing N N 228 
MAN C4  O4   sing N N 229 
MAN C4  H4   sing N N 230 
MAN C5  C6   sing N N 231 
MAN C5  O5   sing N N 232 
MAN C5  H5   sing N N 233 
MAN C6  O6   sing N N 234 
MAN C6  H61  sing N N 235 
MAN C6  H62  sing N N 236 
MAN O1  HO1  sing N N 237 
MAN O2  HO2  sing N N 238 
MAN O3  HO3  sing N N 239 
MAN O4  HO4  sing N N 240 
MAN O6  HO6  sing N N 241 
MET N   CA   sing N N 242 
MET N   H    sing N N 243 
MET N   H2   sing N N 244 
MET CA  C    sing N N 245 
MET CA  CB   sing N N 246 
MET CA  HA   sing N N 247 
MET C   O    doub N N 248 
MET C   OXT  sing N N 249 
MET CB  CG   sing N N 250 
MET CB  HB2  sing N N 251 
MET CB  HB3  sing N N 252 
MET CG  SD   sing N N 253 
MET CG  HG2  sing N N 254 
MET CG  HG3  sing N N 255 
MET SD  CE   sing N N 256 
MET CE  HE1  sing N N 257 
MET CE  HE2  sing N N 258 
MET CE  HE3  sing N N 259 
MET OXT HXT  sing N N 260 
PHE N   CA   sing N N 261 
PHE N   H    sing N N 262 
PHE N   H2   sing N N 263 
PHE CA  C    sing N N 264 
PHE CA  CB   sing N N 265 
PHE CA  HA   sing N N 266 
PHE C   O    doub N N 267 
PHE C   OXT  sing N N 268 
PHE CB  CG   sing N N 269 
PHE CB  HB2  sing N N 270 
PHE CB  HB3  sing N N 271 
PHE CG  CD1  doub Y N 272 
PHE CG  CD2  sing Y N 273 
PHE CD1 CE1  sing Y N 274 
PHE CD1 HD1  sing N N 275 
PHE CD2 CE2  doub Y N 276 
PHE CD2 HD2  sing N N 277 
PHE CE1 CZ   doub Y N 278 
PHE CE1 HE1  sing N N 279 
PHE CE2 CZ   sing Y N 280 
PHE CE2 HE2  sing N N 281 
PHE CZ  HZ   sing N N 282 
PHE OXT HXT  sing N N 283 
PRO N   CA   sing N N 284 
PRO N   CD   sing N N 285 
PRO N   H    sing N N 286 
PRO CA  C    sing N N 287 
PRO CA  CB   sing N N 288 
PRO CA  HA   sing N N 289 
PRO C   O    doub N N 290 
PRO C   OXT  sing N N 291 
PRO CB  CG   sing N N 292 
PRO CB  HB2  sing N N 293 
PRO CB  HB3  sing N N 294 
PRO CG  CD   sing N N 295 
PRO CG  HG2  sing N N 296 
PRO CG  HG3  sing N N 297 
PRO CD  HD2  sing N N 298 
PRO CD  HD3  sing N N 299 
PRO OXT HXT  sing N N 300 
SER N   CA   sing N N 301 
SER N   H    sing N N 302 
SER N   H2   sing N N 303 
SER CA  C    sing N N 304 
SER CA  CB   sing N N 305 
SER CA  HA   sing N N 306 
SER C   O    doub N N 307 
SER C   OXT  sing N N 308 
SER CB  OG   sing N N 309 
SER CB  HB2  sing N N 310 
SER CB  HB3  sing N N 311 
SER OG  HG   sing N N 312 
SER OXT HXT  sing N N 313 
THR N   CA   sing N N 314 
THR N   H    sing N N 315 
THR N   H2   sing N N 316 
THR CA  C    sing N N 317 
THR CA  CB   sing N N 318 
THR CA  HA   sing N N 319 
THR C   O    doub N N 320 
THR C   OXT  sing N N 321 
THR CB  OG1  sing N N 322 
THR CB  CG2  sing N N 323 
THR CB  HB   sing N N 324 
THR OG1 HG1  sing N N 325 
THR CG2 HG21 sing N N 326 
THR CG2 HG22 sing N N 327 
THR CG2 HG23 sing N N 328 
THR OXT HXT  sing N N 329 
TRP N   CA   sing N N 330 
TRP N   H    sing N N 331 
TRP N   H2   sing N N 332 
TRP CA  C    sing N N 333 
TRP CA  CB   sing N N 334 
TRP CA  HA   sing N N 335 
TRP C   O    doub N N 336 
TRP C   OXT  sing N N 337 
TRP CB  CG   sing N N 338 
TRP CB  HB2  sing N N 339 
TRP CB  HB3  sing N N 340 
TRP CG  CD1  doub Y N 341 
TRP CG  CD2  sing Y N 342 
TRP CD1 NE1  sing Y N 343 
TRP CD1 HD1  sing N N 344 
TRP CD2 CE2  doub Y N 345 
TRP CD2 CE3  sing Y N 346 
TRP NE1 CE2  sing Y N 347 
TRP NE1 HE1  sing N N 348 
TRP CE2 CZ2  sing Y N 349 
TRP CE3 CZ3  doub Y N 350 
TRP CE3 HE3  sing N N 351 
TRP CZ2 CH2  doub Y N 352 
TRP CZ2 HZ2  sing N N 353 
TRP CZ3 CH2  sing Y N 354 
TRP CZ3 HZ3  sing N N 355 
TRP CH2 HH2  sing N N 356 
TRP OXT HXT  sing N N 357 
TYR N   CA   sing N N 358 
TYR N   H    sing N N 359 
TYR N   H2   sing N N 360 
TYR CA  C    sing N N 361 
TYR CA  CB   sing N N 362 
TYR CA  HA   sing N N 363 
TYR C   O    doub N N 364 
TYR C   OXT  sing N N 365 
TYR CB  CG   sing N N 366 
TYR CB  HB2  sing N N 367 
TYR CB  HB3  sing N N 368 
TYR CG  CD1  doub Y N 369 
TYR CG  CD2  sing Y N 370 
TYR CD1 CE1  sing Y N 371 
TYR CD1 HD1  sing N N 372 
TYR CD2 CE2  doub Y N 373 
TYR CD2 HD2  sing N N 374 
TYR CE1 CZ   doub Y N 375 
TYR CE1 HE1  sing N N 376 
TYR CE2 CZ   sing Y N 377 
TYR CE2 HE2  sing N N 378 
TYR CZ  OH   sing N N 379 
TYR OH  HH   sing N N 380 
TYR OXT HXT  sing N N 381 
VAL N   CA   sing N N 382 
VAL N   H    sing N N 383 
VAL N   H2   sing N N 384 
VAL CA  C    sing N N 385 
VAL CA  CB   sing N N 386 
VAL CA  HA   sing N N 387 
VAL C   O    doub N N 388 
VAL C   OXT  sing N N 389 
VAL CB  CG1  sing N N 390 
VAL CB  CG2  sing N N 391 
VAL CB  HB   sing N N 392 
VAL CG1 HG11 sing N N 393 
VAL CG1 HG12 sing N N 394 
VAL CG1 HG13 sing N N 395 
VAL CG2 HG21 sing N N 396 
VAL CG2 HG22 sing N N 397 
VAL CG2 HG23 sing N N 398 
VAL OXT HXT  sing N N 399 
# 
_atom_sites.entry_id                    1G12 
_atom_sites.fract_transf_matrix[1][1]   0.00398975 
_atom_sites.fract_transf_matrix[1][2]   0.01648567 
_atom_sites.fract_transf_matrix[1][3]   0.01556986 
_atom_sites.fract_transf_matrix[2][1]   -0.00394289 
_atom_sites.fract_transf_matrix[2][2]   0.01671626 
_atom_sites.fract_transf_matrix[2][3]   -0.01668913 
_atom_sites.fract_transf_matrix[3][1]   -0.01240445 
_atom_sites.fract_transf_matrix[3][2]   0.00101537 
_atom_sites.fract_transf_matrix[3][3]   0.00394763 
_atom_sites.fract_transf_vector[1]      0.407944 
_atom_sites.fract_transf_vector[2]      0.015738 
_atom_sites.fract_transf_vector[3]      0.226949 
# 
loop_
_atom_type.symbol 
C  
N  
O  
S  
ZN 
# 
loop_
_atom_site.group_PDB 
_atom_site.id 
_atom_site.type_symbol 
_atom_site.label_atom_id 
_atom_site.label_alt_id 
_atom_site.label_comp_id 
_atom_site.label_asym_id 
_atom_site.label_entity_id 
_atom_site.label_seq_id 
_atom_site.pdbx_PDB_ins_code 
_atom_site.Cartn_x 
_atom_site.Cartn_y 
_atom_site.Cartn_z 
_atom_site.occupancy 
_atom_site.B_iso_or_equiv 
_atom_site.pdbx_formal_charge 
_atom_site.auth_seq_id 
_atom_site.auth_comp_id 
_atom_site.auth_asym_id 
_atom_site.auth_atom_id 
_atom_site.pdbx_PDB_model_num 
ATOM   1    N  N   . THR A 1 1   ? 11.251  -12.379 -10.340 1.00 24.04 ? 1   THR A N   1 
ATOM   2    C  CA  . THR A 1 1   ? 11.879  -12.172 -11.677 1.00 23.98 ? 1   THR A CA  1 
ATOM   3    C  C   . THR A 1 1   ? 11.515  -10.809 -12.253 1.00 23.68 ? 1   THR A C   1 
ATOM   4    O  O   . THR A 1 1   ? 10.404  -10.315 -12.051 1.00 23.79 ? 1   THR A O   1 
ATOM   5    C  CB  . THR A 1 1   ? 11.430  -13.255 -12.685 1.00 24.24 ? 1   THR A CB  1 
ATOM   6    O  OG1 . THR A 1 1   ? 10.026  -13.114 -12.950 1.00 24.58 ? 1   THR A OG1 1 
ATOM   7    C  CG2 . THR A 1 1   ? 11.691  -14.645 -12.124 1.00 24.43 ? 1   THR A CG2 1 
ATOM   8    N  N   . TYR A 1 2   ? 12.464  -10.194 -12.952 1.00 23.20 ? 2   TYR A N   1 
ATOM   9    C  CA  . TYR A 1 2   ? 12.227  -8.900  -13.582 1.00 22.72 ? 2   TYR A CA  1 
ATOM   10   C  C   . TYR A 1 2   ? 11.874  -9.129  -15.046 1.00 22.53 ? 2   TYR A C   1 
ATOM   11   O  O   . TYR A 1 2   ? 12.403  -10.044 -15.684 1.00 22.68 ? 2   TYR A O   1 
ATOM   12   C  CB  . TYR A 1 2   ? 13.470  -8.009  -13.501 1.00 22.61 ? 2   TYR A CB  1 
ATOM   13   C  CG  . TYR A 1 2   ? 13.867  -7.599  -12.104 1.00 22.43 ? 2   TYR A CG  1 
ATOM   14   C  CD1 . TYR A 1 2   ? 14.977  -8.169  -11.482 1.00 22.45 ? 2   TYR A CD1 1 
ATOM   15   C  CD2 . TYR A 1 2   ? 13.150  -6.624  -11.409 1.00 22.42 ? 2   TYR A CD2 1 
ATOM   16   C  CE1 . TYR A 1 2   ? 15.366  -7.780  -10.206 1.00 22.38 ? 2   TYR A CE1 1 
ATOM   17   C  CE2 . TYR A 1 2   ? 13.531  -6.227  -10.131 1.00 22.28 ? 2   TYR A CE2 1 
ATOM   18   C  CZ  . TYR A 1 2   ? 14.641  -6.810  -9.538  1.00 22.48 ? 2   TYR A CZ  1 
ATOM   19   O  OH  . TYR A 1 2   ? 15.035  -6.420  -8.281  1.00 22.53 ? 2   TYR A OH  1 
ATOM   20   N  N   . ASN A 1 3   ? 10.967  -8.312  -15.567 1.00 22.23 ? 3   ASN A N   1 
ATOM   21   C  CA  . ASN A 1 3   ? 10.552  -8.416  -16.959 1.00 21.86 ? 3   ASN A CA  1 
ATOM   22   C  C   . ASN A 1 3   ? 10.534  -7.032  -17.601 1.00 21.58 ? 3   ASN A C   1 
ATOM   23   O  O   . ASN A 1 3   ? 9.677   -6.203  -17.294 1.00 21.44 ? 3   ASN A O   1 
ATOM   24   C  CB  . ASN A 1 3   ? 9.170   -9.069  -17.070 1.00 22.03 ? 3   ASN A CB  1 
ATOM   25   C  CG  . ASN A 1 3   ? 8.765   -9.337  -18.510 1.00 22.16 ? 3   ASN A CG  1 
ATOM   26   O  OD1 . ASN A 1 3   ? 7.796   -8.766  -19.017 1.00 22.42 ? 3   ASN A OD1 1 
ATOM   27   N  ND2 . ASN A 1 3   ? 9.511   -10.207 -19.179 1.00 22.27 ? 3   ASN A ND2 1 
ATOM   28   N  N   . GLY A 1 4   ? 11.497  -6.788  -18.485 1.00 21.28 ? 4   GLY A N   1 
ATOM   29   C  CA  . GLY A 1 4   ? 11.578  -5.507  -19.163 1.00 21.06 ? 4   GLY A CA  1 
ATOM   30   C  C   . GLY A 1 4   ? 12.076  -4.365  -18.293 1.00 20.92 ? 4   GLY A C   1 
ATOM   31   O  O   . GLY A 1 4   ? 11.797  -3.201  -18.579 1.00 20.95 ? 4   GLY A O   1 
ATOM   32   N  N   . CYS A 1 5   ? 12.802  -4.693  -17.227 1.00 20.71 ? 5   CYS A N   1 
ATOM   33   C  CA  . CYS A 1 5   ? 13.332  -3.675  -16.324 1.00 20.44 ? 5   CYS A CA  1 
ATOM   34   C  C   . CYS A 1 5   ? 14.821  -3.447  -16.535 1.00 20.33 ? 5   CYS A C   1 
ATOM   35   O  O   . CYS A 1 5   ? 15.605  -4.395  -16.547 1.00 20.25 ? 5   CYS A O   1 
ATOM   36   C  CB  . CYS A 1 5   ? 13.086  -4.063  -14.865 1.00 20.49 ? 5   CYS A CB  1 
ATOM   37   S  SG  . CYS A 1 5   ? 11.343  -4.392  -14.461 1.00 20.43 ? 5   CYS A SG  1 
ATOM   38   N  N   . SER A 1 6   ? 15.199  -2.182  -16.700 1.00 20.15 ? 6   SER A N   1 
ATOM   39   C  CA  . SER A 1 6   ? 16.598  -1.811  -16.895 1.00 20.02 ? 6   SER A CA  1 
ATOM   40   C  C   . SER A 1 6   ? 17.337  -1.997  -15.576 1.00 19.88 ? 6   SER A C   1 
ATOM   41   O  O   . SER A 1 6   ? 16.711  -2.183  -14.532 1.00 19.86 ? 6   SER A O   1 
ATOM   42   C  CB  . SER A 1 6   ? 16.704  -0.351  -17.337 1.00 19.98 ? 6   SER A CB  1 
ATOM   43   O  OG  . SER A 1 6   ? 16.247  0.527   -16.320 1.00 20.14 ? 6   SER A OG  1 
ATOM   44   N  N   . SER A 1 7   ? 18.663  -1.917  -15.614 1.00 19.74 ? 7   SER A N   1 
ATOM   45   C  CA  . SER A 1 7   ? 19.466  -2.082  -14.408 1.00 19.63 ? 7   SER A CA  1 
ATOM   46   C  C   . SER A 1 7   ? 19.073  -1.082  -13.320 1.00 19.44 ? 7   SER A C   1 
ATOM   47   O  O   . SER A 1 7   ? 18.921  -1.461  -12.157 1.00 19.28 ? 7   SER A O   1 
ATOM   48   C  CB  . SER A 1 7   ? 20.957  -1.957  -14.728 1.00 19.76 ? 7   SER A CB  1 
ATOM   49   O  OG  . SER A 1 7   ? 21.262  -0.681  -15.254 1.00 20.05 ? 7   SER A OG  1 
ATOM   50   N  N   . SER A 1 8   ? 18.875  0.179   -13.701 1.00 19.28 ? 8   SER A N   1 
ATOM   51   C  CA  . SER A 1 8   ? 18.492  1.211   -12.736 1.00 19.25 ? 8   SER A CA  1 
ATOM   52   C  C   . SER A 1 8   ? 17.128  0.908   -12.128 1.00 19.03 ? 8   SER A C   1 
ATOM   53   O  O   . SER A 1 8   ? 16.917  1.107   -10.932 1.00 19.07 ? 8   SER A O   1 
ATOM   54   C  CB  . SER A 1 8   ? 18.476  2.605   -13.375 1.00 19.57 ? 8   SER A CB  1 
ATOM   55   O  OG  . SER A 1 8   ? 17.524  2.697   -14.422 1.00 19.98 ? 8   SER A OG  1 
ATOM   56   N  N   . GLU A 1 9   ? 16.213  0.408   -12.951 1.00 18.72 ? 9   GLU A N   1 
ATOM   57   C  CA  . GLU A 1 9   ? 14.873  0.079   -12.476 1.00 18.49 ? 9   GLU A CA  1 
ATOM   58   C  C   . GLU A 1 9   ? 14.907  -1.086  -11.491 1.00 18.30 ? 9   GLU A C   1 
ATOM   59   O  O   . GLU A 1 9   ? 14.183  -1.085  -10.495 1.00 18.26 ? 9   GLU A O   1 
ATOM   60   C  CB  . GLU A 1 9   ? 13.947  -0.212  -13.659 1.00 18.33 ? 9   GLU A CB  1 
ATOM   61   C  CG  . GLU A 1 9   ? 13.721  1.015   -14.538 1.00 18.51 ? 9   GLU A CG  1 
ATOM   62   C  CD  . GLU A 1 9   ? 12.851  0.750   -15.755 1.00 18.53 ? 9   GLU A CD  1 
ATOM   63   O  OE1 . GLU A 1 9   ? 12.053  1.641   -16.111 1.00 18.80 ? 9   GLU A OE1 1 
ATOM   64   O  OE2 . GLU A 1 9   ? 12.968  -0.335  -16.362 1.00 18.52 ? 9   GLU A OE2 1 
ATOM   65   N  N   . GLN A 1 10  ? 15.776  -2.059  -11.753 1.00 18.21 ? 10  GLN A N   1 
ATOM   66   C  CA  . GLN A 1 10  ? 15.920  -3.219  -10.877 1.00 18.13 ? 10  GLN A CA  1 
ATOM   67   C  C   . GLN A 1 10  ? 16.460  -2.789  -9.518  1.00 18.06 ? 10  GLN A C   1 
ATOM   68   O  O   . GLN A 1 10  ? 15.999  -3.266  -8.480  1.00 18.04 ? 10  GLN A O   1 
ATOM   69   C  CB  . GLN A 1 10  ? 16.862  -4.250  -11.502 1.00 18.42 ? 10  GLN A CB  1 
ATOM   70   C  CG  . GLN A 1 10  ? 16.332  -4.859  -12.788 1.00 18.70 ? 10  GLN A CG  1 
ATOM   71   C  CD  . GLN A 1 10  ? 17.300  -5.844  -13.418 1.00 19.00 ? 10  GLN A CD  1 
ATOM   72   O  OE1 . GLN A 1 10  ? 18.005  -6.576  -12.724 1.00 19.18 ? 10  GLN A OE1 1 
ATOM   73   N  NE2 . GLN A 1 10  ? 17.335  -5.864  -14.746 1.00 19.20 ? 10  GLN A NE2 1 
ATOM   74   N  N   . SER A 1 11  ? 17.421  -1.869  -9.536  1.00 17.95 ? 11  SER A N   1 
ATOM   75   C  CA  . SER A 1 11  ? 18.029  -1.357  -8.314  1.00 17.82 ? 11  SER A CA  1 
ATOM   76   C  C   . SER A 1 11  ? 17.009  -0.582  -7.488  1.00 17.42 ? 11  SER A C   1 
ATOM   77   O  O   . SER A 1 11  ? 16.958  -0.722  -6.266  1.00 17.47 ? 11  SER A O   1 
ATOM   78   C  CB  . SER A 1 11  ? 19.224  -0.466  -8.654  1.00 18.09 ? 11  SER A CB  1 
ATOM   79   O  OG  . SER A 1 11  ? 20.193  -1.197  -9.389  1.00 19.13 ? 11  SER A OG  1 
ATOM   80   N  N   . ALA A 1 12  ? 16.204  0.235   -8.165  1.00 17.02 ? 12  ALA A N   1 
ATOM   81   C  CA  . ALA A 1 12  ? 15.171  1.029   -7.503  1.00 16.65 ? 12  ALA A CA  1 
ATOM   82   C  C   . ALA A 1 12  ? 14.104  0.114   -6.907  1.00 16.54 ? 12  ALA A C   1 
ATOM   83   O  O   . ALA A 1 12  ? 13.621  0.351   -5.795  1.00 16.44 ? 12  ALA A O   1 
ATOM   84   C  CB  . ALA A 1 12  ? 14.540  2.003   -8.487  1.00 16.74 ? 12  ALA A CB  1 
ATOM   85   N  N   . LEU A 1 13  ? 13.752  -0.938  -7.642  1.00 16.13 ? 13  LEU A N   1 
ATOM   86   C  CA  . LEU A 1 13  ? 12.751  -1.894  -7.178  1.00 15.84 ? 13  LEU A CA  1 
ATOM   87   C  C   . LEU A 1 13  ? 13.238  -2.658  -5.953  1.00 15.71 ? 13  LEU A C   1 
ATOM   88   O  O   . LEU A 1 13  ? 12.468  -2.914  -5.030  1.00 15.62 ? 13  LEU A O   1 
ATOM   89   C  CB  . LEU A 1 13  ? 12.370  -2.860  -8.300  1.00 15.77 ? 13  LEU A CB  1 
ATOM   90   C  CG  . LEU A 1 13  ? 11.429  -2.249  -9.336  1.00 15.67 ? 13  LEU A CG  1 
ATOM   91   C  CD1 . LEU A 1 13  ? 11.347  -3.138  -10.563 1.00 15.80 ? 13  LEU A CD1 1 
ATOM   92   C  CD2 . LEU A 1 13  ? 10.053  -2.040  -8.713  1.00 15.78 ? 13  LEU A CD2 1 
ATOM   93   N  N   . ALA A 1 14  ? 14.522  -3.011  -5.947  1.00 15.50 ? 14  ALA A N   1 
ATOM   94   C  CA  . ALA A 1 14  ? 15.111  -3.734  -4.826  1.00 15.44 ? 14  ALA A CA  1 
ATOM   95   C  C   . ALA A 1 14  ? 14.993  -2.900  -3.549  1.00 15.27 ? 14  ALA A C   1 
ATOM   96   O  O   . ALA A 1 14  ? 14.635  -3.418  -2.487  1.00 15.39 ? 14  ALA A O   1 
ATOM   97   C  CB  . ALA A 1 14  ? 16.581  -4.058  -5.119  1.00 15.50 ? 14  ALA A CB  1 
ATOM   98   N  N   . ALA A 1 15  ? 15.274  -1.605  -3.666  1.00 15.12 ? 15  ALA A N   1 
ATOM   99   C  CA  . ALA A 1 15  ? 15.198  -0.692  -2.528  1.00 14.66 ? 15  ALA A CA  1 
ATOM   100  C  C   . ALA A 1 15  ? 13.745  -0.491  -2.111  1.00 14.45 ? 15  ALA A C   1 
ATOM   101  O  O   . ALA A 1 15  ? 13.418  -0.522  -0.920  1.00 14.46 ? 15  ALA A O   1 
ATOM   102  C  CB  . ALA A 1 15  ? 15.830  0.645   -2.879  1.00 14.83 ? 15  ALA A CB  1 
ATOM   103  N  N   . ALA A 1 16  ? 12.873  -0.324  -3.100  1.00 14.01 ? 16  ALA A N   1 
ATOM   104  C  CA  . ALA A 1 16  ? 11.451  -0.118  -2.845  1.00 13.73 ? 16  ALA A CA  1 
ATOM   105  C  C   . ALA A 1 16  ? 10.808  -1.326  -2.166  1.00 13.61 ? 16  ALA A C   1 
ATOM   106  O  O   . ALA A 1 16  ? 10.002  -1.165  -1.250  1.00 13.38 ? 16  ALA A O   1 
ATOM   107  C  CB  . ALA A 1 16  ? 10.722  0.216   -4.140  1.00 13.74 ? 16  ALA A CB  1 
ATOM   108  N  N   . ALA A 1 17  ? 11.181  -2.528  -2.604  1.00 13.46 ? 17  ALA A N   1 
ATOM   109  C  CA  . ALA A 1 17  ? 10.643  -3.767  -2.038  1.00 13.42 ? 17  ALA A CA  1 
ATOM   110  C  C   . ALA A 1 17  ? 10.996  -3.913  -0.561  1.00 13.52 ? 17  ALA A C   1 
ATOM   111  O  O   . ALA A 1 17  ? 10.144  -4.278  0.257   1.00 13.47 ? 17  ALA A O   1 
ATOM   112  C  CB  . ALA A 1 17  ? 11.153  -4.972  -2.825  1.00 13.56 ? 17  ALA A CB  1 
ATOM   113  N  N   . SER A 1 18  ? 12.242  -3.600  -0.220  1.00 13.48 ? 18  SER A N   1 
ATOM   114  C  CA  . SER A 1 18  ? 12.712  -3.690  1.162   1.00 13.58 ? 18  SER A CA  1 
ATOM   115  C  C   . SER A 1 18  ? 12.019  -2.642  2.033   1.00 13.27 ? 18  SER A C   1 
ATOM   116  O  O   . SER A 1 18  ? 11.654  -2.917  3.177   1.00 13.06 ? 18  SER A O   1 
ATOM   117  C  CB  . SER A 1 18  ? 14.230  -3.492  1.224   1.00 13.98 ? 18  SER A CB  1 
ATOM   118  O  OG  . SER A 1 18  ? 14.898  -4.499  0.485   1.00 15.39 ? 18  SER A OG  1 
ATOM   119  N  N   . ALA A 1 19  ? 11.851  -1.443  1.484   1.00 13.02 ? 19  ALA A N   1 
ATOM   120  C  CA  . ALA A 1 19  ? 11.197  -0.363  2.206   1.00 12.90 ? 19  ALA A CA  1 
ATOM   121  C  C   . ALA A 1 19  ? 9.719   -0.693  2.403   1.00 12.69 ? 19  ALA A C   1 
ATOM   122  O  O   . ALA A 1 19  ? 9.151   -0.410  3.456   1.00 12.75 ? 19  ALA A O   1 
ATOM   123  C  CB  . ALA A 1 19  ? 11.361  0.951   1.461   1.00 12.85 ? 19  ALA A CB  1 
ATOM   124  N  N   . ALA A 1 20  ? 9.107   -1.311  1.394   1.00 12.55 ? 20  ALA A N   1 
ATOM   125  C  CA  . ALA A 1 20  ? 7.699   -1.688  1.478   1.00 12.31 ? 20  ALA A CA  1 
ATOM   126  C  C   . ALA A 1 20  ? 7.507   -2.744  2.569   1.00 12.20 ? 20  ALA A C   1 
ATOM   127  O  O   . ALA A 1 20  ? 6.529   -2.700  3.319   1.00 11.89 ? 20  ALA A O   1 
ATOM   128  C  CB  . ALA A 1 20  ? 7.203   -2.209  0.128   1.00 12.31 ? 20  ALA A CB  1 
ATOM   129  N  N   . GLN A 1 21  ? 8.457   -3.675  2.677   1.00 12.17 ? 21  GLN A N   1 
ATOM   130  C  CA  . GLN A 1 21  ? 8.386   -4.719  3.697   1.00 12.16 ? 21  GLN A CA  1 
ATOM   131  C  C   . GLN A 1 21  ? 8.427   -4.064  5.077   1.00 12.22 ? 21  GLN A C   1 
ATOM   132  O  O   . GLN A 1 21  ? 7.687   -4.454  5.983   1.00 11.95 ? 21  GLN A O   1 
ATOM   133  C  CB  . GLN A 1 21  ? 9.559   -5.693  3.555   1.00 12.34 ? 21  GLN A CB  1 
ATOM   134  C  CG  . GLN A 1 21  ? 9.373   -7.008  4.296   1.00 12.30 ? 21  GLN A CG  1 
ATOM   135  C  CD  . GLN A 1 21  ? 8.521   -7.993  3.524   1.00 12.37 ? 21  GLN A CD  1 
ATOM   136  O  OE1 . GLN A 1 21  ? 8.889   -8.416  2.430   1.00 12.89 ? 21  GLN A OE1 1 
ATOM   137  N  NE2 . GLN A 1 21  ? 7.386   -8.378  4.097   1.00 12.25 ? 21  GLN A NE2 1 
ATOM   138  N  N   . SER A 1 22  ? 9.274   -3.042  5.211   1.00 12.23 ? 22  SER A N   1 
ATOM   139  C  CA  . SER A 1 22  ? 9.417   -2.298  6.462   1.00 12.31 ? 22  SER A CA  1 
ATOM   140  C  C   . SER A 1 22  ? 8.122   -1.555  6.786   1.00 12.15 ? 22  SER A C   1 
ATOM   141  O  O   . SER A 1 22  ? 7.678   -1.550  7.938   1.00 12.14 ? 22  SER A O   1 
ATOM   142  C  CB  . SER A 1 22  ? 10.583  -1.305  6.365   1.00 12.65 ? 22  SER A CB  1 
ATOM   143  O  OG  . SER A 1 22  ? 10.730  -0.569  7.568   1.00 13.53 ? 22  SER A OG  1 
ATOM   144  N  N   . TYR A 1 23  ? 7.526   -0.933  5.767   1.00 12.01 ? 23  TYR A N   1 
ATOM   145  C  CA  . TYR A 1 23  ? 6.268   -0.198  5.918   1.00 12.01 ? 23  TYR A CA  1 
ATOM   146  C  C   . TYR A 1 23  ? 5.184   -1.120  6.471   1.00 11.88 ? 23  TYR A C   1 
ATOM   147  O  O   . TYR A 1 23  ? 4.508   -0.784  7.442   1.00 11.92 ? 23  TYR A O   1 
ATOM   148  C  CB  . TYR A 1 23  ? 5.792   0.355   4.568   1.00 12.06 ? 23  TYR A CB  1 
ATOM   149  C  CG  . TYR A 1 23  ? 6.269   1.750   4.216   1.00 12.29 ? 23  TYR A CG  1 
ATOM   150  C  CD1 . TYR A 1 23  ? 6.658   2.657   5.204   1.00 12.54 ? 23  TYR A CD1 1 
ATOM   151  C  CD2 . TYR A 1 23  ? 6.279   2.178   2.892   1.00 12.46 ? 23  TYR A CD2 1 
ATOM   152  C  CE1 . TYR A 1 23  ? 7.042   3.965   4.875   1.00 12.53 ? 23  TYR A CE1 1 
ATOM   153  C  CE2 . TYR A 1 23  ? 6.663   3.478   2.553   1.00 12.65 ? 23  TYR A CE2 1 
ATOM   154  C  CZ  . TYR A 1 23  ? 7.041   4.362   3.544   1.00 12.61 ? 23  TYR A CZ  1 
ATOM   155  O  OH  . TYR A 1 23  ? 7.429   5.637   3.202   1.00 12.73 ? 23  TYR A OH  1 
ATOM   156  N  N   . VAL A 1 24  ? 5.020   -2.275  5.834   1.00 11.79 ? 24  VAL A N   1 
ATOM   157  C  CA  . VAL A 1 24  ? 4.022   -3.254  6.255   1.00 11.65 ? 24  VAL A CA  1 
ATOM   158  C  C   . VAL A 1 24  ? 4.295   -3.766  7.669   1.00 11.62 ? 24  VAL A C   1 
ATOM   159  O  O   . VAL A 1 24  ? 3.371   -3.889  8.475   1.00 11.67 ? 24  VAL A O   1 
ATOM   160  C  CB  . VAL A 1 24  ? 3.947   -4.441  5.263   1.00 11.72 ? 24  VAL A CB  1 
ATOM   161  C  CG1 . VAL A 1 24  ? 3.062   -5.543  5.824   1.00 11.82 ? 24  VAL A CG1 1 
ATOM   162  C  CG2 . VAL A 1 24  ? 3.408   -3.962  3.917   1.00 11.77 ? 24  VAL A CG2 1 
ATOM   163  N  N   . ALA A 1 25  ? 5.567   -4.022  7.974   1.00 11.55 ? 25  ALA A N   1 
ATOM   164  C  CA  . ALA A 1 25  ? 5.961   -4.512  9.294   1.00 11.59 ? 25  ALA A CA  1 
ATOM   165  C  C   . ALA A 1 25  ? 5.587   -3.523  10.398  1.00 11.51 ? 25  ALA A C   1 
ATOM   166  O  O   . ALA A 1 25  ? 4.963   -3.891  11.403  1.00 11.58 ? 25  ALA A O   1 
ATOM   167  C  CB  . ALA A 1 25  ? 7.466   -4.793  9.321   1.00 11.62 ? 25  ALA A CB  1 
ATOM   168  N  N   . GLU A 1 26  ? 5.952   -2.263  10.191  1.00 11.36 ? 26  GLU A N   1 
ATOM   169  C  CA  . GLU A 1 26  ? 5.670   -1.209  11.158  1.00 11.39 ? 26  GLU A CA  1 
ATOM   170  C  C   . GLU A 1 26  ? 4.167   -0.965  11.278  1.00 11.08 ? 26  GLU A C   1 
ATOM   171  O  O   . GLU A 1 26  ? 3.648   -0.764  12.378  1.00 11.03 ? 26  GLU A O   1 
ATOM   172  C  CB  . GLU A 1 26  ? 6.411   0.072   10.754  1.00 12.00 ? 26  GLU A CB  1 
ATOM   173  C  CG  . GLU A 1 26  ? 6.363   1.202   11.776  1.00 13.10 ? 26  GLU A CG  1 
ATOM   174  C  CD  . GLU A 1 26  ? 5.115   2.057   11.667  1.00 13.73 ? 26  GLU A CD  1 
ATOM   175  O  OE1 . GLU A 1 26  ? 4.563   2.178   10.549  1.00 14.07 ? 26  GLU A OE1 1 
ATOM   176  O  OE2 . GLU A 1 26  ? 4.692   2.611   12.706  1.00 14.55 ? 26  GLU A OE2 1 
ATOM   177  N  N   . SER A 1 27  ? 3.470   -1.008  10.146  1.00 10.76 ? 27  SER A N   1 
ATOM   178  C  CA  . SER A 1 27  ? 2.025   -0.802  10.130  1.00 10.50 ? 27  SER A CA  1 
ATOM   179  C  C   . SER A 1 27  ? 1.306   -1.905  10.892  1.00 10.26 ? 27  SER A C   1 
ATOM   180  O  O   . SER A 1 27  ? 0.343   -1.640  11.613  1.00 10.05 ? 27  SER A O   1 
ATOM   181  C  CB  . SER A 1 27  ? 1.500   -0.757  8.696   1.00 10.38 ? 27  SER A CB  1 
ATOM   182  O  OG  . SER A 1 27  ? 2.058   0.326   7.978   1.00 10.40 ? 27  SER A OG  1 
ATOM   183  N  N   . LEU A 1 28  ? 1.744   -3.147  10.694  1.00 10.16 ? 28  LEU A N   1 
ATOM   184  C  CA  . LEU A 1 28  ? 1.140   -4.283  11.379  1.00 10.20 ? 28  LEU A CA  1 
ATOM   185  C  C   . LEU A 1 28  ? 1.333   -4.122  12.878  1.00 10.16 ? 28  LEU A C   1 
ATOM   186  O  O   . LEU A 1 28  ? 0.389   -4.287  13.649  1.00 10.28 ? 28  LEU A O   1 
ATOM   187  C  CB  . LEU A 1 28  ? 1.756   -5.604  10.911  1.00 10.20 ? 28  LEU A CB  1 
ATOM   188  C  CG  . LEU A 1 28  ? 1.367   -6.844  11.721  1.00 10.06 ? 28  LEU A CG  1 
ATOM   189  C  CD1 . LEU A 1 28  ? -0.135  -7.057  11.714  1.00 10.08 ? 28  LEU A CD1 1 
ATOM   190  C  CD2 . LEU A 1 28  ? 2.089   -8.064  11.173  1.00 10.20 ? 28  LEU A CD2 1 
ATOM   191  N  N   . SER A 1 29  ? 2.551   -3.767  13.278  1.00 10.11 ? 29  SER A N   1 
ATOM   192  C  CA  . SER A 1 29  ? 2.857   -3.569  14.689  1.00 10.26 ? 29  SER A CA  1 
ATOM   193  C  C   . SER A 1 29  ? 1.958   -2.491  15.276  1.00 10.21 ? 29  SER A C   1 
ATOM   194  O  O   . SER A 1 29  ? 1.422   -2.650  16.372  1.00 10.48 ? 29  SER A O   1 
ATOM   195  C  CB  . SER A 1 29  ? 4.310   -3.163  14.876  1.00 10.17 ? 29  SER A CB  1 
ATOM   196  O  OG  . SER A 1 29  ? 4.521   -2.720  16.209  1.00 10.27 ? 29  SER A OG  1 
ATOM   197  N  N   . TYR A 1 30  ? 1.786   -1.399  14.538  1.00 10.27 ? 30  TYR A N   1 
ATOM   198  C  CA  . TYR A 1 30  ? 0.946   -0.307  15.009  1.00 10.34 ? 30  TYR A CA  1 
ATOM   199  C  C   . TYR A 1 30  ? -0.467  -0.804  15.302  1.00 10.38 ? 30  TYR A C   1 
ATOM   200  O  O   . TYR A 1 30  ? -1.021  -0.542  16.373  1.00 10.11 ? 30  TYR A O   1 
ATOM   201  C  CB  . TYR A 1 30  ? 0.909   0.823   13.976  1.00 10.44 ? 30  TYR A CB  1 
ATOM   202  C  CG  . TYR A 1 30  ? 0.149   2.042   14.447  1.00 10.44 ? 30  TYR A CG  1 
ATOM   203  C  CD1 . TYR A 1 30  ? 0.825   3.166   14.911  1.00 10.64 ? 30  TYR A CD1 1 
ATOM   204  C  CD2 . TYR A 1 30  ? -1.247  2.057   14.463  1.00 10.62 ? 30  TYR A CD2 1 
ATOM   205  C  CE1 . TYR A 1 30  ? 0.131   4.274   15.382  1.00 10.79 ? 30  TYR A CE1 1 
ATOM   206  C  CE2 . TYR A 1 30  ? -1.948  3.154   14.935  1.00 10.92 ? 30  TYR A CE2 1 
ATOM   207  C  CZ  . TYR A 1 30  ? -1.255  4.257   15.393  1.00 11.03 ? 30  TYR A CZ  1 
ATOM   208  O  OH  . TYR A 1 30  ? -1.948  5.336   15.880  1.00 11.08 ? 30  TYR A OH  1 
ATOM   209  N  N   . LEU A 1 31  ? -1.043  -1.535  14.353  1.00 10.48 ? 31  LEU A N   1 
ATOM   210  C  CA  . LEU A 1 31  ? -2.393  -2.052  14.513  1.00 10.83 ? 31  LEU A CA  1 
ATOM   211  C  C   . LEU A 1 31  ? -2.519  -3.036  15.672  1.00 11.08 ? 31  LEU A C   1 
ATOM   212  O  O   . LEU A 1 31  ? -3.571  -3.134  16.295  1.00 11.14 ? 31  LEU A O   1 
ATOM   213  C  CB  . LEU A 1 31  ? -2.875  -2.677  13.203  1.00 10.66 ? 31  LEU A CB  1 
ATOM   214  C  CG  . LEU A 1 31  ? -3.044  -1.649  12.082  1.00 10.69 ? 31  LEU A CG  1 
ATOM   215  C  CD1 . LEU A 1 31  ? -3.202  -2.340  10.746  1.00 10.79 ? 31  LEU A CD1 1 
ATOM   216  C  CD2 . LEU A 1 31  ? -4.240  -0.756  12.383  1.00 10.79 ? 31  LEU A CD2 1 
ATOM   217  N  N   . GLN A 1 32  ? -1.435  -3.737  15.985  1.00 11.33 ? 32  GLN A N   1 
ATOM   218  C  CA  . GLN A 1 32  ? -1.454  -4.697  17.084  1.00 11.75 ? 32  GLN A CA  1 
ATOM   219  C  C   . GLN A 1 32  ? -1.389  -4.052  18.460  1.00 11.96 ? 32  GLN A C   1 
ATOM   220  O  O   . GLN A 1 32  ? -1.935  -4.591  19.423  1.00 11.89 ? 32  GLN A O   1 
ATOM   221  C  CB  . GLN A 1 32  ? -0.304  -5.694  16.948  1.00 12.05 ? 32  GLN A CB  1 
ATOM   222  C  CG  . GLN A 1 32  ? -0.467  -6.634  15.774  1.00 12.32 ? 32  GLN A CG  1 
ATOM   223  C  CD  . GLN A 1 32  ? 0.612   -7.689  15.714  1.00 12.81 ? 32  GLN A CD  1 
ATOM   224  O  OE1 . GLN A 1 32  ? 1.658   -7.564  16.350  1.00 13.43 ? 32  GLN A OE1 1 
ATOM   225  N  NE2 . GLN A 1 32  ? 0.369   -8.731  14.929  1.00 12.81 ? 32  GLN A NE2 1 
ATOM   226  N  N   . THR A 1 33  ? -0.749  -2.888  18.544  1.00 12.08 ? 33  THR A N   1 
ATOM   227  C  CA  . THR A 1 33  ? -0.591  -2.203  19.822  1.00 12.41 ? 33  THR A CA  1 
ATOM   228  C  C   . THR A 1 33  ? -1.571  -1.068  20.084  1.00 12.65 ? 33  THR A C   1 
ATOM   229  O  O   . THR A 1 33  ? -1.650  -0.562  21.200  1.00 12.86 ? 33  THR A O   1 
ATOM   230  C  CB  . THR A 1 33  ? 0.845   -1.684  20.002  1.00 12.48 ? 33  THR A CB  1 
ATOM   231  O  OG1 . THR A 1 33  ? 1.150   -0.747  18.964  1.00 12.45 ? 33  THR A OG1 1 
ATOM   232  C  CG2 . THR A 1 33  ? 1.833   -2.839  19.957  1.00 12.54 ? 33  THR A CG2 1 
ATOM   233  N  N   . HIS A 1 34  ? -2.284  -0.642  19.050  1.00 12.86 ? 34  HIS A N   1 
ATOM   234  C  CA  . HIS A 1 34  ? -3.269  0.422   19.205  1.00 13.20 ? 34  HIS A CA  1 
ATOM   235  C  C   . HIS A 1 34  ? -4.639  -0.192  18.988  1.00 13.62 ? 34  HIS A C   1 
ATOM   236  O  O   . HIS A 1 34  ? -5.008  -0.533  17.862  1.00 13.86 ? 34  HIS A O   1 
ATOM   237  C  CB  . HIS A 1 34  ? -3.031  1.549   18.205  1.00 13.10 ? 34  HIS A CB  1 
ATOM   238  C  CG  . HIS A 1 34  ? -1.712  2.239   18.373  1.00 12.88 ? 34  HIS A CG  1 
ATOM   239  N  ND1 . HIS A 1 34  ? -0.522  1.667   17.983  1.00 12.75 ? 34  HIS A ND1 1 
ATOM   240  C  CD2 . HIS A 1 34  ? -1.398  3.461   18.863  1.00 13.04 ? 34  HIS A CD2 1 
ATOM   241  C  CE1 . HIS A 1 34  ? 0.469   2.506   18.221  1.00 12.89 ? 34  HIS A CE1 1 
ATOM   242  N  NE2 . HIS A 1 34  ? -0.037  3.604   18.756  1.00 12.70 ? 34  HIS A NE2 1 
ATOM   243  N  N   . THR A 1 35  ? -5.376  -0.364  20.078  1.00 13.86 ? 35  THR A N   1 
ATOM   244  C  CA  . THR A 1 35  ? -6.698  -0.967  20.009  1.00 14.29 ? 35  THR A CA  1 
ATOM   245  C  C   . THR A 1 35  ? -7.805  -0.007  20.419  1.00 14.28 ? 35  THR A C   1 
ATOM   246  O  O   . THR A 1 35  ? -8.817  -0.400  20.996  1.00 14.51 ? 35  THR A O   1 
ATOM   247  C  CB  . THR A 1 35  ? -6.759  -2.252  20.849  1.00 14.51 ? 35  THR A CB  1 
ATOM   248  O  OG1 . THR A 1 35  ? -6.324  -1.964  22.182  1.00 15.01 ? 35  THR A OG1 1 
ATOM   249  C  CG2 . THR A 1 35  ? -5.859  -3.323  20.239  1.00 15.02 ? 35  THR A CG2 1 
ATOM   250  N  N   . ALA A 1 36  ? -7.590  1.263   20.099  1.00 14.48 ? 36  ALA A N   1 
ATOM   251  C  CA  . ALA A 1 36  ? -8.535  2.333   20.370  1.00 14.41 ? 36  ALA A CA  1 
ATOM   252  C  C   . ALA A 1 36  ? -8.208  3.447   19.387  1.00 14.32 ? 36  ALA A C   1 
ATOM   253  O  O   . ALA A 1 36  ? -7.139  3.447   18.767  1.00 14.37 ? 36  ALA A O   1 
ATOM   254  C  CB  . ALA A 1 36  ? -8.407  2.824   21.807  1.00 14.47 ? 36  ALA A CB  1 
ATOM   255  N  N   . ALA A 1 37  ? -9.135  4.385   19.236  1.00 14.21 ? 37  ALA A N   1 
ATOM   256  C  CA  . ALA A 1 37  ? -8.970  5.498   18.311  1.00 14.00 ? 37  ALA A CA  1 
ATOM   257  C  C   . ALA A 1 37  ? -7.696  6.314   18.520  1.00 13.92 ? 37  ALA A C   1 
ATOM   258  O  O   . ALA A 1 37  ? -7.347  6.665   19.645  1.00 13.92 ? 37  ALA A O   1 
ATOM   259  C  CB  . ALA A 1 37  ? -10.191 6.408   18.372  1.00 14.10 ? 37  ALA A CB  1 
ATOM   260  N  N   . THR A 1 38  ? -7.000  6.580   17.417  1.00 13.75 ? 38  THR A N   1 
ATOM   261  C  CA  . THR A 1 38  ? -5.770  7.376   17.401  1.00 13.64 ? 38  THR A CA  1 
ATOM   262  C  C   . THR A 1 38  ? -5.798  8.185   16.103  1.00 13.52 ? 38  THR A C   1 
ATOM   263  O  O   . THR A 1 38  ? -6.475  7.798   15.147  1.00 13.27 ? 38  THR A O   1 
ATOM   264  C  CB  . THR A 1 38  ? -4.500  6.494   17.388  1.00 13.82 ? 38  THR A CB  1 
ATOM   265  O  OG1 . THR A 1 38  ? -4.505  5.665   16.218  1.00 14.40 ? 38  THR A OG1 1 
ATOM   266  C  CG2 . THR A 1 38  ? -4.420  5.629   18.639  1.00 13.90 ? 38  THR A CG2 1 
ATOM   267  N  N   . PRO A 1 39  ? -5.055  9.306   16.044  1.00 13.37 ? 39  PRO A N   1 
ATOM   268  C  CA  . PRO A 1 39  ? -5.025  10.143  14.838  1.00 13.24 ? 39  PRO A CA  1 
ATOM   269  C  C   . PRO A 1 39  ? -4.646  9.397   13.557  1.00 12.96 ? 39  PRO A C   1 
ATOM   270  O  O   . PRO A 1 39  ? -5.363  9.468   12.556  1.00 13.18 ? 39  PRO A O   1 
ATOM   271  C  CB  . PRO A 1 39  ? -3.987  11.207  15.191  1.00 13.38 ? 39  PRO A CB  1 
ATOM   272  C  CG  . PRO A 1 39  ? -4.158  11.361  16.670  1.00 13.58 ? 39  PRO A CG  1 
ATOM   273  C  CD  . PRO A 1 39  ? -4.270  9.927   17.129  1.00 13.43 ? 39  PRO A CD  1 
ATOM   274  N  N   . ARG A 1 40  ? -3.554  8.643   13.605  1.00 12.63 ? 40  ARG A N   1 
ATOM   275  C  CA  . ARG A 1 40  ? -3.090  7.903   12.433  1.00 12.11 ? 40  ARG A CA  1 
ATOM   276  C  C   . ARG A 1 40  ? -4.134  6.916   11.923  1.00 12.01 ? 40  ARG A C   1 
ATOM   277  O  O   . ARG A 1 40  ? -4.329  6.781   10.714  1.00 11.87 ? 40  ARG A O   1 
ATOM   278  C  CB  . ARG A 1 40  ? -1.790  7.170   12.745  1.00 11.80 ? 40  ARG A CB  1 
ATOM   279  C  CG  . ARG A 1 40  ? -1.145  6.518   11.540  1.00 11.35 ? 40  ARG A CG  1 
ATOM   280  C  CD  . ARG A 1 40  ? 0.147   5.869   11.954  1.00 11.16 ? 40  ARG A CD  1 
ATOM   281  N  NE  . ARG A 1 40  ? 0.707   5.039   10.891  1.00 11.11 ? 40  ARG A NE  1 
ATOM   282  C  CZ  . ARG A 1 40  ? 1.799   4.295   11.035  1.00 11.01 ? 40  ARG A CZ  1 
ATOM   283  N  NH1 . ARG A 1 40  ? 2.449   4.285   12.193  1.00 10.91 ? 40  ARG A NH1 1 
ATOM   284  N  NH2 . ARG A 1 40  ? 2.220   3.539   10.035  1.00 10.84 ? 40  ARG A NH2 1 
ATOM   285  N  N   . TYR A 1 41  ? -4.809  6.235   12.841  1.00 11.89 ? 41  TYR A N   1 
ATOM   286  C  CA  . TYR A 1 41  ? -5.834  5.276   12.449  1.00 12.06 ? 41  TYR A CA  1 
ATOM   287  C  C   . TYR A 1 41  ? -7.078  5.936   11.854  1.00 12.35 ? 41  TYR A C   1 
ATOM   288  O  O   . TYR A 1 41  ? -7.455  5.638   10.727  1.00 11.96 ? 41  TYR A O   1 
ATOM   289  C  CB  . TYR A 1 41  ? -6.253  4.388   13.630  1.00 11.80 ? 41  TYR A CB  1 
ATOM   290  C  CG  . TYR A 1 41  ? -7.323  3.375   13.258  1.00 11.48 ? 41  TYR A CG  1 
ATOM   291  C  CD1 . TYR A 1 41  ? -6.983  2.067   12.904  1.00 11.50 ? 41  TYR A CD1 1 
ATOM   292  C  CD2 . TYR A 1 41  ? -8.671  3.737   13.215  1.00 11.45 ? 41  TYR A CD2 1 
ATOM   293  C  CE1 . TYR A 1 41  ? -7.962  1.150   12.511  1.00 11.33 ? 41  TYR A CE1 1 
ATOM   294  C  CE2 . TYR A 1 41  ? -9.651  2.833   12.823  1.00 11.31 ? 41  TYR A CE2 1 
ATOM   295  C  CZ  . TYR A 1 41  ? -9.294  1.545   12.473  1.00 11.20 ? 41  TYR A CZ  1 
ATOM   296  O  OH  . TYR A 1 41  ? -10.269 0.661   12.079  1.00 11.09 ? 41  TYR A OH  1 
ATOM   297  N  N   . THR A 1 42  ? -7.718  6.822   12.615  1.00 12.95 ? 42  THR A N   1 
ATOM   298  C  CA  . THR A 1 42  ? -8.948  7.465   12.154  1.00 13.66 ? 42  THR A CA  1 
ATOM   299  C  C   . THR A 1 42  ? -8.803  8.309   10.895  1.00 13.12 ? 42  THR A C   1 
ATOM   300  O  O   . THR A 1 42  ? -9.738  8.414   10.106  1.00 13.20 ? 42  THR A O   1 
ATOM   301  C  CB  . THR A 1 42  ? -9.623  8.260   13.268  1.00 14.95 ? 42  THR A CB  1 
ATOM   302  O  OG1 . THR A 1 42  ? -8.832  9.460   13.580  1.00 16.85 ? 42  THR A OG1 1 
ATOM   303  C  CG2 . THR A 1 42  ? -9.771  7.409   14.522  1.00 14.88 ? 42  THR A CG2 1 
ATOM   304  N  N   . THR A 1 43  ? -7.638  8.919   10.713  1.00 12.62 ? 43  THR A N   1 
ATOM   305  C  CA  . THR A 1 43  ? -7.394  9.736   9.535   1.00 12.20 ? 43  THR A CA  1 
ATOM   306  C  C   . THR A 1 43  ? -7.537  8.913   8.255   1.00 11.95 ? 43  THR A C   1 
ATOM   307  O  O   . THR A 1 43  ? -8.072  9.391   7.258   1.00 12.02 ? 43  THR A O   1 
ATOM   308  C  CB  . THR A 1 43  ? -5.982  10.362  9.573   1.00 12.41 ? 43  THR A CB  1 
ATOM   309  O  OG1 . THR A 1 43  ? -5.896  11.261  10.687  1.00 12.64 ? 43  THR A OG1 1 
ATOM   310  C  CG2 . THR A 1 43  ? -5.691  11.129  8.286   1.00 12.13 ? 43  THR A CG2 1 
ATOM   311  N  N   . TRP A 1 44  ? -7.091  7.662   8.302   1.00 11.59 ? 44  TRP A N   1 
ATOM   312  C  CA  . TRP A 1 44  ? -7.144  6.796   7.126   1.00 11.30 ? 44  TRP A CA  1 
ATOM   313  C  C   . TRP A 1 44  ? -8.214  5.717   7.123   1.00 11.25 ? 44  TRP A C   1 
ATOM   314  O  O   . TRP A 1 44  ? -8.663  5.288   6.057   1.00 11.02 ? 44  TRP A O   1 
ATOM   315  C  CB  . TRP A 1 44  ? -5.765  6.169   6.894   1.00 11.11 ? 44  TRP A CB  1 
ATOM   316  C  CG  . TRP A 1 44  ? -4.690  7.212   6.818   1.00 10.83 ? 44  TRP A CG  1 
ATOM   317  C  CD1 . TRP A 1 44  ? -3.687  7.429   7.724   1.00 10.99 ? 44  TRP A CD1 1 
ATOM   318  C  CD2 . TRP A 1 44  ? -4.560  8.238   5.824   1.00 10.83 ? 44  TRP A CD2 1 
ATOM   319  N  NE1 . TRP A 1 44  ? -2.952  8.530   7.361   1.00 10.60 ? 44  TRP A NE1 1 
ATOM   320  C  CE2 . TRP A 1 44  ? -3.465  9.045   6.198   1.00 10.94 ? 44  TRP A CE2 1 
ATOM   321  C  CE3 . TRP A 1 44  ? -5.268  8.554   4.655   1.00 10.81 ? 44  TRP A CE3 1 
ATOM   322  C  CZ2 . TRP A 1 44  ? -3.056  10.154  5.443   1.00 10.84 ? 44  TRP A CZ2 1 
ATOM   323  C  CZ3 . TRP A 1 44  ? -4.865  9.657   3.905   1.00 10.99 ? 44  TRP A CZ3 1 
ATOM   324  C  CH2 . TRP A 1 44  ? -3.768  10.442  4.302   1.00 10.85 ? 44  TRP A CH2 1 
ATOM   325  N  N   . PHE A 1 45  ? -8.656  5.299   8.305   1.00 11.26 ? 45  PHE A N   1 
ATOM   326  C  CA  . PHE A 1 45  ? -9.653  4.241   8.380   1.00 11.45 ? 45  PHE A CA  1 
ATOM   327  C  C   . PHE A 1 45  ? -10.969 4.657   9.030   1.00 11.61 ? 45  PHE A C   1 
ATOM   328  O  O   . PHE A 1 45  ? -11.890 3.852   9.146   1.00 11.72 ? 45  PHE A O   1 
ATOM   329  C  CB  . PHE A 1 45  ? -9.054  3.005   9.060   1.00 11.28 ? 45  PHE A CB  1 
ATOM   330  C  CG  . PHE A 1 45  ? -7.854  2.438   8.339   1.00 11.19 ? 45  PHE A CG  1 
ATOM   331  C  CD1 . PHE A 1 45  ? -6.697  2.125   9.036   1.00 11.14 ? 45  PHE A CD1 1 
ATOM   332  C  CD2 . PHE A 1 45  ? -7.881  2.238   6.961   1.00 11.16 ? 45  PHE A CD2 1 
ATOM   333  C  CE1 . PHE A 1 45  ? -5.576  1.622   8.374   1.00 11.12 ? 45  PHE A CE1 1 
ATOM   334  C  CE2 . PHE A 1 45  ? -6.762  1.735   6.290   1.00 11.01 ? 45  PHE A CE2 1 
ATOM   335  C  CZ  . PHE A 1 45  ? -5.613  1.430   6.999   1.00 11.18 ? 45  PHE A CZ  1 
ATOM   336  N  N   . GLY A 1 46  ? -11.067 5.929   9.403   1.00 11.67 ? 46  GLY A N   1 
ATOM   337  C  CA  . GLY A 1 46  ? -12.290 6.432   10.002  1.00 12.07 ? 46  GLY A CA  1 
ATOM   338  C  C   . GLY A 1 46  ? -12.477 6.073   11.459  1.00 12.35 ? 46  GLY A C   1 
ATOM   339  O  O   . GLY A 1 46  ? -11.565 5.564   12.109  1.00 12.45 ? 46  GLY A O   1 
ATOM   340  N  N   . SER A 1 47  ? -13.677 6.345   11.969  1.00 12.81 ? 47  SER A N   1 
ATOM   341  C  CA  . SER A 1 47  ? -14.020 6.072   13.360  1.00 13.28 ? 47  SER A CA  1 
ATOM   342  C  C   . SER A 1 47  ? -13.619 4.661   13.764  1.00 13.33 ? 47  SER A C   1 
ATOM   343  O  O   . SER A 1 47  ? -13.893 3.699   13.052  1.00 13.10 ? 47  SER A O   1 
ATOM   344  C  CB  . SER A 1 47  ? -15.517 6.273   13.584  1.00 13.54 ? 47  SER A CB  1 
ATOM   345  O  OG  . SER A 1 47  ? -15.865 7.632   13.390  1.00 14.83 ? 47  SER A OG  1 
ATOM   346  N  N   . TYR A 1 48  ? -12.963 4.547   14.911  1.00 13.48 ? 48  TYR A N   1 
ATOM   347  C  CA  . TYR A 1 48  ? -12.508 3.252   15.385  1.00 13.99 ? 48  TYR A CA  1 
ATOM   348  C  C   . TYR A 1 48  ? -13.612 2.345   15.894  1.00 14.51 ? 48  TYR A C   1 
ATOM   349  O  O   . TYR A 1 48  ? -14.375 2.712   16.789  1.00 14.64 ? 48  TYR A O   1 
ATOM   350  C  CB  . TYR A 1 48  ? -11.441 3.408   16.481  1.00 13.74 ? 48  TYR A CB  1 
ATOM   351  C  CG  . TYR A 1 48  ? -10.778 2.099   16.889  1.00 13.51 ? 48  TYR A CG  1 
ATOM   352  C  CD1 . TYR A 1 48  ? -9.487  1.787   16.466  1.00 13.55 ? 48  TYR A CD1 1 
ATOM   353  C  CD2 . TYR A 1 48  ? -11.456 1.158   17.668  1.00 13.57 ? 48  TYR A CD2 1 
ATOM   354  C  CE1 . TYR A 1 48  ? -8.892  0.574   16.800  1.00 13.58 ? 48  TYR A CE1 1 
ATOM   355  C  CE2 . TYR A 1 48  ? -10.874 -0.059  18.006  1.00 13.63 ? 48  TYR A CE2 1 
ATOM   356  C  CZ  . TYR A 1 48  ? -9.592  -0.347  17.569  1.00 13.72 ? 48  TYR A CZ  1 
ATOM   357  O  OH  . TYR A 1 48  ? -9.022  -1.560  17.879  1.00 14.02 ? 48  TYR A OH  1 
ATOM   358  N  N   . ILE A 1 49  ? -13.706 1.170   15.281  1.00 15.01 ? 49  ILE A N   1 
ATOM   359  C  CA  . ILE A 1 49  ? -14.640 0.132   15.691  1.00 15.53 ? 49  ILE A CA  1 
ATOM   360  C  C   . ILE A 1 49  ? -13.846 -1.163  15.502  1.00 15.69 ? 49  ILE A C   1 
ATOM   361  O  O   . ILE A 1 49  ? -13.064 -1.287  14.554  1.00 15.63 ? 49  ILE A O   1 
ATOM   362  C  CB  . ILE A 1 49  ? -15.979 0.122   14.892  1.00 15.88 ? 49  ILE A CB  1 
ATOM   363  C  CG1 . ILE A 1 49  ? -15.760 -0.230  13.427  1.00 16.08 ? 49  ILE A CG1 1 
ATOM   364  C  CG2 . ILE A 1 49  ? -16.693 1.461   15.012  1.00 15.92 ? 49  ILE A CG2 1 
ATOM   365  C  CD1 . ILE A 1 49  ? -17.059 -0.425  12.684  1.00 16.65 ? 49  ILE A CD1 1 
ATOM   366  N  N   . SER A 1 50  ? -13.986 -2.086  16.447  1.00 15.75 ? 50  SER A N   1 
ATOM   367  C  CA  . SER A 1 50  ? -13.252 -3.351  16.412  1.00 15.98 ? 50  SER A CA  1 
ATOM   368  C  C   . SER A 1 50  ? -13.330 -4.118  15.097  1.00 15.83 ? 50  SER A C   1 
ATOM   369  O  O   . SER A 1 50  ? -12.322 -4.640  14.628  1.00 15.74 ? 50  SER A O   1 
ATOM   370  C  CB  . SER A 1 50  ? -13.685 -4.249  17.569  1.00 16.32 ? 50  SER A CB  1 
ATOM   371  O  OG  . SER A 1 50  ? -13.433 -3.610  18.807  1.00 17.28 ? 50  SER A OG  1 
ATOM   372  N  N   . SER A 1 51  ? -14.518 -4.162  14.502  1.00 15.68 ? 51  SER A N   1 
ATOM   373  C  CA  . SER A 1 51  ? -14.736 -4.870  13.243  1.00 15.59 ? 51  SER A CA  1 
ATOM   374  C  C   . SER A 1 51  ? -13.778 -4.403  12.152  1.00 15.05 ? 51  SER A C   1 
ATOM   375  O  O   . SER A 1 51  ? -13.062 -5.209  11.542  1.00 15.15 ? 51  SER A O   1 
ATOM   376  C  CB  . SER A 1 51  ? -16.179 -4.669  12.769  1.00 15.75 ? 51  SER A CB  1 
ATOM   377  O  OG  . SER A 1 51  ? -16.416 -5.374  11.565  1.00 17.33 ? 51  SER A OG  1 
ATOM   378  N  N   . ARG A 1 52  ? -13.775 -3.097  11.911  1.00 14.48 ? 52  ARG A N   1 
ATOM   379  C  CA  . ARG A 1 52  ? -12.915 -2.506  10.896  1.00 13.81 ? 52  ARG A CA  1 
ATOM   380  C  C   . ARG A 1 52  ? -11.438 -2.571  11.268  1.00 13.53 ? 52  ARG A C   1 
ATOM   381  O  O   . ARG A 1 52  ? -10.587 -2.754  10.399  1.00 13.37 ? 52  ARG A O   1 
ATOM   382  C  CB  . ARG A 1 52  ? -13.351 -1.071  10.585  1.00 13.70 ? 52  ARG A CB  1 
ATOM   383  C  CG  . ARG A 1 52  ? -14.676 -0.999  9.830   1.00 13.67 ? 52  ARG A CG  1 
ATOM   384  C  CD  . ARG A 1 52  ? -14.898 0.373   9.216   1.00 13.64 ? 52  ARG A CD  1 
ATOM   385  N  NE  . ARG A 1 52  ? -15.054 1.414   10.226  1.00 13.53 ? 52  ARG A NE  1 
ATOM   386  C  CZ  . ARG A 1 52  ? -16.203 2.019   10.508  1.00 13.67 ? 52  ARG A CZ  1 
ATOM   387  N  NH1 . ARG A 1 52  ? -17.311 1.691   9.849   1.00 13.55 ? 52  ARG A NH1 1 
ATOM   388  N  NH2 . ARG A 1 52  ? -16.250 2.941   11.460  1.00 13.75 ? 52  ARG A NH2 1 
ATOM   389  N  N   . HIS A 1 53  ? -11.129 -2.431  12.556  1.00 13.31 ? 53  HIS A N   1 
ATOM   390  C  CA  . HIS A 1 53  ? -9.739  -2.526  12.988  1.00 13.29 ? 53  HIS A CA  1 
ATOM   391  C  C   . HIS A 1 53  ? -9.244  -3.942  12.690  1.00 13.29 ? 53  HIS A C   1 
ATOM   392  O  O   . HIS A 1 53  ? -8.107  -4.133  12.266  1.00 13.22 ? 53  HIS A O   1 
ATOM   393  C  CB  . HIS A 1 53  ? -9.601  -2.225  14.481  1.00 13.29 ? 53  HIS A CB  1 
ATOM   394  C  CG  . HIS A 1 53  ? -8.245  -2.537  15.037  1.00 13.40 ? 53  HIS A CG  1 
ATOM   395  N  ND1 . HIS A 1 53  ? -7.969  -3.708  15.709  1.00 13.43 ? 53  HIS A ND1 1 
ATOM   396  C  CD2 . HIS A 1 53  ? -7.090  -1.830  15.027  1.00 13.32 ? 53  HIS A CD2 1 
ATOM   397  C  CE1 . HIS A 1 53  ? -6.704  -3.708  16.093  1.00 13.59 ? 53  HIS A CE1 1 
ATOM   398  N  NE2 . HIS A 1 53  ? -6.149  -2.579  15.692  1.00 13.48 ? 53  HIS A NE2 1 
ATOM   399  N  N   . SER A 1 54  ? -10.117 -4.927  12.897  1.00 13.43 ? 54  SER A N   1 
ATOM   400  C  CA  . SER A 1 54  ? -9.781  -6.323  12.632  1.00 13.66 ? 54  SER A CA  1 
ATOM   401  C  C   . SER A 1 54  ? -9.514  -6.523  11.143  1.00 13.39 ? 54  SER A C   1 
ATOM   402  O  O   . SER A 1 54  ? -8.611  -7.267  10.763  1.00 13.38 ? 54  SER A O   1 
ATOM   403  C  CB  . SER A 1 54  ? -10.917 -7.249  13.078  1.00 14.13 ? 54  SER A CB  1 
ATOM   404  O  OG  . SER A 1 54  ? -11.022 -7.288  14.489  1.00 15.49 ? 54  SER A OG  1 
ATOM   405  N  N   . THR A 1 55  ? -10.308 -5.845  10.315  1.00 13.13 ? 55  THR A N   1 
ATOM   406  C  CA  . THR A 1 55  ? -10.175 -5.925  8.862   1.00 12.87 ? 55  THR A CA  1 
ATOM   407  C  C   . THR A 1 55  ? -8.799  -5.452  8.408   1.00 12.46 ? 55  THR A C   1 
ATOM   408  O  O   . THR A 1 55  ? -8.100  -6.158  7.681   1.00 11.88 ? 55  THR A O   1 
ATOM   409  C  CB  . THR A 1 55  ? -11.258 -5.080  8.166   1.00 13.20 ? 55  THR A CB  1 
ATOM   410  O  OG1 . THR A 1 55  ? -12.550 -5.620  8.467   1.00 13.73 ? 55  THR A OG1 1 
ATOM   411  C  CG2 . THR A 1 55  ? -11.054 -5.069  6.653   1.00 13.41 ? 55  THR A CG2 1 
ATOM   412  N  N   . VAL A 1 56  ? -8.407  -4.255  8.834   1.00 12.04 ? 56  VAL A N   1 
ATOM   413  C  CA  . VAL A 1 56  ? -7.102  -3.741  8.443   1.00 11.92 ? 56  VAL A CA  1 
ATOM   414  C  C   . VAL A 1 56  ? -5.973  -4.539  9.089   1.00 11.75 ? 56  VAL A C   1 
ATOM   415  O  O   . VAL A 1 56  ? -4.939  -4.763  8.467   1.00 11.42 ? 56  VAL A O   1 
ATOM   416  C  CB  . VAL A 1 56  ? -6.952  -2.232  8.721   1.00 12.01 ? 56  VAL A CB  1 
ATOM   417  C  CG1 . VAL A 1 56  ? -7.956  -1.454  7.883   1.00 12.26 ? 56  VAL A CG1 1 
ATOM   418  C  CG2 . VAL A 1 56  ? -7.130  -1.931  10.193  1.00 12.38 ? 56  VAL A CG2 1 
ATOM   419  N  N   . LEU A 1 57  ? -6.183  -4.991  10.325  1.00 11.73 ? 57  LEU A N   1 
ATOM   420  C  CA  . LEU A 1 57  ? -5.171  -5.796  11.007  1.00 11.86 ? 57  LEU A CA  1 
ATOM   421  C  C   . LEU A 1 57  ? -4.918  -7.073  10.204  1.00 11.80 ? 57  LEU A C   1 
ATOM   422  O  O   . LEU A 1 57  ? -3.771  -7.486  10.020  1.00 11.65 ? 57  LEU A O   1 
ATOM   423  C  CB  . LEU A 1 57  ? -5.619  -6.144  12.431  1.00 12.37 ? 57  LEU A CB  1 
ATOM   424  C  CG  . LEU A 1 57  ? -4.680  -7.058  13.231  1.00 12.79 ? 57  LEU A CG  1 
ATOM   425  C  CD1 . LEU A 1 57  ? -3.290  -6.445  13.312  1.00 13.05 ? 57  LEU A CD1 1 
ATOM   426  C  CD2 . LEU A 1 57  ? -5.238  -7.292  14.619  1.00 13.35 ? 57  LEU A CD2 1 
ATOM   427  N  N   . GLN A 1 58  ? -5.992  -7.646  9.670   1.00 11.77 ? 58  GLN A N   1 
ATOM   428  C  CA  . GLN A 1 58  ? -5.897  -8.862  8.867   1.00 11.90 ? 58  GLN A CA  1 
ATOM   429  C  C   . GLN A 1 58  ? -5.126  -8.595  7.578   1.00 11.39 ? 58  GLN A C   1 
ATOM   430  O  O   . GLN A 1 58  ? -4.262  -9.378  7.195   1.00 11.24 ? 58  GLN A O   1 
ATOM   431  C  CB  . GLN A 1 58  ? -7.290  -9.402  8.541   1.00 12.69 ? 58  GLN A CB  1 
ATOM   432  C  CG  . GLN A 1 58  ? -7.279  -10.792 7.920   1.00 14.58 ? 58  GLN A CG  1 
ATOM   433  C  CD  . GLN A 1 58  ? -6.582  -11.820 8.797   1.00 15.32 ? 58  GLN A CD  1 
ATOM   434  O  OE1 . GLN A 1 58  ? -6.836  -11.906 9.999   1.00 16.70 ? 58  GLN A OE1 1 
ATOM   435  N  NE2 . GLN A 1 58  ? -5.694  -12.602 8.197   1.00 16.23 ? 58  GLN A NE2 1 
ATOM   436  N  N   . HIS A 1 59  ? -5.437  -7.480  6.924   1.00 10.78 ? 59  HIS A N   1 
ATOM   437  C  CA  . HIS A 1 59  ? -4.767  -7.101  5.683   1.00 10.51 ? 59  HIS A CA  1 
ATOM   438  C  C   . HIS A 1 59  ? -3.257  -7.011  5.878   1.00 10.33 ? 59  HIS A C   1 
ATOM   439  O  O   . HIS A 1 59  ? -2.486  -7.546  5.081   1.00 10.16 ? 59  HIS A O   1 
ATOM   440  C  CB  . HIS A 1 59  ? -5.292  -5.751  5.182   1.00 10.33 ? 59  HIS A CB  1 
ATOM   441  C  CG  . HIS A 1 59  ? -6.730  -5.775  4.766   1.00 10.30 ? 59  HIS A CG  1 
ATOM   442  N  ND1 . HIS A 1 59  ? -7.422  -4.635  4.422   1.00 10.00 ? 59  HIS A ND1 1 
ATOM   443  C  CD2 . HIS A 1 59  ? -7.604  -6.802  4.624   1.00 10.22 ? 59  HIS A CD2 1 
ATOM   444  C  CE1 . HIS A 1 59  ? -8.657  -4.957  4.082   1.00 10.24 ? 59  HIS A CE1 1 
ATOM   445  N  NE2 . HIS A 1 59  ? -8.794  -6.267  4.196   1.00 10.30 ? 59  HIS A NE2 1 
ATOM   446  N  N   . TYR A 1 60  ? -2.835  -6.350  6.954   1.00 10.43 ? 60  TYR A N   1 
ATOM   447  C  CA  . TYR A 1 60  ? -1.409  -6.200  7.220   1.00 10.47 ? 60  TYR A CA  1 
ATOM   448  C  C   . TYR A 1 60  ? -0.737  -7.470  7.698   1.00 10.77 ? 60  TYR A C   1 
ATOM   449  O  O   . TYR A 1 60  ? 0.452   -7.663  7.463   1.00 10.62 ? 60  TYR A O   1 
ATOM   450  C  CB  . TYR A 1 60  ? -1.150  -5.036  8.173   1.00 10.35 ? 60  TYR A CB  1 
ATOM   451  C  CG  . TYR A 1 60  ? -1.268  -3.711  7.469   1.00 10.05 ? 60  TYR A CG  1 
ATOM   452  C  CD1 . TYR A 1 60  ? -2.459  -2.989  7.498   1.00 10.15 ? 60  TYR A CD1 1 
ATOM   453  C  CD2 . TYR A 1 60  ? -0.202  -3.201  6.725   1.00 10.23 ? 60  TYR A CD2 1 
ATOM   454  C  CE1 . TYR A 1 60  ? -2.592  -1.785  6.802   1.00 10.18 ? 60  TYR A CE1 1 
ATOM   455  C  CE2 . TYR A 1 60  ? -0.322  -2.003  6.024   1.00 10.11 ? 60  TYR A CE2 1 
ATOM   456  C  CZ  . TYR A 1 60  ? -1.522  -1.303  6.067   1.00 10.16 ? 60  TYR A CZ  1 
ATOM   457  O  OH  . TYR A 1 60  ? -1.654  -0.129  5.366   1.00 10.13 ? 60  TYR A OH  1 
ATOM   458  N  N   . THR A 1 61  ? -1.490  -8.315  8.396   1.00 11.19 ? 61  THR A N   1 
ATOM   459  C  CA  . THR A 1 61  ? -0.974  -9.598  8.871   1.00 11.68 ? 61  THR A CA  1 
ATOM   460  C  C   . THR A 1 61  ? -0.669  -10.440 7.629   1.00 11.91 ? 61  THR A C   1 
ATOM   461  O  O   . THR A 1 61  ? 0.355   -11.119 7.557   1.00 11.85 ? 61  THR A O   1 
ATOM   462  C  CB  . THR A 1 61  ? -2.017  -10.330 9.743   1.00 11.77 ? 61  THR A CB  1 
ATOM   463  O  OG1 . THR A 1 61  ? -2.257  -9.575  10.934  1.00 11.78 ? 61  THR A OG1 1 
ATOM   464  C  CG2 . THR A 1 61  ? -1.527  -11.723 10.130  1.00 12.10 ? 61  THR A CG2 1 
ATOM   465  N  N   . ASP A 1 62  ? -1.557  -10.363 6.642   1.00 12.34 ? 62  ASP A N   1 
ATOM   466  C  CA  . ASP A 1 62  ? -1.376  -11.101 5.401   1.00 12.88 ? 62  ASP A CA  1 
ATOM   467  C  C   . ASP A 1 62  ? -0.226  -10.526 4.581   1.00 12.87 ? 62  ASP A C   1 
ATOM   468  O  O   . ASP A 1 62  ? 0.639   -11.271 4.124   1.00 13.01 ? 62  ASP A O   1 
ATOM   469  C  CB  . ASP A 1 62  ? -2.673  -11.133 4.587   1.00 13.60 ? 62  ASP A CB  1 
ATOM   470  C  CG  . ASP A 1 62  ? -3.731  -12.040 5.201   1.00 14.43 ? 62  ASP A CG  1 
ATOM   471  O  OD1 . ASP A 1 62  ? -3.370  -13.049 5.843   1.00 15.49 ? 62  ASP A OD1 1 
ATOM   472  O  OD2 . ASP A 1 62  ? -4.932  -11.752 5.038   1.00 14.96 ? 62  ASP A OD2 1 
ATOM   473  N  N   . MET A 1 63  ? -0.181  -9.201  4.445   1.00 12.90 ? 63  MET A N   1 
ATOM   474  C  CA  . MET A 1 63  ? 0.890   -8.563  3.687   1.00 13.10 ? 63  MET A CA  1 
ATOM   475  C  C   . MET A 1 63  ? 2.257   -8.774  4.329   1.00 13.29 ? 63  MET A C   1 
ATOM   476  O  O   . MET A 1 63  ? 3.260   -8.903  3.629   1.00 13.27 ? 63  MET A O   1 
ATOM   477  C  CB  . MET A 1 63  ? 0.615   -7.068  3.488   1.00 13.12 ? 63  MET A CB  1 
ATOM   478  C  CG  . MET A 1 63  ? -0.439  -6.786  2.429   1.00 13.23 ? 63  MET A CG  1 
ATOM   479  S  SD  . MET A 1 63  ? -0.577  -5.039  2.018   1.00 13.76 ? 63  MET A SD  1 
ATOM   480  C  CE  . MET A 1 63  ? -1.640  -4.519  3.336   1.00 13.81 ? 63  MET A CE  1 
ATOM   481  N  N   . ASN A 1 64  ? 2.293   -8.832  5.659   1.00 13.65 ? 64  ASN A N   1 
ATOM   482  C  CA  . ASN A 1 64  ? 3.550   -9.042  6.372   1.00 14.16 ? 64  ASN A CA  1 
ATOM   483  C  C   . ASN A 1 64  ? 4.143   -10.421 6.059   1.00 14.35 ? 64  ASN A C   1 
ATOM   484  O  O   . ASN A 1 64  ? 5.360   -10.603 6.115   1.00 14.27 ? 64  ASN A O   1 
ATOM   485  C  CB  . ASN A 1 64  ? 3.351   -8.868  7.884   1.00 14.35 ? 64  ASN A CB  1 
ATOM   486  C  CG  . ASN A 1 64  ? 4.650   -8.997  8.669   1.00 14.73 ? 64  ASN A CG  1 
ATOM   487  O  OD1 . ASN A 1 64  ? 5.591   -8.228  8.471   1.00 15.00 ? 64  ASN A OD1 1 
ATOM   488  N  ND2 . ASN A 1 64  ? 4.713   -9.989  9.552   1.00 15.28 ? 64  ASN A ND2 1 
ATOM   489  N  N   . SER A 1 65  ? 3.280   -11.375 5.704   1.00 14.71 ? 65  SER A N   1 
ATOM   490  C  CA  . SER A 1 65  ? 3.721   -12.730 5.366   1.00 15.19 ? 65  SER A CA  1 
ATOM   491  C  C   . SER A 1 65  ? 4.168   -12.841 3.907   1.00 15.31 ? 65  SER A C   1 
ATOM   492  O  O   . SER A 1 65  ? 4.621   -13.905 3.470   1.00 15.48 ? 65  SER A O   1 
ATOM   493  C  CB  . SER A 1 65  ? 2.623   -13.757 5.675   1.00 15.39 ? 65  SER A CB  1 
ATOM   494  O  OG  . SER A 1 65  ? 1.554   -13.687 4.745   1.00 16.10 ? 65  SER A OG  1 
ATOM   495  N  N   . ASN A 1 66  ? 3.985   -11.757 3.152   1.00 15.28 ? 66  ASN A N   1 
ATOM   496  C  CA  . ASN A 1 66  ? 4.413   -11.682 1.754   1.00 15.36 ? 66  ASN A CA  1 
ATOM   497  C  C   . ASN A 1 66  ? 5.906   -11.390 1.787   1.00 15.52 ? 66  ASN A C   1 
ATOM   498  O  O   . ASN A 1 66  ? 6.393   -10.765 2.729   1.00 15.65 ? 66  ASN A O   1 
ATOM   499  C  CB  . ASN A 1 66  ? 3.782   -10.474 1.042   1.00 15.13 ? 66  ASN A CB  1 
ATOM   500  C  CG  . ASN A 1 66  ? 2.325   -10.670 0.667   1.00 15.06 ? 66  ASN A CG  1 
ATOM   501  O  OD1 . ASN A 1 66  ? 1.840   -10.015 -0.255  1.00 15.18 ? 66  ASN A OD1 1 
ATOM   502  N  ND2 . ASN A 1 66  ? 1.615   -11.524 1.388   1.00 14.91 ? 66  ASN A ND2 1 
ATOM   503  N  N   . ASP A 1 67  ? 6.638   -11.850 0.780   1.00 15.68 ? 67  ASP A N   1 
ATOM   504  C  CA  . ASP A 1 67  ? 8.058   -11.537 0.692   1.00 15.86 ? 67  ASP A CA  1 
ATOM   505  C  C   . ASP A 1 67  ? 8.166   -10.605 -0.509  1.00 15.78 ? 67  ASP A C   1 
ATOM   506  O  O   . ASP A 1 67  ? 8.249   -11.054 -1.651  1.00 15.61 ? 67  ASP A O   1 
ATOM   507  C  CB  . ASP A 1 67  ? 8.916   -12.790 0.478   1.00 16.44 ? 67  ASP A CB  1 
ATOM   508  C  CG  . ASP A 1 67  ? 10.408  -12.474 0.406   1.00 16.94 ? 67  ASP A CG  1 
ATOM   509  O  OD1 . ASP A 1 67  ? 11.208  -13.420 0.293   1.00 17.71 ? 67  ASP A OD1 1 
ATOM   510  O  OD2 . ASP A 1 67  ? 10.796  -11.286 0.450   1.00 17.43 ? 67  ASP A OD2 1 
ATOM   511  N  N   . PHE A 1 68  ? 8.134   -9.303  -0.243  1.00 15.69 ? 68  PHE A N   1 
ATOM   512  C  CA  . PHE A 1 68  ? 8.205   -8.299  -1.297  1.00 15.79 ? 68  PHE A CA  1 
ATOM   513  C  C   . PHE A 1 68  ? 9.441   -8.412  -2.183  1.00 15.96 ? 68  PHE A C   1 
ATOM   514  O  O   . PHE A 1 68  ? 9.370   -8.152  -3.381  1.00 15.93 ? 68  PHE A O   1 
ATOM   515  C  CB  . PHE A 1 68  ? 8.121   -6.893  -0.704  1.00 15.58 ? 68  PHE A CB  1 
ATOM   516  C  CG  . PHE A 1 68  ? 6.737   -6.496  -0.273  1.00 15.46 ? 68  PHE A CG  1 
ATOM   517  C  CD1 . PHE A 1 68  ? 6.181   -7.001  0.899   1.00 15.39 ? 68  PHE A CD1 1 
ATOM   518  C  CD2 . PHE A 1 68  ? 5.994   -5.601  -1.037  1.00 15.41 ? 68  PHE A CD2 1 
ATOM   519  C  CE1 . PHE A 1 68  ? 4.899   -6.620  1.309   1.00 15.49 ? 68  PHE A CE1 1 
ATOM   520  C  CE2 . PHE A 1 68  ? 4.714   -5.213  -0.637  1.00 15.32 ? 68  PHE A CE2 1 
ATOM   521  C  CZ  . PHE A 1 68  ? 4.169   -5.723  0.536   1.00 15.41 ? 68  PHE A CZ  1 
ATOM   522  N  N   . SER A 1 69  ? 10.567  -8.804  -1.593  1.00 16.36 ? 69  SER A N   1 
ATOM   523  C  CA  . SER A 1 69  ? 11.808  -8.939  -2.352  1.00 16.86 ? 69  SER A CA  1 
ATOM   524  C  C   . SER A 1 69  ? 11.758  -10.089 -3.361  1.00 16.77 ? 69  SER A C   1 
ATOM   525  O  O   . SER A 1 69  ? 12.571  -10.132 -4.291  1.00 17.15 ? 69  SER A O   1 
ATOM   526  C  CB  . SER A 1 69  ? 13.010  -9.093  -1.411  1.00 17.23 ? 69  SER A CB  1 
ATOM   527  O  OG  . SER A 1 69  ? 13.014  -10.347 -0.757  1.00 18.22 ? 69  SER A OG  1 
ATOM   528  N  N   . SER A 1 70  ? 10.804  -11.004 -3.181  1.00 16.71 ? 70  SER A N   1 
ATOM   529  C  CA  . SER A 1 70  ? 10.638  -12.144 -4.081  1.00 16.53 ? 70  SER A CA  1 
ATOM   530  C  C   . SER A 1 70  ? 9.503   -11.924 -5.085  1.00 16.14 ? 70  SER A C   1 
ATOM   531  O  O   . SER A 1 70  ? 9.142   -12.830 -5.840  1.00 16.05 ? 70  SER A O   1 
ATOM   532  C  CB  . SER A 1 70  ? 10.414  -13.447 -3.298  1.00 16.84 ? 70  SER A CB  1 
ATOM   533  O  OG  . SER A 1 70  ? 9.129   -13.503 -2.697  1.00 17.73 ? 70  SER A OG  1 
ATOM   534  N  N   . TYR A 1 71  ? 8.913   -10.730 -5.067  1.00 15.69 ? 71  TYR A N   1 
ATOM   535  C  CA  . TYR A 1 71  ? 7.849   -10.401 -6.012  1.00 15.24 ? 71  TYR A CA  1 
ATOM   536  C  C   . TYR A 1 71  ? 8.448   -10.355 -7.409  1.00 15.24 ? 71  TYR A C   1 
ATOM   537  O  O   . TYR A 1 71  ? 9.641   -10.090 -7.573  1.00 15.11 ? 71  TYR A O   1 
ATOM   538  C  CB  . TYR A 1 71  ? 7.291   -9.000  -5.739  1.00 14.89 ? 71  TYR A CB  1 
ATOM   539  C  CG  . TYR A 1 71  ? 6.143   -8.896  -4.763  1.00 14.59 ? 71  TYR A CG  1 
ATOM   540  C  CD1 . TYR A 1 71  ? 5.463   -7.692  -4.615  1.00 14.53 ? 71  TYR A CD1 1 
ATOM   541  C  CD2 . TYR A 1 71  ? 5.740   -9.982  -3.983  1.00 14.56 ? 71  TYR A CD2 1 
ATOM   542  C  CE1 . TYR A 1 71  ? 4.415   -7.562  -3.719  1.00 14.36 ? 71  TYR A CE1 1 
ATOM   543  C  CE2 . TYR A 1 71  ? 4.686   -9.862  -3.075  1.00 14.43 ? 71  TYR A CE2 1 
ATOM   544  C  CZ  . TYR A 1 71  ? 4.032   -8.645  -2.953  1.00 14.41 ? 71  TYR A CZ  1 
ATOM   545  O  OH  . TYR A 1 71  ? 2.994   -8.497  -2.067  1.00 14.38 ? 71  TYR A OH  1 
ATOM   546  N  N   . SER A 1 72  ? 7.618   -10.620 -8.410  1.00 15.21 ? 72  SER A N   1 
ATOM   547  C  CA  . SER A 1 72  ? 8.044   -10.532 -9.795  1.00 15.33 ? 72  SER A CA  1 
ATOM   548  C  C   . SER A 1 72  ? 7.635   -9.130  -10.220 1.00 15.34 ? 72  SER A C   1 
ATOM   549  O  O   . SER A 1 72  ? 6.542   -8.668  -9.882  1.00 15.39 ? 72  SER A O   1 
ATOM   550  C  CB  . SER A 1 72  ? 7.341   -11.578 -10.659 1.00 15.56 ? 72  SER A CB  1 
ATOM   551  O  OG  . SER A 1 72  ? 7.867   -12.871 -10.411 1.00 15.88 ? 72  SER A OG  1 
ATOM   552  N  N   . PHE A 1 73  ? 8.535   -8.427  -10.895 1.00 15.37 ? 73  PHE A N   1 
ATOM   553  C  CA  . PHE A 1 73  ? 8.250   -7.070  -11.341 1.00 15.62 ? 73  PHE A CA  1 
ATOM   554  C  C   . PHE A 1 73  ? 8.322   -6.973  -12.856 1.00 16.01 ? 73  PHE A C   1 
ATOM   555  O  O   . PHE A 1 73  ? 9.170   -7.600  -13.492 1.00 15.99 ? 73  PHE A O   1 
ATOM   556  C  CB  . PHE A 1 73  ? 9.222   -6.079  -10.697 1.00 15.28 ? 73  PHE A CB  1 
ATOM   557  C  CG  . PHE A 1 73  ? 9.086   -5.978  -9.203  1.00 14.88 ? 73  PHE A CG  1 
ATOM   558  C  CD1 . PHE A 1 73  ? 10.090  -6.451  -8.368  1.00 14.93 ? 73  PHE A CD1 1 
ATOM   559  C  CD2 . PHE A 1 73  ? 7.955   -5.403  -8.631  1.00 14.79 ? 73  PHE A CD2 1 
ATOM   560  C  CE1 . PHE A 1 73  ? 9.975   -6.351  -6.983  1.00 14.58 ? 73  PHE A CE1 1 
ATOM   561  C  CE2 . PHE A 1 73  ? 7.830   -5.299  -7.248  1.00 14.70 ? 73  PHE A CE2 1 
ATOM   562  C  CZ  . PHE A 1 73  ? 8.842   -5.774  -6.422  1.00 14.83 ? 73  PHE A CZ  1 
ATOM   563  N  N   . ASP A 1 74  ? 7.425   -6.178  -13.424 1.00 16.44 ? 74  ASP A N   1 
ATOM   564  C  CA  . ASP A 1 74  ? 7.351   -5.982  -14.865 1.00 17.19 ? 74  ASP A CA  1 
ATOM   565  C  C   . ASP A 1 74  ? 7.379   -4.477  -15.141 1.00 17.77 ? 74  ASP A C   1 
ATOM   566  O  O   . ASP A 1 74  ? 6.527   -3.739  -14.656 1.00 17.67 ? 74  ASP A O   1 
ATOM   567  C  CB  . ASP A 1 74  ? 6.056   -6.621  -15.384 1.00 17.14 ? 74  ASP A CB  1 
ATOM   568  C  CG  . ASP A 1 74  ? 5.871   -6.460  -16.879 1.00 17.25 ? 74  ASP A CG  1 
ATOM   569  O  OD1 . ASP A 1 74  ? 5.735   -5.312  -17.340 1.00 17.48 ? 74  ASP A OD1 1 
ATOM   570  O  OD2 . ASP A 1 74  ? 5.823   -7.485  -17.591 1.00 17.05 ? 74  ASP A OD2 1 
ATOM   571  N  N   . CYS A 1 75  ? 8.346   -4.036  -15.942 1.00 18.64 ? 75  CYS A N   1 
ATOM   572  C  CA  . CYS A 1 75  ? 8.490   -2.616  -16.260 1.00 19.63 ? 75  CYS A CA  1 
ATOM   573  C  C   . CYS A 1 75  ? 8.151   -2.242  -17.703 1.00 20.18 ? 75  CYS A C   1 
ATOM   574  O  O   . CYS A 1 75  ? 8.684   -1.263  -18.229 1.00 20.21 ? 75  CYS A O   1 
ATOM   575  C  CB  . CYS A 1 75  ? 9.919   -2.157  -15.950 1.00 19.90 ? 75  CYS A CB  1 
ATOM   576  S  SG  . CYS A 1 75  ? 10.499  -2.549  -14.270 1.00 20.52 ? 75  CYS A SG  1 
ATOM   577  N  N   . THR A 1 76  ? 7.247   -2.986  -18.332 1.00 20.98 ? 76  THR A N   1 
ATOM   578  C  CA  . THR A 1 76  ? 6.868   -2.697  -19.717 1.00 21.80 ? 76  THR A CA  1 
ATOM   579  C  C   . THR A 1 76  ? 5.888   -1.528  -19.883 1.00 22.24 ? 76  THR A C   1 
ATOM   580  O  O   . THR A 1 76  ? 5.954   -0.803  -20.874 1.00 22.46 ? 76  THR A O   1 
ATOM   581  C  CB  . THR A 1 76  ? 6.308   -3.950  -20.433 1.00 21.94 ? 76  THR A CB  1 
ATOM   582  O  OG1 . THR A 1 76  ? 5.110   -4.390  -19.781 1.00 22.24 ? 76  THR A OG1 1 
ATOM   583  C  CG2 . THR A 1 76  ? 7.330   -5.075  -20.414 1.00 22.11 ? 76  THR A CG2 1 
ATOM   584  N  N   . CYS A 1 77  ? 4.991   -1.339  -18.913 1.00 22.73 ? 77  CYS A N   1 
ATOM   585  C  CA  . CYS A 1 77  ? 4.004   -0.255  -18.966 1.00 23.31 ? 77  CYS A CA  1 
ATOM   586  C  C   . CYS A 1 77  ? 4.662   1.125   -18.927 1.00 23.74 ? 77  CYS A C   1 
ATOM   587  O  O   . CYS A 1 77  ? 5.562   1.368   -18.124 1.00 23.85 ? 77  CYS A O   1 
ATOM   588  C  CB  . CYS A 1 77  ? 2.997   -0.401  -17.815 1.00 23.07 ? 77  CYS A CB  1 
ATOM   589  S  SG  . CYS A 1 77  ? 1.825   0.982   -17.589 1.00 23.30 ? 77  CYS A SG  1 
ATOM   590  N  N   . THR A 1 78  ? 4.214   2.019   -19.807 1.00 24.34 ? 78  THR A N   1 
ATOM   591  C  CA  . THR A 1 78  ? 4.764   3.372   -19.882 1.00 24.93 ? 78  THR A CA  1 
ATOM   592  C  C   . THR A 1 78  ? 3.730   4.469   -19.615 1.00 25.18 ? 78  THR A C   1 
ATOM   593  O  O   . THR A 1 78  ? 3.934   5.627   -19.990 1.00 25.40 ? 78  THR A O   1 
ATOM   594  C  CB  . THR A 1 78  ? 5.441   3.636   -21.255 1.00 25.00 ? 78  THR A CB  1 
ATOM   595  O  OG1 . THR A 1 78  ? 4.529   3.317   -22.313 1.00 25.22 ? 78  THR A OG1 1 
ATOM   596  C  CG2 . THR A 1 78  ? 6.704   2.804   -21.407 1.00 25.17 ? 78  THR A CG2 1 
ATOM   597  N  N   . ALA A 1 79  ? 2.622   4.104   -18.973 1.00 25.47 ? 79  ALA A N   1 
ATOM   598  C  CA  . ALA A 1 79  ? 1.568   5.063   -18.651 1.00 25.62 ? 79  ALA A CA  1 
ATOM   599  C  C   . ALA A 1 79  ? 2.079   6.063   -17.615 1.00 25.77 ? 79  ALA A C   1 
ATOM   600  O  O   . ALA A 1 79  ? 2.424   5.687   -16.494 1.00 25.73 ? 79  ALA A O   1 
ATOM   601  C  CB  . ALA A 1 79  ? 0.336   4.335   -18.128 1.00 25.63 ? 79  ALA A CB  1 
ATOM   602  N  N   . ALA A 1 80  ? 2.125   7.336   -18.000 1.00 25.96 ? 80  ALA A N   1 
ATOM   603  C  CA  . ALA A 1 80  ? 2.613   8.402   -17.126 1.00 26.03 ? 80  ALA A CA  1 
ATOM   604  C  C   . ALA A 1 80  ? 1.701   8.734   -15.949 1.00 26.01 ? 80  ALA A C   1 
ATOM   605  O  O   . ALA A 1 80  ? 2.174   9.191   -14.908 1.00 26.26 ? 80  ALA A O   1 
ATOM   606  C  CB  . ALA A 1 80  ? 2.895   9.658   -17.942 1.00 26.18 ? 80  ALA A CB  1 
ATOM   607  N  N   . GLY A 1 81  ? 0.400   8.512   -16.116 1.00 25.85 ? 81  GLY A N   1 
ATOM   608  C  CA  . GLY A 1 81  ? -0.549  8.803   -15.054 1.00 25.48 ? 81  GLY A CA  1 
ATOM   609  C  C   . GLY A 1 81  ? -0.713  7.693   -14.031 1.00 25.14 ? 81  GLY A C   1 
ATOM   610  O  O   . GLY A 1 81  ? -1.256  7.920   -12.951 1.00 25.36 ? 81  GLY A O   1 
ATOM   611  N  N   . THR A 1 82  ? -0.247  6.496   -14.373 1.00 24.70 ? 82  THR A N   1 
ATOM   612  C  CA  . THR A 1 82  ? -0.348  5.339   -13.487 1.00 24.00 ? 82  THR A CA  1 
ATOM   613  C  C   . THR A 1 82  ? 0.992   4.992   -12.838 1.00 23.20 ? 82  THR A C   1 
ATOM   614  O  O   . THR A 1 82  ? 2.041   5.045   -13.481 1.00 23.14 ? 82  THR A O   1 
ATOM   615  C  CB  . THR A 1 82  ? -0.874  4.099   -14.254 1.00 24.28 ? 82  THR A CB  1 
ATOM   616  O  OG1 . THR A 1 82  ? -2.138  4.407   -14.852 1.00 24.91 ? 82  THR A OG1 1 
ATOM   617  C  CG2 . THR A 1 82  ? -1.052  2.913   -13.317 1.00 24.38 ? 82  THR A CG2 1 
ATOM   618  N  N   . PHE A 1 83  ? 0.949   4.671   -11.548 1.00 22.13 ? 83  PHE A N   1 
ATOM   619  C  CA  . PHE A 1 83  ? 2.144   4.289   -10.803 1.00 21.14 ? 83  PHE A CA  1 
ATOM   620  C  C   . PHE A 1 83  ? 2.468   2.822   -11.061 1.00 20.27 ? 83  PHE A C   1 
ATOM   621  O  O   . PHE A 1 83  ? 3.596   2.477   -11.406 1.00 20.07 ? 83  PHE A O   1 
ATOM   622  C  CB  . PHE A 1 83  ? 1.929   4.485   -9.300  1.00 21.47 ? 83  PHE A CB  1 
ATOM   623  C  CG  . PHE A 1 83  ? 2.080   5.907   -8.837  1.00 21.79 ? 83  PHE A CG  1 
ATOM   624  C  CD1 . PHE A 1 83  ? 0.999   6.782   -8.869  1.00 22.02 ? 83  PHE A CD1 1 
ATOM   625  C  CD2 . PHE A 1 83  ? 3.300   6.363   -8.350  1.00 21.87 ? 83  PHE A CD2 1 
ATOM   626  C  CE1 . PHE A 1 83  ? 1.132   8.095   -8.418  1.00 22.19 ? 83  PHE A CE1 1 
ATOM   627  C  CE2 . PHE A 1 83  ? 3.444   7.674   -7.899  1.00 22.07 ? 83  PHE A CE2 1 
ATOM   628  C  CZ  . PHE A 1 83  ? 2.358   8.541   -7.933  1.00 22.10 ? 83  PHE A CZ  1 
ATOM   629  N  N   . ALA A 1 84  ? 1.461   1.968   -10.893 1.00 19.07 ? 84  ALA A N   1 
ATOM   630  C  CA  . ALA A 1 84  ? 1.617   0.527   -11.081 1.00 18.05 ? 84  ALA A CA  1 
ATOM   631  C  C   . ALA A 1 84  ? 0.255   -0.160  -11.069 1.00 17.25 ? 84  ALA A C   1 
ATOM   632  O  O   . ALA A 1 84  ? -0.769  0.480   -10.831 1.00 17.19 ? 84  ALA A O   1 
ATOM   633  C  CB  . ALA A 1 84  ? 2.490   -0.044  -9.961  1.00 18.14 ? 84  ALA A CB  1 
ATOM   634  N  N   . TYR A 1 85  ? 0.247   -1.462  -11.341 1.00 16.40 ? 85  TYR A N   1 
ATOM   635  C  CA  . TYR A 1 85  ? -0.991  -2.230  -11.326 1.00 15.45 ? 85  TYR A CA  1 
ATOM   636  C  C   . TYR A 1 85  ? -0.732  -3.712  -11.102 1.00 14.78 ? 85  TYR A C   1 
ATOM   637  O  O   . TYR A 1 85  ? 0.393   -4.187  -11.252 1.00 14.42 ? 85  TYR A O   1 
ATOM   638  C  CB  . TYR A 1 85  ? -1.814  -2.012  -12.610 1.00 15.67 ? 85  TYR A CB  1 
ATOM   639  C  CG  . TYR A 1 85  ? -1.233  -2.597  -13.879 1.00 15.85 ? 85  TYR A CG  1 
ATOM   640  C  CD1 . TYR A 1 85  ? -1.419  -3.944  -14.200 1.00 15.92 ? 85  TYR A CD1 1 
ATOM   641  C  CD2 . TYR A 1 85  ? -0.529  -1.798  -14.778 1.00 16.04 ? 85  TYR A CD2 1 
ATOM   642  C  CE1 . TYR A 1 85  ? -0.920  -4.480  -15.383 1.00 16.19 ? 85  TYR A CE1 1 
ATOM   643  C  CE2 . TYR A 1 85  ? -0.027  -2.325  -15.965 1.00 16.29 ? 85  TYR A CE2 1 
ATOM   644  C  CZ  . TYR A 1 85  ? -0.225  -3.665  -16.258 1.00 16.35 ? 85  TYR A CZ  1 
ATOM   645  O  OH  . TYR A 1 85  ? 0.284   -4.198  -17.418 1.00 16.68 ? 85  TYR A OH  1 
ATOM   646  N  N   . VAL A 1 86  ? -1.775  -4.428  -10.692 1.00 14.05 ? 86  VAL A N   1 
ATOM   647  C  CA  . VAL A 1 86  ? -1.682  -5.865  -10.452 1.00 13.59 ? 86  VAL A CA  1 
ATOM   648  C  C   . VAL A 1 86  ? -3.006  -6.518  -10.788 1.00 13.53 ? 86  VAL A C   1 
ATOM   649  O  O   . VAL A 1 86  ? -4.007  -5.842  -11.002 1.00 13.27 ? 86  VAL A O   1 
ATOM   650  C  CB  . VAL A 1 86  ? -1.429  -6.210  -8.951  1.00 13.45 ? 86  VAL A CB  1 
ATOM   651  C  CG1 . VAL A 1 86  ? -0.160  -5.563  -8.440  1.00 13.35 ? 86  VAL A CG1 1 
ATOM   652  C  CG2 . VAL A 1 86  ? -2.635  -5.801  -8.096  1.00 13.44 ? 86  VAL A CG2 1 
ATOM   653  N  N   . TYR A 1 87  ? -2.989  -7.842  -10.846 1.00 13.55 ? 87  TYR A N   1 
ATOM   654  C  CA  . TYR A 1 87  ? -4.198  -8.622  -11.058 1.00 13.89 ? 87  TYR A CA  1 
ATOM   655  C  C   . TYR A 1 87  ? -4.431  -9.221  -9.685  1.00 13.70 ? 87  TYR A C   1 
ATOM   656  O  O   . TYR A 1 87  ? -3.589  -9.954  -9.172  1.00 13.57 ? 87  TYR A O   1 
ATOM   657  C  CB  . TYR A 1 87  ? -3.972  -9.724  -12.087 1.00 14.27 ? 87  TYR A CB  1 
ATOM   658  C  CG  . TYR A 1 87  ? -3.697  -9.168  -13.450 1.00 14.87 ? 87  TYR A CG  1 
ATOM   659  C  CD1 . TYR A 1 87  ? -2.447  -9.308  -14.037 1.00 15.28 ? 87  TYR A CD1 1 
ATOM   660  C  CD2 . TYR A 1 87  ? -4.676  -8.444  -14.133 1.00 15.24 ? 87  TYR A CD2 1 
ATOM   661  C  CE1 . TYR A 1 87  ? -2.168  -8.741  -15.264 1.00 15.68 ? 87  TYR A CE1 1 
ATOM   662  C  CE2 . TYR A 1 87  ? -4.411  -7.873  -15.366 1.00 15.49 ? 87  TYR A CE2 1 
ATOM   663  C  CZ  . TYR A 1 87  ? -3.152  -8.024  -15.923 1.00 15.93 ? 87  TYR A CZ  1 
ATOM   664  O  OH  . TYR A 1 87  ? -2.866  -7.442  -17.130 1.00 16.82 ? 87  TYR A OH  1 
ATOM   665  N  N   . PRO A 1 88  ? -5.542  -8.852  -9.032  1.00 13.67 ? 88  PRO A N   1 
ATOM   666  C  CA  . PRO A 1 88  ? -5.853  -9.371  -7.699  1.00 14.00 ? 88  PRO A CA  1 
ATOM   667  C  C   . PRO A 1 88  ? -5.737  -10.886 -7.561  1.00 14.37 ? 88  PRO A C   1 
ATOM   668  O  O   . PRO A 1 88  ? -5.300  -11.382 -6.525  1.00 14.17 ? 88  PRO A O   1 
ATOM   669  C  CB  . PRO A 1 88  ? -7.285  -8.899  -7.489  1.00 13.83 ? 88  PRO A CB  1 
ATOM   670  C  CG  . PRO A 1 88  ? -7.274  -7.566  -8.158  1.00 13.60 ? 88  PRO A CG  1 
ATOM   671  C  CD  . PRO A 1 88  ? -6.544  -7.857  -9.453  1.00 13.62 ? 88  PRO A CD  1 
ATOM   672  N  N   . ASN A 1 89  ? -6.092  -11.609 -8.622  1.00 15.02 ? 89  ASN A N   1 
ATOM   673  C  CA  . ASN A 1 89  ? -6.039  -13.065 -8.607  1.00 15.86 ? 89  ASN A CA  1 
ATOM   674  C  C   . ASN A 1 89  ? -4.704  -13.682 -9.028  1.00 15.96 ? 89  ASN A C   1 
ATOM   675  O  O   . ASN A 1 89  ? -4.583  -14.907 -9.081  1.00 16.11 ? 89  ASN A O   1 
ATOM   676  C  CB  . ASN A 1 89  ? -7.185  -13.648 -9.443  1.00 16.74 ? 89  ASN A CB  1 
ATOM   677  C  CG  . ASN A 1 89  ? -8.549  -13.212 -8.942  1.00 17.60 ? 89  ASN A CG  1 
ATOM   678  O  OD1 . ASN A 1 89  ? -8.845  -13.309 -7.751  1.00 18.63 ? 89  ASN A OD1 1 
ATOM   679  N  ND2 . ASN A 1 89  ? -9.387  -12.723 -9.850  1.00 18.26 ? 89  ASN A ND2 1 
ATOM   680  N  N   . ARG A 1 90  ? -3.716  -12.850 -9.345  1.00 16.02 ? 90  ARG A N   1 
ATOM   681  C  CA  . ARG A 1 90  ? -2.397  -13.359 -9.719  1.00 16.12 ? 90  ARG A CA  1 
ATOM   682  C  C   . ARG A 1 90  ? -1.366  -12.764 -8.766  1.00 15.75 ? 90  ARG A C   1 
ATOM   683  O  O   . ARG A 1 90  ? -0.696  -11.778 -9.068  1.00 15.46 ? 90  ARG A O   1 
ATOM   684  C  CB  . ARG A 1 90  ? -2.047  -13.037 -11.174 1.00 16.94 ? 90  ARG A CB  1 
ATOM   685  C  CG  . ARG A 1 90  ? -1.224  -14.151 -11.824 1.00 18.34 ? 90  ARG A CG  1 
ATOM   686  C  CD  . ARG A 1 90  ? -0.675  -13.774 -13.190 1.00 19.32 ? 90  ARG A CD  1 
ATOM   687  N  NE  . ARG A 1 90  ? -1.710  -13.339 -14.125 1.00 20.30 ? 90  ARG A NE  1 
ATOM   688  C  CZ  . ARG A 1 90  ? -1.525  -13.201 -15.435 1.00 20.74 ? 90  ARG A CZ  1 
ATOM   689  N  NH1 . ARG A 1 90  ? -0.343  -13.468 -15.980 1.00 21.15 ? 90  ARG A NH1 1 
ATOM   690  N  NH2 . ARG A 1 90  ? -2.514  -12.769 -16.200 1.00 21.23 ? 90  ARG A NH2 1 
ATOM   691  N  N   . PHE A 1 91  ? -1.261  -13.389 -7.600  1.00 15.49 ? 91  PHE A N   1 
ATOM   692  C  CA  . PHE A 1 91  ? -0.358  -12.953 -6.551  1.00 15.43 ? 91  PHE A CA  1 
ATOM   693  C  C   . PHE A 1 91  ? 1.125   -12.915 -6.896  1.00 15.28 ? 91  PHE A C   1 
ATOM   694  O  O   . PHE A 1 91  ? 1.634   -13.764 -7.630  1.00 15.42 ? 91  PHE A O   1 
ATOM   695  C  CB  . PHE A 1 91  ? -0.542  -13.835 -5.313  1.00 15.41 ? 91  PHE A CB  1 
ATOM   696  C  CG  . PHE A 1 91  ? 0.396   -13.497 -4.198  1.00 15.32 ? 91  PHE A CG  1 
ATOM   697  C  CD1 . PHE A 1 91  ? 0.043   -12.548 -3.250  1.00 15.39 ? 91  PHE A CD1 1 
ATOM   698  C  CD2 . PHE A 1 91  ? 1.664   -14.076 -4.132  1.00 15.43 ? 91  PHE A CD2 1 
ATOM   699  C  CE1 . PHE A 1 91  ? 0.934   -12.176 -2.259  1.00 15.45 ? 91  PHE A CE1 1 
ATOM   700  C  CE2 . PHE A 1 91  ? 2.562   -13.705 -3.141  1.00 15.55 ? 91  PHE A CE2 1 
ATOM   701  C  CZ  . PHE A 1 91  ? 2.194   -12.752 -2.205  1.00 15.55 ? 91  PHE A CZ  1 
ATOM   702  N  N   . GLY A 1 92  ? 1.812   -11.931 -6.321  1.00 15.19 ? 92  GLY A N   1 
ATOM   703  C  CA  . GLY A 1 92  ? 3.250   -11.813 -6.486  1.00 15.02 ? 92  GLY A CA  1 
ATOM   704  C  C   . GLY A 1 92  ? 3.849   -11.077 -7.661  1.00 14.74 ? 92  GLY A C   1 
ATOM   705  O  O   . GLY A 1 92  ? 5.071   -10.968 -7.731  1.00 14.74 ? 92  GLY A O   1 
ATOM   706  N  N   . THR A 1 93  ? 3.025   -10.622 -8.600  1.00 14.51 ? 93  THR A N   1 
ATOM   707  C  CA  . THR A 1 93  ? 3.539   -9.894  -9.753  1.00 14.25 ? 93  THR A CA  1 
ATOM   708  C  C   . THR A 1 93  ? 2.996   -8.479  -9.780  1.00 13.99 ? 93  THR A C   1 
ATOM   709  O  O   . THR A 1 93  ? 1.784   -8.259  -9.699  1.00 13.61 ? 93  THR A O   1 
ATOM   710  C  CB  . THR A 1 93  ? 3.196   -10.586 -11.080 1.00 14.39 ? 93  THR A CB  1 
ATOM   711  O  OG1 . THR A 1 93  ? 3.690   -11.931 -11.054 1.00 14.86 ? 93  THR A OG1 1 
ATOM   712  C  CG2 . THR A 1 93  ? 3.853   -9.845  -12.244 1.00 14.50 ? 93  THR A CG2 1 
ATOM   713  N  N   . VAL A 1 94  ? 3.912   -7.520  -9.848  1.00 13.86 ? 94  VAL A N   1 
ATOM   714  C  CA  . VAL A 1 94  ? 3.551   -6.111  -9.894  1.00 14.00 ? 94  VAL A CA  1 
ATOM   715  C  C   . VAL A 1 94  ? 4.066   -5.500  -11.190 1.00 14.28 ? 94  VAL A C   1 
ATOM   716  O  O   . VAL A 1 94  ? 5.222   -5.701  -11.574 1.00 14.18 ? 94  VAL A O   1 
ATOM   717  C  CB  . VAL A 1 94  ? 4.136   -5.336  -8.696  1.00 13.77 ? 94  VAL A CB  1 
ATOM   718  C  CG1 . VAL A 1 94  ? 3.732   -3.863  -8.773  1.00 13.86 ? 94  VAL A CG1 1 
ATOM   719  C  CG2 . VAL A 1 94  ? 3.651   -5.951  -7.394  1.00 13.78 ? 94  VAL A CG2 1 
ATOM   720  N  N   . TYR A 1 95  ? 3.187   -4.768  -11.867 1.00 14.60 ? 95  TYR A N   1 
ATOM   721  C  CA  . TYR A 1 95  ? 3.525   -4.118  -13.125 1.00 15.15 ? 95  TYR A CA  1 
ATOM   722  C  C   . TYR A 1 95  ? 3.736   -2.629  -12.886 1.00 15.62 ? 95  TYR A C   1 
ATOM   723  O  O   . TYR A 1 95  ? 2.829   -1.932  -12.437 1.00 15.56 ? 95  TYR A O   1 
ATOM   724  C  CB  . TYR A 1 95  ? 2.406   -4.342  -14.141 1.00 14.94 ? 95  TYR A CB  1 
ATOM   725  C  CG  . TYR A 1 95  ? 2.124   -5.803  -14.411 1.00 14.92 ? 95  TYR A CG  1 
ATOM   726  C  CD1 . TYR A 1 95  ? 1.312   -6.545  -13.557 1.00 14.91 ? 95  TYR A CD1 1 
ATOM   727  C  CD2 . TYR A 1 95  ? 2.699   -6.451  -15.505 1.00 15.04 ? 95  TYR A CD2 1 
ATOM   728  C  CE1 . TYR A 1 95  ? 1.080   -7.904  -13.781 1.00 15.11 ? 95  TYR A CE1 1 
ATOM   729  C  CE2 . TYR A 1 95  ? 2.476   -7.805  -15.737 1.00 15.04 ? 95  TYR A CE2 1 
ATOM   730  C  CZ  . TYR A 1 95  ? 1.668   -8.523  -14.869 1.00 15.07 ? 95  TYR A CZ  1 
ATOM   731  O  OH  . TYR A 1 95  ? 1.455   -9.865  -15.083 1.00 15.10 ? 95  TYR A OH  1 
ATOM   732  N  N   . LEU A 1 96  ? 4.944   -2.153  -13.169 1.00 16.36 ? 96  LEU A N   1 
ATOM   733  C  CA  . LEU A 1 96  ? 5.281   -0.747  -12.970 1.00 17.19 ? 96  LEU A CA  1 
ATOM   734  C  C   . LEU A 1 96  ? 5.074   0.094   -14.221 1.00 17.95 ? 96  LEU A C   1 
ATOM   735  O  O   . LEU A 1 96  ? 5.378   -0.343  -15.333 1.00 18.20 ? 96  LEU A O   1 
ATOM   736  C  CB  . LEU A 1 96  ? 6.738   -0.607  -12.504 1.00 16.95 ? 96  LEU A CB  1 
ATOM   737  C  CG  . LEU A 1 96  ? 7.185   -1.295  -11.208 1.00 16.82 ? 96  LEU A CG  1 
ATOM   738  C  CD1 . LEU A 1 96  ? 6.155   -1.059  -10.116 1.00 16.62 ? 96  LEU A CD1 1 
ATOM   739  C  CD2 . LEU A 1 96  ? 7.388   -2.788  -11.432 1.00 16.73 ? 96  LEU A CD2 1 
ATOM   740  N  N   . CYS A 1 97  ? 4.572   1.311   -14.029 1.00 18.95 ? 97  CYS A N   1 
ATOM   741  C  CA  . CYS A 1 97  ? 4.340   2.230   -15.134 1.00 19.90 ? 97  CYS A CA  1 
ATOM   742  C  C   . CYS A 1 97  ? 5.216   3.480   -14.995 1.00 20.08 ? 97  CYS A C   1 
ATOM   743  O  O   . CYS A 1 97  ? 6.083   3.544   -14.120 1.00 20.02 ? 97  CYS A O   1 
ATOM   744  C  CB  . CYS A 1 97  ? 2.859   2.604   -15.225 1.00 20.69 ? 97  CYS A CB  1 
ATOM   745  S  SG  . CYS A 1 97  ? 1.742   1.202   -15.571 1.00 21.94 ? 97  CYS A SG  1 
ATOM   746  N  N   . GLY A 1 98  ? 4.949   4.481   -15.833 1.00 20.39 ? 98  GLY A N   1 
ATOM   747  C  CA  . GLY A 1 98  ? 5.723   5.714   -15.846 1.00 20.53 ? 98  GLY A CA  1 
ATOM   748  C  C   . GLY A 1 98  ? 5.905   6.525   -14.574 1.00 20.62 ? 98  GLY A C   1 
ATOM   749  O  O   . GLY A 1 98  ? 7.030   6.912   -14.251 1.00 20.66 ? 98  GLY A O   1 
ATOM   750  N  N   . ALA A 1 99  ? 4.814   6.797   -13.862 1.00 20.59 ? 99  ALA A N   1 
ATOM   751  C  CA  . ALA A 1 99  ? 4.870   7.587   -12.632 1.00 20.64 ? 99  ALA A CA  1 
ATOM   752  C  C   . ALA A 1 99  ? 5.703   6.952   -11.522 1.00 20.51 ? 99  ALA A C   1 
ATOM   753  O  O   . ALA A 1 99  ? 6.166   7.640   -10.617 1.00 20.69 ? 99  ALA A O   1 
ATOM   754  C  CB  . ALA A 1 99  ? 3.459   7.879   -12.128 1.00 20.74 ? 99  ALA A CB  1 
ATOM   755  N  N   . PHE A 1 100 ? 5.892   5.638   -11.592 1.00 20.34 ? 100 PHE A N   1 
ATOM   756  C  CA  . PHE A 1 100 ? 6.665   4.928   -10.583 1.00 20.10 ? 100 PHE A CA  1 
ATOM   757  C  C   . PHE A 1 100 ? 8.119   5.401   -10.539 1.00 20.10 ? 100 PHE A C   1 
ATOM   758  O  O   . PHE A 1 100 ? 8.694   5.563   -9.465  1.00 19.91 ? 100 PHE A O   1 
ATOM   759  C  CB  . PHE A 1 100 ? 6.613   3.419   -10.847 1.00 19.86 ? 100 PHE A CB  1 
ATOM   760  C  CG  . PHE A 1 100 ? 7.105   2.582   -9.699  1.00 19.60 ? 100 PHE A CG  1 
ATOM   761  C  CD1 . PHE A 1 100 ? 6.261   2.270   -8.636  1.00 19.43 ? 100 PHE A CD1 1 
ATOM   762  C  CD2 . PHE A 1 100 ? 8.409   2.097   -9.682  1.00 19.43 ? 100 PHE A CD2 1 
ATOM   763  C  CE1 . PHE A 1 100 ? 6.711   1.486   -7.577  1.00 19.43 ? 100 PHE A CE1 1 
ATOM   764  C  CE2 . PHE A 1 100 ? 8.869   1.315   -8.628  1.00 19.36 ? 100 PHE A CE2 1 
ATOM   765  C  CZ  . PHE A 1 100 ? 8.018   1.007   -7.572  1.00 19.39 ? 100 PHE A CZ  1 
ATOM   766  N  N   . TRP A 1 101 ? 8.695   5.653   -11.709 1.00 20.20 ? 101 TRP A N   1 
ATOM   767  C  CA  . TRP A 1 101 ? 10.087  6.086   -11.799 1.00 20.36 ? 101 TRP A CA  1 
ATOM   768  C  C   . TRP A 1 101 ? 10.315  7.543   -11.417 1.00 20.52 ? 101 TRP A C   1 
ATOM   769  O  O   . TRP A 1 101 ? 11.453  7.968   -11.237 1.00 20.71 ? 101 TRP A O   1 
ATOM   770  C  CB  . TRP A 1 101 ? 10.630  5.785   -13.197 1.00 20.29 ? 101 TRP A CB  1 
ATOM   771  C  CG  . TRP A 1 101 ? 10.313  4.383   -13.591 1.00 20.27 ? 101 TRP A CG  1 
ATOM   772  C  CD1 . TRP A 1 101 ? 9.503   3.980   -14.617 1.00 20.36 ? 101 TRP A CD1 1 
ATOM   773  C  CD2 . TRP A 1 101 ? 10.681  3.195   -12.879 1.00 20.15 ? 101 TRP A CD2 1 
ATOM   774  N  NE1 . TRP A 1 101 ? 9.330   2.617   -14.574 1.00 20.19 ? 101 TRP A NE1 1 
ATOM   775  C  CE2 . TRP A 1 101 ? 10.041  2.111   -13.517 1.00 20.19 ? 101 TRP A CE2 1 
ATOM   776  C  CE3 . TRP A 1 101 ? 11.483  2.943   -11.755 1.00 20.16 ? 101 TRP A CE3 1 
ATOM   777  C  CZ2 . TRP A 1 101 ? 10.174  0.792   -13.067 1.00 20.15 ? 101 TRP A CZ2 1 
ATOM   778  C  CZ3 . TRP A 1 101 ? 11.615  1.634   -11.308 1.00 20.01 ? 101 TRP A CZ3 1 
ATOM   779  C  CH2 . TRP A 1 101 ? 10.962  0.575   -11.964 1.00 20.06 ? 101 TRP A CH2 1 
ATOM   780  N  N   . LYS A 1 102 ? 9.230   8.298   -11.279 1.00 20.73 ? 102 LYS A N   1 
ATOM   781  C  CA  . LYS A 1 102 ? 9.312   9.705   -10.899 1.00 20.76 ? 102 LYS A CA  1 
ATOM   782  C  C   . LYS A 1 102 ? 8.993   9.881   -9.413  1.00 20.55 ? 102 LYS A C   1 
ATOM   783  O  O   . LYS A 1 102 ? 9.011   10.995  -8.888  1.00 20.71 ? 102 LYS A O   1 
ATOM   784  C  CB  . LYS A 1 102 ? 8.342   10.536  -11.744 1.00 21.31 ? 102 LYS A CB  1 
ATOM   785  C  CG  . LYS A 1 102 ? 8.629   10.483  -13.237 1.00 21.81 ? 102 LYS A CG  1 
ATOM   786  C  CD  . LYS A 1 102 ? 7.634   11.299  -14.049 1.00 22.44 ? 102 LYS A CD  1 
ATOM   787  C  CE  . LYS A 1 102 ? 6.240   10.683  -14.029 1.00 22.69 ? 102 LYS A CE  1 
ATOM   788  N  NZ  . LYS A 1 102 ? 5.309   11.382  -14.960 1.00 23.11 ? 102 LYS A NZ  1 
ATOM   789  N  N   . ALA A 1 103 ? 8.715   8.769   -8.740  1.00 20.03 ? 103 ALA A N   1 
ATOM   790  C  CA  . ALA A 1 103 ? 8.376   8.779   -7.323  1.00 19.65 ? 103 ALA A CA  1 
ATOM   791  C  C   . ALA A 1 103 ? 9.581   8.443   -6.450  1.00 19.29 ? 103 ALA A C   1 
ATOM   792  O  O   . ALA A 1 103 ? 10.453  7.674   -6.856  1.00 19.43 ? 103 ALA A O   1 
ATOM   793  C  CB  . ALA A 1 103 ? 7.245   7.786   -7.062  1.00 19.56 ? 103 ALA A CB  1 
ATOM   794  N  N   . PRO A 1 104 ? 9.666   9.046   -5.251  1.00 18.97 ? 104 PRO A N   1 
ATOM   795  C  CA  . PRO A 1 104 ? 10.785  8.774   -4.341  1.00 18.63 ? 104 PRO A CA  1 
ATOM   796  C  C   . PRO A 1 104 ? 10.662  7.360   -3.771  1.00 18.27 ? 104 PRO A C   1 
ATOM   797  O  O   . PRO A 1 104 ? 9.573   6.782   -3.771  1.00 18.08 ? 104 PRO A O   1 
ATOM   798  C  CB  . PRO A 1 104 ? 10.603  9.834   -3.256  1.00 18.75 ? 104 PRO A CB  1 
ATOM   799  C  CG  . PRO A 1 104 ? 9.114   10.021  -3.221  1.00 18.90 ? 104 PRO A CG  1 
ATOM   800  C  CD  . PRO A 1 104 ? 8.774   10.074  -4.688  1.00 18.96 ? 104 PRO A CD  1 
ATOM   801  N  N   . THR A 1 105 ? 11.774  6.799   -3.304  1.00 17.78 ? 105 THR A N   1 
ATOM   802  C  CA  . THR A 1 105 ? 11.770  5.448   -2.744  1.00 17.29 ? 105 THR A CA  1 
ATOM   803  C  C   . THR A 1 105 ? 10.790  5.352   -1.577  1.00 16.82 ? 105 THR A C   1 
ATOM   804  O  O   . THR A 1 105 ? 9.972   4.433   -1.512  1.00 16.66 ? 105 THR A O   1 
ATOM   805  C  CB  . THR A 1 105 ? 13.173  5.028   -2.270  1.00 17.65 ? 105 THR A CB  1 
ATOM   806  O  OG1 . THR A 1 105 ? 14.101  5.156   -3.355  1.00 17.92 ? 105 THR A OG1 1 
ATOM   807  C  CG2 . THR A 1 105 ? 13.162  3.580   -1.795  1.00 17.85 ? 105 THR A CG2 1 
ATOM   808  N  N   . THR A 1 106 ? 10.876  6.315   -0.665  1.00 16.27 ? 106 THR A N   1 
ATOM   809  C  CA  . THR A 1 106 ? 9.995   6.356   0.494   1.00 15.67 ? 106 THR A CA  1 
ATOM   810  C  C   . THR A 1 106 ? 9.341   7.725   0.595   1.00 15.28 ? 106 THR A C   1 
ATOM   811  O  O   . THR A 1 106 ? 9.775   8.682   -0.050  1.00 15.08 ? 106 THR A O   1 
ATOM   812  C  CB  . THR A 1 106 ? 10.751  6.041   1.800   1.00 15.88 ? 106 THR A CB  1 
ATOM   813  O  OG1 . THR A 1 106 ? 11.834  6.965   1.969   1.00 16.20 ? 106 THR A OG1 1 
ATOM   814  C  CG2 . THR A 1 106 ? 11.295  4.616   1.767   1.00 16.06 ? 106 THR A CG2 1 
ATOM   815  N  N   . GLY A 1 107 ? 8.275   7.798   1.386   1.00 14.63 ? 107 GLY A N   1 
ATOM   816  C  CA  . GLY A 1 107 ? 7.553   9.047   1.555   1.00 14.29 ? 107 GLY A CA  1 
ATOM   817  C  C   . GLY A 1 107 ? 6.162   8.953   0.959   1.00 13.88 ? 107 GLY A C   1 
ATOM   818  O  O   . GLY A 1 107 ? 5.667   7.858   0.696   1.00 13.82 ? 107 GLY A O   1 
ATOM   819  N  N   . THR A 1 108 ? 5.526   10.099  0.742   1.00 13.53 ? 108 THR A N   1 
ATOM   820  C  CA  . THR A 1 108 ? 4.183   10.133  0.173   1.00 13.39 ? 108 THR A CA  1 
ATOM   821  C  C   . THR A 1 108 ? 4.190   9.787   -1.308  1.00 13.43 ? 108 THR A C   1 
ATOM   822  O  O   . THR A 1 108 ? 5.015   10.299  -2.064  1.00 13.43 ? 108 THR A O   1 
ATOM   823  C  CB  . THR A 1 108 ? 3.535   11.510  0.379   1.00 13.31 ? 108 THR A CB  1 
ATOM   824  O  OG1 . THR A 1 108 ? 3.487   11.789  1.780   1.00 13.08 ? 108 THR A OG1 1 
ATOM   825  C  CG2 . THR A 1 108 ? 2.116   11.527  -0.174  1.00 13.23 ? 108 THR A CG2 1 
ATOM   826  N  N   . ASP A 1 109 ? 3.263   8.915   -1.709  1.00 13.38 ? 109 ASP A N   1 
ATOM   827  C  CA  . ASP A 1 109 ? 3.151   8.463   -3.097  1.00 13.59 ? 109 ASP A CA  1 
ATOM   828  C  C   . ASP A 1 109 ? 4.515   7.975   -3.575  1.00 13.24 ? 109 ASP A C   1 
ATOM   829  O  O   . ASP A 1 109 ? 4.954   8.264   -4.693  1.00 13.30 ? 109 ASP A O   1 
ATOM   830  C  CB  . ASP A 1 109 ? 2.633   9.589   -4.001  1.00 14.18 ? 109 ASP A CB  1 
ATOM   831  C  CG  . ASP A 1 109 ? 1.156   9.883   -3.789  1.00 15.07 ? 109 ASP A CG  1 
ATOM   832  O  OD1 . ASP A 1 109 ? 0.415   8.985   -3.337  1.00 15.36 ? 109 ASP A OD1 1 
ATOM   833  O  OD2 . ASP A 1 109 ? 0.726   11.013  -4.110  1.00 15.95 ? 109 ASP A OD2 1 
ATOM   834  N  N   . SER A 1 110 ? 5.187   7.247   -2.693  1.00 12.94 ? 110 SER A N   1 
ATOM   835  C  CA  . SER A 1 110 ? 6.510   6.712   -2.967  1.00 12.43 ? 110 SER A CA  1 
ATOM   836  C  C   . SER A 1 110 ? 6.452   5.366   -3.657  1.00 12.39 ? 110 SER A C   1 
ATOM   837  O  O   . SER A 1 110 ? 5.390   4.763   -3.775  1.00 12.02 ? 110 SER A O   1 
ATOM   838  C  CB  . SER A 1 110 ? 7.282   6.565   -1.660  1.00 12.49 ? 110 SER A CB  1 
ATOM   839  O  OG  . SER A 1 110 ? 6.622   5.681   -0.766  1.00 12.29 ? 110 SER A OG  1 
ATOM   840  N  N   . GLN A 1 111 ? 7.613   4.899   -4.102  1.00 12.28 ? 111 GLN A N   1 
ATOM   841  C  CA  . GLN A 1 111 ? 7.707   3.607   -4.769  1.00 12.22 ? 111 GLN A CA  1 
ATOM   842  C  C   . GLN A 1 111 ? 7.378   2.511   -3.767  1.00 11.82 ? 111 GLN A C   1 
ATOM   843  O  O   . GLN A 1 111 ? 6.654   1.562   -4.080  1.00 11.83 ? 111 GLN A O   1 
ATOM   844  C  CB  . GLN A 1 111 ? 9.117   3.405   -5.318  1.00 12.55 ? 111 GLN A CB  1 
ATOM   845  C  CG  . GLN A 1 111 ? 9.482   4.358   -6.442  1.00 13.37 ? 111 GLN A CG  1 
ATOM   846  C  CD  . GLN A 1 111 ? 10.897  4.149   -6.925  1.00 13.79 ? 111 GLN A CD  1 
ATOM   847  O  OE1 . GLN A 1 111 ? 11.733  3.622   -6.198  1.00 14.69 ? 111 GLN A OE1 1 
ATOM   848  N  NE2 . GLN A 1 111 ? 11.169  4.546   -8.163  1.00 14.08 ? 111 GLN A NE2 1 
ATOM   849  N  N   . ALA A 1 112 ? 7.921   2.647   -2.558  1.00 11.47 ? 112 ALA A N   1 
ATOM   850  C  CA  . ALA A 1 112 ? 7.682   1.685   -1.490  1.00 11.07 ? 112 ALA A CA  1 
ATOM   851  C  C   . ALA A 1 112 ? 6.201   1.684   -1.124  1.00 10.76 ? 112 ALA A C   1 
ATOM   852  O  O   . ALA A 1 112 ? 5.599   0.626   -0.945  1.00 10.85 ? 112 ALA A O   1 
ATOM   853  C  CB  . ALA A 1 112 ? 8.519   2.035   -0.272  1.00 11.08 ? 112 ALA A CB  1 
ATOM   854  N  N   . GLY A 1 113 ? 5.631   2.880   -1.011  1.00 10.45 ? 113 GLY A N   1 
ATOM   855  C  CA  . GLY A 1 113 ? 4.224   3.014   -0.675  1.00 10.09 ? 113 GLY A CA  1 
ATOM   856  C  C   . GLY A 1 113 ? 3.333   2.445   -1.761  1.00 9.95  ? 113 GLY A C   1 
ATOM   857  O  O   . GLY A 1 113 ? 2.271   1.890   -1.475  1.00 9.86  ? 113 GLY A O   1 
ATOM   858  N  N   . THR A 1 114 ? 3.754   2.593   -3.014  1.00 9.67  ? 114 THR A N   1 
ATOM   859  C  CA  . THR A 1 114 ? 2.986   2.073   -4.140  1.00 9.85  ? 114 THR A CA  1 
ATOM   860  C  C   . THR A 1 114 ? 2.934   0.550   -4.063  1.00 9.69  ? 114 THR A C   1 
ATOM   861  O  O   . THR A 1 114 ? 1.909   -0.055  -4.368  1.00 9.59  ? 114 THR A O   1 
ATOM   862  C  CB  . THR A 1 114 ? 3.591   2.518   -5.490  1.00 10.03 ? 114 THR A CB  1 
ATOM   863  O  OG1 . THR A 1 114 ? 3.427   3.932   -5.635  1.00 10.74 ? 114 THR A OG1 1 
ATOM   864  C  CG2 . THR A 1 114 ? 2.893   1.821   -6.659  1.00 10.30 ? 114 THR A CG2 1 
ATOM   865  N  N   . LEU A 1 115 ? 4.038   -0.071  -3.652  1.00 9.75  ? 115 LEU A N   1 
ATOM   866  C  CA  . LEU A 1 115 ? 4.064   -1.527  -3.515  1.00 9.90  ? 115 LEU A CA  1 
ATOM   867  C  C   . LEU A 1 115 ? 3.112   -1.987  -2.406  1.00 9.87  ? 115 LEU A C   1 
ATOM   868  O  O   . LEU A 1 115 ? 2.518   -3.061  -2.501  1.00 9.81  ? 115 LEU A O   1 
ATOM   869  C  CB  . LEU A 1 115 ? 5.486   -2.033  -3.263  1.00 9.91  ? 115 LEU A CB  1 
ATOM   870  C  CG  . LEU A 1 115 ? 6.474   -1.707  -4.385  1.00 9.90  ? 115 LEU A CG  1 
ATOM   871  C  CD1 . LEU A 1 115 ? 7.825   -2.312  -4.067  1.00 10.29 ? 115 LEU A CD1 1 
ATOM   872  C  CD2 . LEU A 1 115 ? 5.956   -2.232  -5.721  1.00 10.24 ? 115 LEU A CD2 1 
ATOM   873  N  N   . VAL A 1 116 ? 2.966   -1.182  -1.352  1.00 9.83  ? 116 VAL A N   1 
ATOM   874  C  CA  . VAL A 1 116 ? 2.040   -1.523  -0.268  1.00 10.01 ? 116 VAL A CA  1 
ATOM   875  C  C   . VAL A 1 116 ? 0.620   -1.459  -0.842  1.00 10.04 ? 116 VAL A C   1 
ATOM   876  O  O   . VAL A 1 116 ? -0.201  -2.351  -0.609  1.00 10.45 ? 116 VAL A O   1 
ATOM   877  C  CB  . VAL A 1 116 ? 2.158   -0.541  0.929   1.00 9.95  ? 116 VAL A CB  1 
ATOM   878  C  CG1 . VAL A 1 116 ? 1.034   -0.792  1.936   1.00 10.11 ? 116 VAL A CG1 1 
ATOM   879  C  CG2 . VAL A 1 116 ? 3.510   -0.704  1.611   1.00 10.39 ? 116 VAL A CG2 1 
ATOM   880  N  N   . HIS A 1 117 ? 0.358   -0.396  -1.597  1.00 9.99  ? 117 HIS A N   1 
ATOM   881  C  CA  . HIS A 1 117 ? -0.927  -0.165  -2.255  1.00 9.84  ? 117 HIS A CA  1 
ATOM   882  C  C   . HIS A 1 117 ? -1.268  -1.370  -3.131  1.00 9.84  ? 117 HIS A C   1 
ATOM   883  O  O   . HIS A 1 117 ? -2.327  -1.975  -2.990  1.00 9.61  ? 117 HIS A O   1 
ATOM   884  C  CB  . HIS A 1 117 ? -0.825  1.109   -3.118  1.00 9.92  ? 117 HIS A CB  1 
ATOM   885  C  CG  . HIS A 1 117 ? -2.032  1.390   -3.963  1.00 9.99  ? 117 HIS A CG  1 
ATOM   886  N  ND1 . HIS A 1 117 ? -2.749  2.565   -3.911  1.00 9.90  ? 117 HIS A ND1 1 
ATOM   887  C  CD2 . HIS A 1 117 ? -2.614  0.652   -4.943  1.00 10.03 ? 117 HIS A CD2 1 
ATOM   888  C  CE1 . HIS A 1 117 ? -3.714  2.507   -4.839  1.00 10.18 ? 117 HIS A CE1 1 
ATOM   889  N  NE2 . HIS A 1 117 ? -3.676  1.362   -5.491  1.00 10.05 ? 117 HIS A NE2 1 
ATOM   890  N  N   . GLU A 1 118 ? -0.336  -1.747  -4.002  1.00 9.93  ? 118 GLU A N   1 
ATOM   891  C  CA  . GLU A 1 118 ? -0.563  -2.863  -4.907  1.00 10.35 ? 118 GLU A CA  1 
ATOM   892  C  C   . GLU A 1 118 ? -0.689  -4.198  -4.187  1.00 10.44 ? 118 GLU A C   1 
ATOM   893  O  O   . GLU A 1 118 ? -1.503  -5.037  -4.566  1.00 10.44 ? 118 GLU A O   1 
ATOM   894  C  CB  . GLU A 1 118 ? 0.539   -2.924  -5.971  1.00 10.72 ? 118 GLU A CB  1 
ATOM   895  C  CG  . GLU A 1 118 ? 0.612   -1.684  -6.854  1.00 11.69 ? 118 GLU A CG  1 
ATOM   896  C  CD  . GLU A 1 118 ? -0.700  -1.362  -7.563  1.00 12.08 ? 118 GLU A CD  1 
ATOM   897  O  OE1 . GLU A 1 118 ? -1.489  -2.291  -7.858  1.00 12.44 ? 118 GLU A OE1 1 
ATOM   898  O  OE2 . GLU A 1 118 ? -0.933  -0.164  -7.840  1.00 12.92 ? 118 GLU A OE2 1 
ATOM   899  N  N   . SER A 1 119 ? 0.118   -4.401  -3.150  1.00 10.41 ? 119 SER A N   1 
ATOM   900  C  CA  . SER A 1 119 ? 0.058   -5.644  -2.390  1.00 10.32 ? 119 SER A CA  1 
ATOM   901  C  C   . SER A 1 119 ? -1.331  -5.829  -1.771  1.00 10.02 ? 119 SER A C   1 
ATOM   902  O  O   . SER A 1 119 ? -1.874  -6.932  -1.768  1.00 9.85  ? 119 SER A O   1 
ATOM   903  C  CB  . SER A 1 119 ? 1.118   -5.648  -1.287  1.00 10.66 ? 119 SER A CB  1 
ATOM   904  O  OG  . SER A 1 119 ? 1.123   -6.874  -0.579  1.00 11.42 ? 119 SER A OG  1 
ATOM   905  N  N   . SER A 1 120 ? -1.919  -4.737  -1.291  1.00 9.81  ? 120 SER A N   1 
ATOM   906  C  CA  . SER A 1 120 ? -3.234  -4.807  -0.665  1.00 9.52  ? 120 SER A CA  1 
ATOM   907  C  C   . SER A 1 120 ? -4.321  -5.252  -1.639  1.00 9.33  ? 120 SER A C   1 
ATOM   908  O  O   . SER A 1 120 ? -5.369  -5.730  -1.220  1.00 9.12  ? 120 SER A O   1 
ATOM   909  C  CB  . SER A 1 120 ? -3.607  -3.468  -0.004  1.00 9.65  ? 120 SER A CB  1 
ATOM   910  O  OG  . SER A 1 120 ? -4.002  -2.482  -0.945  1.00 9.96  ? 120 SER A OG  1 
ATOM   911  N  N   . HIS A 1 121 ? -4.059  -5.092  -2.935  1.00 9.15  ? 121 HIS A N   1 
ATOM   912  C  CA  . HIS A 1 121 ? -5.009  -5.485  -3.970  1.00 9.34  ? 121 HIS A CA  1 
ATOM   913  C  C   . HIS A 1 121 ? -5.144  -6.991  -4.138  1.00 9.43  ? 121 HIS A C   1 
ATOM   914  O  O   . HIS A 1 121 ? -6.196  -7.473  -4.569  1.00 9.47  ? 121 HIS A O   1 
ATOM   915  C  CB  . HIS A 1 121 ? -4.623  -4.867  -5.312  1.00 8.99  ? 121 HIS A CB  1 
ATOM   916  C  CG  . HIS A 1 121 ? -5.110  -3.465  -5.498  1.00 8.69  ? 121 HIS A CG  1 
ATOM   917  N  ND1 . HIS A 1 121 ? -6.351  -3.018  -5.100  1.00 8.73  ? 121 HIS A ND1 1 
ATOM   918  C  CD2 . HIS A 1 121 ? -4.507  -2.402  -6.084  1.00 8.72  ? 121 HIS A CD2 1 
ATOM   919  C  CE1 . HIS A 1 121 ? -6.457  -1.731  -5.452  1.00 8.77  ? 121 HIS A CE1 1 
ATOM   920  N  NE2 . HIS A 1 121 ? -5.363  -1.310  -6.055  1.00 8.87  ? 121 HIS A NE2 1 
ATOM   921  N  N   . PHE A 1 122 ? -4.082  -7.735  -3.840  1.00 9.71  ? 122 PHE A N   1 
ATOM   922  C  CA  . PHE A 1 122 ? -4.136  -9.190  -3.984  1.00 10.28 ? 122 PHE A CA  1 
ATOM   923  C  C   . PHE A 1 122 ? -5.215  -9.766  -3.078  1.00 10.78 ? 122 PHE A C   1 
ATOM   924  O  O   . PHE A 1 122 ? -5.326  -9.379  -1.918  1.00 10.61 ? 122 PHE A O   1 
ATOM   925  C  CB  . PHE A 1 122 ? -2.779  -9.826  -3.664  1.00 10.00 ? 122 PHE A CB  1 
ATOM   926  C  CG  . PHE A 1 122 ? -1.686  -9.442  -4.617  1.00 10.15 ? 122 PHE A CG  1 
ATOM   927  C  CD1 . PHE A 1 122 ? -0.471  -8.952  -4.141  1.00 10.15 ? 122 PHE A CD1 1 
ATOM   928  C  CD2 . PHE A 1 122 ? -1.866  -9.566  -5.992  1.00 10.06 ? 122 PHE A CD2 1 
ATOM   929  C  CE1 . PHE A 1 122 ? 0.546   -8.592  -5.015  1.00 10.21 ? 122 PHE A CE1 1 
ATOM   930  C  CE2 . PHE A 1 122 ? -0.856  -9.210  -6.877  1.00 10.33 ? 122 PHE A CE2 1 
ATOM   931  C  CZ  . PHE A 1 122 ? 0.355   -8.721  -6.389  1.00 10.34 ? 122 PHE A CZ  1 
ATOM   932  N  N   . THR A 1 123 ? -6.024  -10.673 -3.620  1.00 11.43 ? 123 THR A N   1 
ATOM   933  C  CA  . THR A 1 123 ? -7.104  -11.291 -2.854  1.00 12.33 ? 123 THR A CA  1 
ATOM   934  C  C   . THR A 1 123 ? -6.595  -11.987 -1.594  1.00 12.56 ? 123 THR A C   1 
ATOM   935  O  O   . THR A 1 123 ? -7.254  -11.952 -0.556  1.00 12.74 ? 123 THR A O   1 
ATOM   936  C  CB  . THR A 1 123 ? -7.928  -12.277 -3.716  1.00 12.59 ? 123 THR A CB  1 
ATOM   937  O  OG1 . THR A 1 123 ? -7.082  -13.329 -4.194  1.00 13.13 ? 123 THR A OG1 1 
ATOM   938  C  CG2 . THR A 1 123 ? -8.540  -11.547 -4.905  1.00 12.75 ? 123 THR A CG2 1 
ATOM   939  N  N   . ARG A 1 124 ? -5.404  -12.577 -1.677  1.00 13.01 ? 124 ARG A N   1 
ATOM   940  C  CA  . ARG A 1 124 ? -4.794  -13.262 -0.541  1.00 13.50 ? 124 ARG A CA  1 
ATOM   941  C  C   . ARG A 1 124 ? -4.553  -12.296 0.627   1.00 13.35 ? 124 ARG A C   1 
ATOM   942  O  O   . ARG A 1 124 ? -4.581  -12.699 1.788   1.00 13.38 ? 124 ARG A O   1 
ATOM   943  C  CB  . ARG A 1 124 ? -3.458  -13.884 -0.962  1.00 14.36 ? 124 ARG A CB  1 
ATOM   944  C  CG  . ARG A 1 124 ? -2.670  -14.505 0.182   1.00 15.47 ? 124 ARG A CG  1 
ATOM   945  C  CD  . ARG A 1 124 ? -1.247  -14.796 -0.233  1.00 16.28 ? 124 ARG A CD  1 
ATOM   946  N  NE  . ARG A 1 124 ? -1.198  -15.590 -1.456  1.00 16.99 ? 124 ARG A NE  1 
ATOM   947  C  CZ  . ARG A 1 124 ? -0.085  -16.081 -1.990  1.00 17.16 ? 124 ARG A CZ  1 
ATOM   948  N  NH1 . ARG A 1 124 ? 1.086   -15.867 -1.408  1.00 17.52 ? 124 ARG A NH1 1 
ATOM   949  N  NH2 . ARG A 1 124 ? -0.147  -16.783 -3.113  1.00 17.39 ? 124 ARG A NH2 1 
ATOM   950  N  N   . ASN A 1 125 ? -4.339  -11.022 0.303   1.00 13.02 ? 125 ASN A N   1 
ATOM   951  C  CA  . ASN A 1 125 ? -4.067  -9.983  1.297   1.00 12.84 ? 125 ASN A CA  1 
ATOM   952  C  C   . ASN A 1 125 ? -5.267  -9.143  1.727   1.00 12.76 ? 125 ASN A C   1 
ATOM   953  O  O   . ASN A 1 125 ? -5.125  -8.236  2.551   1.00 12.97 ? 125 ASN A O   1 
ATOM   954  C  CB  . ASN A 1 125 ? -2.960  -9.055  0.786   1.00 12.77 ? 125 ASN A CB  1 
ATOM   955  C  CG  . ASN A 1 125 ? -1.630  -9.764  0.634   1.00 12.68 ? 125 ASN A CG  1 
ATOM   956  O  OD1 . ASN A 1 125 ? -1.327  -10.699 1.371   1.00 12.90 ? 125 ASN A OD1 1 
ATOM   957  N  ND2 . ASN A 1 125 ? -0.819  -9.309  -0.312  1.00 12.84 ? 125 ASN A ND2 1 
ATOM   958  N  N   . GLY A 1 126 ? -6.432  -9.404  1.145   1.00 12.75 ? 126 GLY A N   1 
ATOM   959  C  CA  . GLY A 1 126 ? -7.614  -8.642  1.513   1.00 12.46 ? 126 GLY A CA  1 
ATOM   960  C  C   . GLY A 1 126 ? -8.411  -8.137  0.327   1.00 12.30 ? 126 GLY A C   1 
ATOM   961  O  O   . GLY A 1 126 ? -9.562  -7.733  0.479   1.00 12.59 ? 126 GLY A O   1 
ATOM   962  N  N   . GLY A 1 127 ? -7.783  -8.124  -0.846  1.00 12.02 ? 127 GLY A N   1 
ATOM   963  C  CA  . GLY A 1 127 ? -8.460  -7.682  -2.052  1.00 11.65 ? 127 GLY A CA  1 
ATOM   964  C  C   . GLY A 1 127 ? -9.058  -6.289  -2.000  1.00 11.51 ? 127 GLY A C   1 
ATOM   965  O  O   . GLY A 1 127 ? -10.244 -6.116  -2.270  1.00 11.57 ? 127 GLY A O   1 
ATOM   966  N  N   . THR A 1 128 ? -8.250  -5.297  -1.631  1.00 11.31 ? 128 THR A N   1 
ATOM   967  C  CA  . THR A 1 128 ? -8.723  -3.916  -1.575  1.00 11.22 ? 128 THR A CA  1 
ATOM   968  C  C   . THR A 1 128 ? -9.078  -3.439  -2.980  1.00 11.29 ? 128 THR A C   1 
ATOM   969  O  O   . THR A 1 128 ? -8.633  -4.010  -3.977  1.00 11.43 ? 128 THR A O   1 
ATOM   970  C  CB  . THR A 1 128 ? -7.646  -2.948  -1.031  1.00 10.90 ? 128 THR A CB  1 
ATOM   971  O  OG1 . THR A 1 128 ? -6.497  -2.981  -1.890  1.00 10.54 ? 128 THR A OG1 1 
ATOM   972  C  CG2 . THR A 1 128 ? -7.242  -3.324  0.394   1.00 11.08 ? 128 THR A CG2 1 
ATOM   973  N  N   . LYS A 1 129 ? -9.871  -2.378  -3.050  1.00 11.54 ? 129 LYS A N   1 
ATOM   974  C  CA  . LYS A 1 129 ? -10.269 -1.801  -4.324  1.00 11.95 ? 129 LYS A CA  1 
ATOM   975  C  C   . LYS A 1 129 ? -9.761  -0.365  -4.392  1.00 12.13 ? 129 LYS A C   1 
ATOM   976  O  O   . LYS A 1 129 ? -9.056  0.094   -3.491  1.00 11.94 ? 129 LYS A O   1 
ATOM   977  C  CB  . LYS A 1 129 ? -11.793 -1.823  -4.459  1.00 12.39 ? 129 LYS A CB  1 
ATOM   978  C  CG  . LYS A 1 129 ? -12.394 -3.213  -4.431  1.00 13.19 ? 129 LYS A CG  1 
ATOM   979  C  CD  . LYS A 1 129 ? -11.940 -4.042  -5.623  1.00 14.05 ? 129 LYS A CD  1 
ATOM   980  C  CE  . LYS A 1 129 ? -12.498 -5.451  -5.559  1.00 14.65 ? 129 LYS A CE  1 
ATOM   981  N  NZ  . LYS A 1 129 ? -13.985 -5.453  -5.506  1.00 15.48 ? 129 LYS A NZ  1 
ATOM   982  N  N   . ASP A 1 130 ? -10.100 0.332   -5.472  1.00 12.26 ? 130 ASP A N   1 
ATOM   983  C  CA  . ASP A 1 130 ? -9.688  1.718   -5.645  1.00 12.54 ? 130 ASP A CA  1 
ATOM   984  C  C   . ASP A 1 130 ? -10.895 2.652   -5.668  1.00 12.74 ? 130 ASP A C   1 
ATOM   985  O  O   . ASP A 1 130 ? -11.367 3.055   -6.733  1.00 13.14 ? 130 ASP A O   1 
ATOM   986  C  CB  . ASP A 1 130 ? -8.883  1.884   -6.937  1.00 12.62 ? 130 ASP A CB  1 
ATOM   987  C  CG  . ASP A 1 130 ? -7.535  1.202   -6.878  1.00 12.70 ? 130 ASP A CG  1 
ATOM   988  O  OD1 . ASP A 1 130 ? -6.770  1.475   -5.933  1.00 12.60 ? 130 ASP A OD1 1 
ATOM   989  O  OD2 . ASP A 1 130 ? -7.237  0.398   -7.783  1.00 13.40 ? 130 ASP A OD2 1 
ATOM   990  N  N   . TYR A 1 131 ? -11.405 2.970   -4.482  1.00 12.95 ? 131 TYR A N   1 
ATOM   991  C  CA  . TYR A 1 131 ? -12.553 3.863   -4.339  1.00 13.18 ? 131 TYR A CA  1 
ATOM   992  C  C   . TYR A 1 131 ? -12.129 5.326   -4.335  1.00 13.36 ? 131 TYR A C   1 
ATOM   993  O  O   . TYR A 1 131 ? -12.922 6.208   -4.665  1.00 13.70 ? 131 TYR A O   1 
ATOM   994  C  CB  . TYR A 1 131 ? -13.288 3.570   -3.031  1.00 13.28 ? 131 TYR A CB  1 
ATOM   995  C  CG  . TYR A 1 131 ? -13.914 2.204   -2.966  1.00 13.36 ? 131 TYR A CG  1 
ATOM   996  C  CD1 . TYR A 1 131 ? -13.377 1.205   -2.154  1.00 13.42 ? 131 TYR A CD1 1 
ATOM   997  C  CD2 . TYR A 1 131 ? -15.051 1.907   -3.716  1.00 13.60 ? 131 TYR A CD2 1 
ATOM   998  C  CE1 . TYR A 1 131 ? -13.955 -0.056  -2.092  1.00 13.54 ? 131 TYR A CE1 1 
ATOM   999  C  CE2 . TYR A 1 131 ? -15.637 0.650   -3.661  1.00 13.70 ? 131 TYR A CE2 1 
ATOM   1000 C  CZ  . TYR A 1 131 ? -15.086 -0.324  -2.850  1.00 13.70 ? 131 TYR A CZ  1 
ATOM   1001 O  OH  . TYR A 1 131 ? -15.670 -1.563  -2.800  1.00 13.95 ? 131 TYR A OH  1 
ATOM   1002 N  N   . ALA A 1 132 ? -10.884 5.578   -3.938  1.00 13.25 ? 132 ALA A N   1 
ATOM   1003 C  CA  . ALA A 1 132 ? -10.360 6.936   -3.865  1.00 13.16 ? 132 ALA A CA  1 
ATOM   1004 C  C   . ALA A 1 132 ? -8.850  6.971   -4.050  1.00 13.26 ? 132 ALA A C   1 
ATOM   1005 O  O   . ALA A 1 132 ? -8.140  6.064   -3.610  1.00 12.89 ? 132 ALA A O   1 
ATOM   1006 C  CB  . ALA A 1 132 ? -10.728 7.558   -2.527  1.00 13.36 ? 132 ALA A CB  1 
ATOM   1007 N  N   . TYR A 1 133 ? -8.377  8.024   -4.713  1.00 13.46 ? 133 TYR A N   1 
ATOM   1008 C  CA  . TYR A 1 133 ? -6.953  8.236   -4.966  1.00 13.79 ? 133 TYR A CA  1 
ATOM   1009 C  C   . TYR A 1 133 ? -6.503  9.549   -4.344  1.00 13.52 ? 133 TYR A C   1 
ATOM   1010 O  O   . TYR A 1 133 ? -7.224  10.545  -4.399  1.00 13.72 ? 133 TYR A O   1 
ATOM   1011 C  CB  . TYR A 1 133 ? -6.670  8.338   -6.463  1.00 14.45 ? 133 TYR A CB  1 
ATOM   1012 C  CG  . TYR A 1 133 ? -6.691  7.044   -7.234  1.00 15.30 ? 133 TYR A CG  1 
ATOM   1013 C  CD1 . TYR A 1 133 ? -7.265  6.992   -8.502  1.00 15.71 ? 133 TYR A CD1 1 
ATOM   1014 C  CD2 . TYR A 1 133 ? -6.106  5.884   -6.724  1.00 15.58 ? 133 TYR A CD2 1 
ATOM   1015 C  CE1 . TYR A 1 133 ? -7.257  5.830   -9.248  1.00 16.01 ? 133 TYR A CE1 1 
ATOM   1016 C  CE2 . TYR A 1 133 ? -6.093  4.707   -7.468  1.00 16.00 ? 133 TYR A CE2 1 
ATOM   1017 C  CZ  . TYR A 1 133 ? -6.671  4.695   -8.733  1.00 16.10 ? 133 TYR A CZ  1 
ATOM   1018 O  OH  . TYR A 1 133 ? -6.665  3.561   -9.502  1.00 16.58 ? 133 TYR A OH  1 
ATOM   1019 N  N   . GLY A 1 134 ? -5.283  9.567   -3.819  1.00 13.23 ? 134 GLY A N   1 
ATOM   1020 C  CA  . GLY A 1 134 ? -4.755  10.782  -3.224  1.00 12.99 ? 134 GLY A CA  1 
ATOM   1021 C  C   . GLY A 1 134 ? -5.137  10.964  -1.772  1.00 12.85 ? 134 GLY A C   1 
ATOM   1022 O  O   . GLY A 1 134 ? -6.187  10.490  -1.335  1.00 12.55 ? 134 GLY A O   1 
ATOM   1023 N  N   . GLN A 1 135 ? -4.289  11.672  -1.030  1.00 12.90 ? 135 GLN A N   1 
ATOM   1024 C  CA  . GLN A 1 135 ? -4.527  11.916  0.389   1.00 13.05 ? 135 GLN A CA  1 
ATOM   1025 C  C   . GLN A 1 135 ? -5.847  12.613  0.677   1.00 12.96 ? 135 GLN A C   1 
ATOM   1026 O  O   . GLN A 1 135 ? -6.575  12.203  1.577   1.00 12.98 ? 135 GLN A O   1 
ATOM   1027 C  CB  . GLN A 1 135 ? -3.382  12.719  1.006   1.00 13.34 ? 135 GLN A CB  1 
ATOM   1028 C  CG  . GLN A 1 135 ? -2.091  11.942  1.180   1.00 13.97 ? 135 GLN A CG  1 
ATOM   1029 C  CD  . GLN A 1 135 ? -1.246  12.480  2.319   1.00 14.36 ? 135 GLN A CD  1 
ATOM   1030 O  OE1 . GLN A 1 135 ? -1.598  13.478  2.954   1.00 15.07 ? 135 GLN A OE1 1 
ATOM   1031 N  NE2 . GLN A 1 135 ? -0.145  11.805  2.607   1.00 14.42 ? 135 GLN A NE2 1 
ATOM   1032 N  N   . ALA A 1 136 ? -6.154  13.661  -0.083  1.00 12.96 ? 136 ALA A N   1 
ATOM   1033 C  CA  . ALA A 1 136 ? -7.398  14.402  0.112   1.00 12.92 ? 136 ALA A CA  1 
ATOM   1034 C  C   . ALA A 1 136 ? -8.629  13.503  -0.007  1.00 12.86 ? 136 ALA A C   1 
ATOM   1035 O  O   . ALA A 1 136 ? -9.466  13.465  0.901   1.00 13.01 ? 136 ALA A O   1 
ATOM   1036 C  CB  . ALA A 1 136 ? -7.482  15.560  -0.872  1.00 13.08 ? 136 ALA A CB  1 
ATOM   1037 N  N   . ALA A 1 137 ? -8.728  12.765  -1.110  1.00 12.68 ? 137 ALA A N   1 
ATOM   1038 C  CA  . ALA A 1 137 ? -9.863  11.875  -1.333  1.00 12.54 ? 137 ALA A CA  1 
ATOM   1039 C  C   . ALA A 1 137 ? -9.883  10.704  -0.349  1.00 12.45 ? 137 ALA A C   1 
ATOM   1040 O  O   . ALA A 1 137 ? -10.949 10.271  0.085   1.00 12.23 ? 137 ALA A O   1 
ATOM   1041 C  CB  . ALA A 1 137 ? -9.875  11.371  -2.774  1.00 12.69 ? 137 ALA A CB  1 
ATOM   1042 N  N   . ALA A 1 138 ? -8.704  10.196  0.008   1.00 12.25 ? 138 ALA A N   1 
ATOM   1043 C  CA  . ALA A 1 138 ? -8.617  9.088   0.958   1.00 12.29 ? 138 ALA A CA  1 
ATOM   1044 C  C   . ALA A 1 138 ? -9.123  9.530   2.333   1.00 12.54 ? 138 ALA A C   1 
ATOM   1045 O  O   . ALA A 1 138 ? -9.866  8.804   2.997   1.00 12.19 ? 138 ALA A O   1 
ATOM   1046 C  CB  . ALA A 1 138 ? -7.178  8.575   1.047   1.00 12.18 ? 138 ALA A CB  1 
ATOM   1047 N  N   . LYS A 1 139 ? -8.733  10.729  2.755   1.00 12.91 ? 139 LYS A N   1 
ATOM   1048 C  CA  . LYS A 1 139 ? -9.178  11.248  4.043   1.00 13.42 ? 139 LYS A CA  1 
ATOM   1049 C  C   . LYS A 1 139 ? -10.685 11.473  4.026   1.00 13.60 ? 139 LYS A C   1 
ATOM   1050 O  O   . LYS A 1 139 ? -11.374 11.165  4.998   1.00 13.32 ? 139 LYS A O   1 
ATOM   1051 C  CB  . LYS A 1 139 ? -8.452  12.548  4.391   1.00 13.95 ? 139 LYS A CB  1 
ATOM   1052 C  CG  . LYS A 1 139 ? -7.002  12.351  4.800   1.00 14.61 ? 139 LYS A CG  1 
ATOM   1053 C  CD  . LYS A 1 139 ? -6.333  13.660  5.212   1.00 15.44 ? 139 LYS A CD  1 
ATOM   1054 C  CE  . LYS A 1 139 ? -6.141  14.612  4.037   1.00 16.25 ? 139 LYS A CE  1 
ATOM   1055 N  NZ  . LYS A 1 139 ? -7.405  15.216  3.526   1.00 17.03 ? 139 LYS A NZ  1 
ATOM   1056 N  N   . SER A 1 140 ? -11.197 11.972  2.902   1.00 13.82 ? 140 SER A N   1 
ATOM   1057 C  CA  . SER A 1 140 ? -12.628 12.216  2.755   1.00 14.30 ? 140 SER A CA  1 
ATOM   1058 C  C   . SER A 1 140 ? -13.386 10.890  2.824   1.00 14.28 ? 140 SER A C   1 
ATOM   1059 O  O   . SER A 1 140 ? -14.447 10.802  3.445   1.00 14.33 ? 140 SER A O   1 
ATOM   1060 C  CB  . SER A 1 140 ? -12.919 12.915  1.422   1.00 14.67 ? 140 SER A CB  1 
ATOM   1061 O  OG  . SER A 1 140 ? -14.281 13.299  1.340   1.00 15.74 ? 140 SER A OG  1 
ATOM   1062 N  N   . LEU A 1 141 ? -12.829 9.856   2.196   1.00 14.23 ? 141 LEU A N   1 
ATOM   1063 C  CA  . LEU A 1 141 ? -13.447 8.533   2.195   1.00 14.27 ? 141 LEU A CA  1 
ATOM   1064 C  C   . LEU A 1 141 ? -13.505 7.976   3.617   1.00 14.37 ? 141 LEU A C   1 
ATOM   1065 O  O   . LEU A 1 141 ? -14.514 7.401   4.022   1.00 14.25 ? 141 LEU A O   1 
ATOM   1066 C  CB  . LEU A 1 141 ? -12.666 7.577   1.282   1.00 14.07 ? 141 LEU A CB  1 
ATOM   1067 C  CG  . LEU A 1 141 ? -13.255 6.183   1.053   1.00 14.22 ? 141 LEU A CG  1 
ATOM   1068 C  CD1 . LEU A 1 141 ? -14.560 6.291   0.275   1.00 14.09 ? 141 LEU A CD1 1 
ATOM   1069 C  CD2 . LEU A 1 141 ? -12.262 5.330   0.287   1.00 13.97 ? 141 LEU A CD2 1 
ATOM   1070 N  N   . ALA A 1 142 ? -12.441 8.200   4.388   1.00 14.54 ? 142 ALA A N   1 
ATOM   1071 C  CA  . ALA A 1 142 ? -12.369 7.723   5.770   1.00 15.04 ? 142 ALA A CA  1 
ATOM   1072 C  C   . ALA A 1 142 ? -13.445 8.347   6.653   1.00 15.49 ? 142 ALA A C   1 
ATOM   1073 O  O   . ALA A 1 142 ? -14.000 7.689   7.530   1.00 15.28 ? 142 ALA A O   1 
ATOM   1074 C  CB  . ALA A 1 142 ? -10.990 8.004   6.353   1.00 14.82 ? 142 ALA A CB  1 
ATOM   1075 N  N   . THR A 1 143 ? -13.726 9.623   6.418   1.00 16.07 ? 143 THR A N   1 
ATOM   1076 C  CA  . THR A 1 143 ? -14.732 10.345  7.186   1.00 16.96 ? 143 THR A CA  1 
ATOM   1077 C  C   . THR A 1 143 ? -16.154 9.993   6.751   1.00 17.39 ? 143 THR A C   1 
ATOM   1078 O  O   . THR A 1 143 ? -17.028 9.750   7.589   1.00 17.50 ? 143 THR A O   1 
ATOM   1079 C  CB  . THR A 1 143 ? -14.532 11.872  7.039   1.00 17.18 ? 143 THR A CB  1 
ATOM   1080 O  OG1 . THR A 1 143 ? -13.251 12.237  7.564   1.00 17.40 ? 143 THR A OG1 1 
ATOM   1081 C  CG2 . THR A 1 143 ? -15.615 12.635  7.781   1.00 17.34 ? 143 THR A CG2 1 
ATOM   1082 N  N   . MET A 1 144 ? -16.359 9.947   5.437   1.00 17.88 ? 144 MET A N   1 
ATOM   1083 C  CA  . MET A 1 144 ? -17.665 9.673   4.835   1.00 18.55 ? 144 MET A CA  1 
ATOM   1084 C  C   . MET A 1 144 ? -18.087 8.213   4.687   1.00 18.16 ? 144 MET A C   1 
ATOM   1085 O  O   . MET A 1 144 ? -19.271 7.904   4.784   1.00 18.27 ? 144 MET A O   1 
ATOM   1086 C  CB  . MET A 1 144 ? -17.750 10.343  3.460   1.00 19.82 ? 144 MET A CB  1 
ATOM   1087 C  CG  . MET A 1 144 ? -17.770 11.863  3.493   1.00 21.66 ? 144 MET A CG  1 
ATOM   1088 S  SD  . MET A 1 144 ? -19.260 12.516  4.268   1.00 23.94 ? 144 MET A SD  1 
ATOM   1089 C  CE  . MET A 1 144 ? -20.489 12.154  3.030   1.00 23.35 ? 144 MET A CE  1 
ATOM   1090 N  N   . ASP A 1 145 ? -17.137 7.324   4.413   1.00 17.58 ? 145 ASP A N   1 
ATOM   1091 C  CA  . ASP A 1 145 ? -17.459 5.911   4.221   1.00 17.10 ? 145 ASP A CA  1 
ATOM   1092 C  C   . ASP A 1 145 ? -16.296 5.029   4.679   1.00 16.57 ? 145 ASP A C   1 
ATOM   1093 O  O   . ASP A 1 145 ? -15.572 4.457   3.857   1.00 16.35 ? 145 ASP A O   1 
ATOM   1094 C  CB  . ASP A 1 145 ? -17.761 5.664   2.736   1.00 17.55 ? 145 ASP A CB  1 
ATOM   1095 C  CG  . ASP A 1 145 ? -18.503 4.361   2.480   1.00 17.77 ? 145 ASP A CG  1 
ATOM   1096 O  OD1 . ASP A 1 145 ? -18.601 3.502   3.384   1.00 18.22 ? 145 ASP A OD1 1 
ATOM   1097 O  OD2 . ASP A 1 145 ? -18.997 4.192   1.346   1.00 18.31 ? 145 ASP A OD2 1 
ATOM   1098 N  N   . PRO A 1 146 ? -16.130 4.881   6.003   1.00 16.04 ? 146 PRO A N   1 
ATOM   1099 C  CA  . PRO A 1 146 ? -15.066 4.075   6.613   1.00 15.72 ? 146 PRO A CA  1 
ATOM   1100 C  C   . PRO A 1 146 ? -15.035 2.620   6.137   1.00 15.30 ? 146 PRO A C   1 
ATOM   1101 O  O   . PRO A 1 146 ? -13.962 2.016   6.048   1.00 14.96 ? 146 PRO A O   1 
ATOM   1102 C  CB  . PRO A 1 146 ? -15.389 4.155   8.104   1.00 15.96 ? 146 PRO A CB  1 
ATOM   1103 C  CG  . PRO A 1 146 ? -16.100 5.455   8.238   1.00 16.26 ? 146 PRO A CG  1 
ATOM   1104 C  CD  . PRO A 1 146 ? -16.987 5.486   7.039   1.00 16.09 ? 146 PRO A CD  1 
ATOM   1105 N  N   . ASP A 1 147 ? -16.208 2.055   5.850   1.00 15.00 ? 147 ASP A N   1 
ATOM   1106 C  CA  . ASP A 1 147 ? -16.300 0.675   5.374   1.00 14.77 ? 147 ASP A CA  1 
ATOM   1107 C  C   . ASP A 1 147 ? -15.518 0.499   4.076   1.00 14.48 ? 147 ASP A C   1 
ATOM   1108 O  O   . ASP A 1 147 ? -14.936 -0.560  3.835   1.00 14.41 ? 147 ASP A O   1 
ATOM   1109 C  CB  . ASP A 1 147 ? -17.759 0.268   5.142   1.00 15.09 ? 147 ASP A CB  1 
ATOM   1110 C  CG  . ASP A 1 147 ? -18.507 -0.040  6.430   1.00 15.39 ? 147 ASP A CG  1 
ATOM   1111 O  OD1 . ASP A 1 147 ? -17.937 0.106   7.528   1.00 15.61 ? 147 ASP A OD1 1 
ATOM   1112 O  OD2 . ASP A 1 147 ? -19.681 -0.449  6.334   1.00 15.92 ? 147 ASP A OD2 1 
ATOM   1113 N  N   . LYS A 1 148 ? -15.555 1.523   3.227   1.00 14.19 ? 148 LYS A N   1 
ATOM   1114 C  CA  . LYS A 1 148 ? -14.825 1.491   1.962   1.00 13.91 ? 148 LYS A CA  1 
ATOM   1115 C  C   . LYS A 1 148 ? -13.370 1.874   2.199   1.00 13.42 ? 148 LYS A C   1 
ATOM   1116 O  O   . LYS A 1 148 ? -12.481 1.391   1.503   1.00 13.27 ? 148 LYS A O   1 
ATOM   1117 C  CB  . LYS A 1 148 ? -15.443 2.452   0.947   1.00 14.55 ? 148 LYS A CB  1 
ATOM   1118 C  CG  . LYS A 1 148 ? -16.856 2.102   0.498   1.00 15.48 ? 148 LYS A CG  1 
ATOM   1119 C  CD  . LYS A 1 148 ? -16.932 0.765   -0.199  1.00 16.29 ? 148 LYS A CD  1 
ATOM   1120 C  CE  . LYS A 1 148 ? -18.160 0.695   -1.109  1.00 16.73 ? 148 LYS A CE  1 
ATOM   1121 N  NZ  . LYS A 1 148 ? -19.432 1.007   -0.399  1.00 17.48 ? 148 LYS A NZ  1 
ATOM   1122 N  N   . ALA A 1 149 ? -13.136 2.752   3.173   1.00 12.70 ? 149 ALA A N   1 
ATOM   1123 C  CA  . ALA A 1 149 ? -11.778 3.192   3.502   1.00 12.08 ? 149 ALA A CA  1 
ATOM   1124 C  C   . ALA A 1 149 ? -10.884 2.008   3.867   1.00 11.66 ? 149 ALA A C   1 
ATOM   1125 O  O   . ALA A 1 149 ? -9.751  1.904   3.385   1.00 11.23 ? 149 ALA A O   1 
ATOM   1126 C  CB  . ALA A 1 149 ? -11.805 4.211   4.639   1.00 12.11 ? 149 ALA A CB  1 
ATOM   1127 N  N   . VAL A 1 150 ? -11.404 1.100   4.693   1.00 11.32 ? 150 VAL A N   1 
ATOM   1128 C  CA  . VAL A 1 150 ? -10.635 -0.073  5.105   1.00 11.20 ? 150 VAL A CA  1 
ATOM   1129 C  C   . VAL A 1 150 ? -10.493 -1.077  3.966   1.00 11.26 ? 150 VAL A C   1 
ATOM   1130 O  O   . VAL A 1 150 ? -9.809  -2.088  4.102   1.00 11.09 ? 150 VAL A O   1 
ATOM   1131 C  CB  . VAL A 1 150 ? -11.232 -0.761  6.361   1.00 11.17 ? 150 VAL A CB  1 
ATOM   1132 C  CG1 . VAL A 1 150 ? -11.203 0.201   7.539   1.00 11.24 ? 150 VAL A CG1 1 
ATOM   1133 C  CG2 . VAL A 1 150 ? -12.643 -1.249  6.099   1.00 11.17 ? 150 VAL A CG2 1 
ATOM   1134 N  N   . MET A 1 151 ? -11.151 -0.784  2.847   1.00 11.34 ? 151 MET A N   1 
ATOM   1135 C  CA  . MET A 1 151 ? -11.083 -1.621  1.655   1.00 11.67 ? 151 MET A CA  1 
ATOM   1136 C  C   . MET A 1 151 ? -10.532 -0.813  0.483   1.00 10.99 ? 151 MET A C   1 
ATOM   1137 O  O   . MET A 1 151 ? -10.718 -1.180  -0.680  1.00 10.88 ? 151 MET A O   1 
ATOM   1138 C  CB  . MET A 1 151 ? -12.464 -2.190  1.307   1.00 13.02 ? 151 MET A CB  1 
ATOM   1139 C  CG  . MET A 1 151 ? -12.910 -3.301  2.228   1.00 15.26 ? 151 MET A CG  1 
ATOM   1140 S  SD  . MET A 1 151 ? -11.773 -4.698  2.148   1.00 18.29 ? 151 MET A SD  1 
ATOM   1141 C  CE  . MET A 1 151 ? -12.471 -5.627  0.784   1.00 17.43 ? 151 MET A CE  1 
ATOM   1142 N  N   . ASN A 1 152 ? -9.876  0.307   0.792   1.00 10.27 ? 152 ASN A N   1 
ATOM   1143 C  CA  . ASN A 1 152 ? -9.297  1.158   -0.244  1.00 9.54  ? 152 ASN A CA  1 
ATOM   1144 C  C   . ASN A 1 152 ? -7.780  1.082   -0.189  1.00 9.17  ? 152 ASN A C   1 
ATOM   1145 O  O   . ASN A 1 152 ? -7.177  1.323   0.852   1.00 8.51  ? 152 ASN A O   1 
ATOM   1146 C  CB  . ASN A 1 152 ? -9.752  2.609   -0.085  1.00 9.77  ? 152 ASN A CB  1 
ATOM   1147 C  CG  . ASN A 1 152 ? -9.332  3.476   -1.256  1.00 10.00 ? 152 ASN A CG  1 
ATOM   1148 O  OD1 . ASN A 1 152 ? -8.649  4.488   -1.091  1.00 10.26 ? 152 ASN A OD1 1 
ATOM   1149 N  ND2 . ASN A 1 152 ? -9.724  3.067   -2.451  1.00 10.08 ? 152 ASN A ND2 1 
ATOM   1150 N  N   . ALA A 1 153 ? -7.166  0.780   -1.329  1.00 8.88  ? 153 ALA A N   1 
ATOM   1151 C  CA  . ALA A 1 153 ? -5.719  0.639   -1.411  1.00 8.92  ? 153 ALA A CA  1 
ATOM   1152 C  C   . ALA A 1 153 ? -4.928  1.867   -0.971  1.00 8.92  ? 153 ALA A C   1 
ATOM   1153 O  O   . ALA A 1 153 ? -3.978  1.742   -0.195  1.00 8.62  ? 153 ALA A O   1 
ATOM   1154 C  CB  . ALA A 1 153 ? -5.318  0.222   -2.810  1.00 8.80  ? 153 ALA A CB  1 
ATOM   1155 N  N   . ASP A 1 154 ? -5.316  3.046   -1.451  1.00 8.98  ? 154 ASP A N   1 
ATOM   1156 C  CA  . ASP A 1 154 ? -4.605  4.264   -1.082  1.00 9.23  ? 154 ASP A CA  1 
ATOM   1157 C  C   . ASP A 1 154 ? -4.668  4.565   0.409   1.00 9.05  ? 154 ASP A C   1 
ATOM   1158 O  O   . ASP A 1 154 ? -3.726  5.124   0.961   1.00 9.20  ? 154 ASP A O   1 
ATOM   1159 C  CB  . ASP A 1 154 ? -5.081  5.472   -1.895  1.00 9.62  ? 154 ASP A CB  1 
ATOM   1160 C  CG  . ASP A 1 154 ? -4.111  5.851   -3.011  1.00 10.26 ? 154 ASP A CG  1 
ATOM   1161 O  OD1 . ASP A 1 154 ? -3.069  5.178   -3.181  1.00 10.97 ? 154 ASP A OD1 1 
ATOM   1162 O  OD2 . ASP A 1 154 ? -4.384  6.837   -3.722  1.00 10.58 ? 154 ASP A OD2 1 
ATOM   1163 N  N   . ASN A 1 155 ? -5.771  4.208   1.067   1.00 8.84  ? 155 ASN A N   1 
ATOM   1164 C  CA  . ASN A 1 155 ? -5.853  4.446   2.506   1.00 8.60  ? 155 ASN A CA  1 
ATOM   1165 C  C   . ASN A 1 155 ? -4.836  3.574   3.238   1.00 8.56  ? 155 ASN A C   1 
ATOM   1166 O  O   . ASN A 1 155 ? -4.309  3.967   4.273   1.00 8.50  ? 155 ASN A O   1 
ATOM   1167 C  CB  . ASN A 1 155 ? -7.267  4.224   3.035   1.00 8.73  ? 155 ASN A CB  1 
ATOM   1168 C  CG  . ASN A 1 155 ? -8.189  5.361   2.670   1.00 8.93  ? 155 ASN A CG  1 
ATOM   1169 O  OD1 . ASN A 1 155 ? -8.606  6.145   3.530   1.00 9.64  ? 155 ASN A OD1 1 
ATOM   1170 N  ND2 . ASN A 1 155 ? -8.473  5.493   1.384   1.00 8.77  ? 155 ASN A ND2 1 
ATOM   1171 N  N   . HIS A 1 156 ? -4.565  2.390   2.696   1.00 8.65  ? 156 HIS A N   1 
ATOM   1172 C  CA  . HIS A 1 156 ? -3.566  1.505   3.289   1.00 8.52  ? 156 HIS A CA  1 
ATOM   1173 C  C   . HIS A 1 156 ? -2.196  2.122   3.026   1.00 8.62  ? 156 HIS A C   1 
ATOM   1174 O  O   . HIS A 1 156 ? -1.363  2.215   3.932   1.00 8.62  ? 156 HIS A O   1 
ATOM   1175 C  CB  . HIS A 1 156 ? -3.634  0.100   2.679   1.00 8.64  ? 156 HIS A CB  1 
ATOM   1176 C  CG  . HIS A 1 156 ? -4.789  -0.718  3.175   1.00 8.69  ? 156 HIS A CG  1 
ATOM   1177 N  ND1 . HIS A 1 156 ? -6.101  -0.364  2.949   1.00 8.89  ? 156 HIS A ND1 1 
ATOM   1178 C  CD2 . HIS A 1 156 ? -4.826  -1.862  3.899   1.00 8.71  ? 156 HIS A CD2 1 
ATOM   1179 C  CE1 . HIS A 1 156 ? -6.898  -1.256  3.513   1.00 8.67  ? 156 HIS A CE1 1 
ATOM   1180 N  NE2 . HIS A 1 156 ? -6.150  -2.174  4.095   1.00 8.99  ? 156 HIS A NE2 1 
ATOM   1181 N  N   . GLU A 1 157 ? -1.974  2.573   1.793   1.00 8.70  ? 157 GLU A N   1 
ATOM   1182 C  CA  . GLU A 1 157 ? -0.700  3.200   1.447   1.00 8.66  ? 157 GLU A CA  1 
ATOM   1183 C  C   . GLU A 1 157 ? -0.397  4.404   2.334   1.00 8.69  ? 157 GLU A C   1 
ATOM   1184 O  O   . GLU A 1 157 ? 0.693   4.512   2.877   1.00 8.60  ? 157 GLU A O   1 
ATOM   1185 C  CB  . GLU A 1 157 ? -0.677  3.642   -0.018  1.00 8.94  ? 157 GLU A CB  1 
ATOM   1186 C  CG  . GLU A 1 157 ? 0.546   4.501   -0.357  1.00 9.04  ? 157 GLU A CG  1 
ATOM   1187 C  CD  . GLU A 1 157 ? 0.701   4.806   -1.837  1.00 9.41  ? 157 GLU A CD  1 
ATOM   1188 O  OE1 . GLU A 1 157 ? -0.114  4.326   -2.654  1.00 9.45  ? 157 GLU A OE1 1 
ATOM   1189 O  OE2 . GLU A 1 157 ? 1.669   5.517   -2.192  1.00 9.59  ? 157 GLU A OE2 1 
ATOM   1190 N  N   . TYR A 1 158 ? -1.379  5.282   2.513   1.00 8.69  ? 158 TYR A N   1 
ATOM   1191 C  CA  . TYR A 1 158 ? -1.164  6.473   3.326   1.00 8.82  ? 158 TYR A CA  1 
ATOM   1192 C  C   . TYR A 1 158 ? -1.024  6.176   4.807   1.00 8.80  ? 158 TYR A C   1 
ATOM   1193 O  O   . TYR A 1 158 ? -0.268  6.850   5.505   1.00 8.99  ? 158 TYR A O   1 
ATOM   1194 C  CB  . TYR A 1 158 ? -2.248  7.506   3.050   1.00 8.77  ? 158 TYR A CB  1 
ATOM   1195 C  CG  . TYR A 1 158 ? -2.228  7.969   1.614   1.00 9.04  ? 158 TYR A CG  1 
ATOM   1196 C  CD1 . TYR A 1 158 ? -3.410  8.120   0.896   1.00 9.09  ? 158 TYR A CD1 1 
ATOM   1197 C  CD2 . TYR A 1 158 ? -1.019  8.213   0.958   1.00 8.98  ? 158 TYR A CD2 1 
ATOM   1198 C  CE1 . TYR A 1 158 ? -3.389  8.496   -0.441  1.00 9.52  ? 158 TYR A CE1 1 
ATOM   1199 C  CE2 . TYR A 1 158 ? -0.989  8.592   -0.382  1.00 9.61  ? 158 TYR A CE2 1 
ATOM   1200 C  CZ  . TYR A 1 158 ? -2.176  8.729   -1.072  1.00 9.63  ? 158 TYR A CZ  1 
ATOM   1201 O  OH  . TYR A 1 158 ? -2.150  9.095   -2.400  1.00 10.60 ? 158 TYR A OH  1 
ATOM   1202 N  N   . PHE A 1 159 ? -1.727  5.152   5.286   1.00 9.13  ? 159 PHE A N   1 
ATOM   1203 C  CA  . PHE A 1 159 ? -1.611  4.765   6.688   1.00 9.25  ? 159 PHE A CA  1 
ATOM   1204 C  C   . PHE A 1 159 ? -0.180  4.287   6.927   1.00 9.36  ? 159 PHE A C   1 
ATOM   1205 O  O   . PHE A 1 159 ? 0.429   4.599   7.948   1.00 8.94  ? 159 PHE A O   1 
ATOM   1206 C  CB  . PHE A 1 159 ? -2.598  3.640   7.026   1.00 9.46  ? 159 PHE A CB  1 
ATOM   1207 C  CG  . PHE A 1 159 ? -2.416  3.064   8.403   1.00 9.60  ? 159 PHE A CG  1 
ATOM   1208 C  CD1 . PHE A 1 159 ? -2.922  3.723   9.523   1.00 9.53  ? 159 PHE A CD1 1 
ATOM   1209 C  CD2 . PHE A 1 159 ? -1.727  1.864   8.583   1.00 9.68  ? 159 PHE A CD2 1 
ATOM   1210 C  CE1 . PHE A 1 159 ? -2.746  3.200   10.803  1.00 9.71  ? 159 PHE A CE1 1 
ATOM   1211 C  CE2 . PHE A 1 159 ? -1.543  1.328   9.861   1.00 9.90  ? 159 PHE A CE2 1 
ATOM   1212 C  CZ  . PHE A 1 159 ? -2.054  1.999   10.975  1.00 9.69  ? 159 PHE A CZ  1 
ATOM   1213 N  N   . SER A 1 160 ? 0.353   3.538   5.965   1.00 9.62  ? 160 SER A N   1 
ATOM   1214 C  CA  . SER A 1 160 ? 1.711   3.011   6.065   1.00 9.92  ? 160 SER A CA  1 
ATOM   1215 C  C   . SER A 1 160 ? 2.788   4.076   5.897   1.00 10.24 ? 160 SER A C   1 
ATOM   1216 O  O   . SER A 1 160 ? 3.723   4.148   6.704   1.00 10.34 ? 160 SER A O   1 
ATOM   1217 C  CB  . SER A 1 160 ? 1.914   1.883   5.055   1.00 9.75  ? 160 SER A CB  1 
ATOM   1218 O  OG  . SER A 1 160 ? 1.114   0.766   5.408   1.00 9.89  ? 160 SER A OG  1 
ATOM   1219 N  N   . GLU A 1 161 ? 2.654   4.912   4.868   1.00 10.56 ? 161 GLU A N   1 
ATOM   1220 C  CA  . GLU A 1 161 ? 3.627   5.980   4.617   1.00 10.98 ? 161 GLU A CA  1 
ATOM   1221 C  C   . GLU A 1 161 ? 3.693   6.948   5.795   1.00 11.20 ? 161 GLU A C   1 
ATOM   1222 O  O   . GLU A 1 161 ? 4.768   7.455   6.134   1.00 11.07 ? 161 GLU A O   1 
ATOM   1223 C  CB  . GLU A 1 161 ? 3.296   6.725   3.321   1.00 10.99 ? 161 GLU A CB  1 
ATOM   1224 C  CG  . GLU A 1 161 ? 3.494   5.880   2.079   1.00 11.43 ? 161 GLU A CG  1 
ATOM   1225 C  CD  . GLU A 1 161 ? 3.050   6.567   0.803   1.00 11.49 ? 161 GLU A CD  1 
ATOM   1226 O  OE1 . GLU A 1 161 ? 2.277   7.549   0.865   1.00 11.34 ? 161 GLU A OE1 1 
ATOM   1227 O  OE2 . GLU A 1 161 ? 3.475   6.110   -0.278  1.00 11.63 ? 161 GLU A OE2 1 
ATOM   1228 N  N   . ASN A 1 162 ? 2.542   7.178   6.423   1.00 11.43 ? 162 ASN A N   1 
ATOM   1229 C  CA  . ASN A 1 162 ? 2.428   8.054   7.587   1.00 11.84 ? 162 ASN A CA  1 
ATOM   1230 C  C   . ASN A 1 162 ? 3.241   9.349   7.456   1.00 12.10 ? 162 ASN A C   1 
ATOM   1231 O  O   . ASN A 1 162 ? 4.115   9.633   8.279   1.00 11.83 ? 162 ASN A O   1 
ATOM   1232 C  CB  . ASN A 1 162 ? 2.830   7.278   8.848   1.00 12.01 ? 162 ASN A CB  1 
ATOM   1233 C  CG  . ASN A 1 162 ? 2.436   7.988   10.129  1.00 12.07 ? 162 ASN A CG  1 
ATOM   1234 O  OD1 . ASN A 1 162 ? 1.481   8.765   10.158  1.00 12.37 ? 162 ASN A OD1 1 
ATOM   1235 N  ND2 . ASN A 1 162 ? 3.163   7.712   11.202  1.00 12.35 ? 162 ASN A ND2 1 
ATOM   1236 N  N   . ASN A 1 163 ? 2.976   10.093  6.386   1.00 12.46 ? 163 ASN A N   1 
ATOM   1237 C  CA  . ASN A 1 163 ? 3.654   11.362  6.123   1.00 13.15 ? 163 ASN A CA  1 
ATOM   1238 C  C   . ASN A 1 163 ? 2.643   12.389  5.622   1.00 13.20 ? 163 ASN A C   1 
ATOM   1239 O  O   . ASN A 1 163 ? 2.027   12.195  4.576   1.00 13.26 ? 163 ASN A O   1 
ATOM   1240 C  CB  . ASN A 1 163 ? 4.772   11.193  5.089   1.00 13.70 ? 163 ASN A CB  1 
ATOM   1241 C  CG  . ASN A 1 163 ? 5.588   12.468  4.907   1.00 14.29 ? 163 ASN A CG  1 
ATOM   1242 O  OD1 . ASN A 1 163 ? 6.046   13.060  5.883   1.00 14.92 ? 163 ASN A OD1 1 
ATOM   1243 N  ND2 . ASN A 1 163 ? 5.751   12.903  3.662   1.00 15.01 ? 163 ASN A ND2 1 
ATOM   1244 N  N   . PRO A 1 164 ? 2.446   13.491  6.373   1.00 13.45 ? 164 PRO A N   1 
ATOM   1245 C  CA  . PRO A 1 164 ? 3.108   13.821  7.641   1.00 13.75 ? 164 PRO A CA  1 
ATOM   1246 C  C   . PRO A 1 164 ? 2.823   12.793  8.737   1.00 13.93 ? 164 PRO A C   1 
ATOM   1247 O  O   . PRO A 1 164 ? 1.762   12.166  8.762   1.00 13.89 ? 164 PRO A O   1 
ATOM   1248 C  CB  . PRO A 1 164 ? 2.531   15.197  7.978   1.00 13.69 ? 164 PRO A CB  1 
ATOM   1249 C  CG  . PRO A 1 164 ? 1.176   15.154  7.367   1.00 13.63 ? 164 PRO A CG  1 
ATOM   1250 C  CD  . PRO A 1 164 ? 1.444   14.514  6.030   1.00 13.57 ? 164 PRO A CD  1 
ATOM   1251 N  N   . ALA A 1 165 ? 3.799   12.594  9.616   1.00 14.27 ? 165 ALA A N   1 
ATOM   1252 C  CA  . ALA A 1 165 ? 3.674   11.619  10.693  1.00 14.54 ? 165 ALA A CA  1 
ATOM   1253 C  C   . ALA A 1 165 ? 2.632   11.965  11.746  1.00 14.75 ? 165 ALA A C   1 
ATOM   1254 O  O   . ALA A 1 165 ? 2.541   13.109  12.199  1.00 14.69 ? 165 ALA A O   1 
ATOM   1255 C  CB  . ALA A 1 165 ? 5.031   11.381  11.349  1.00 14.84 ? 165 ALA A CB  1 
ATOM   1256 N  N   . GLN A 1 166 ? 1.829   10.966  12.099  1.00 15.01 ? 166 GLN A N   1 
ATOM   1257 C  CA  . GLN A 1 166 ? 0.792   11.103  13.118  1.00 15.45 ? 166 GLN A CA  1 
ATOM   1258 C  C   . GLN A 1 166 ? 0.946   9.997   14.152  1.00 15.68 ? 166 GLN A C   1 
ATOM   1259 O  O   . GLN A 1 166 ? 1.408   8.894   13.837  1.00 15.73 ? 166 GLN A O   1 
ATOM   1260 C  CB  . GLN A 1 166 ? -0.605  10.987  12.511  1.00 15.67 ? 166 GLN A CB  1 
ATOM   1261 C  CG  . GLN A 1 166 ? -1.018  12.120  11.601  1.00 16.12 ? 166 GLN A CG  1 
ATOM   1262 C  CD  . GLN A 1 166 ? -2.475  12.011  11.217  1.00 16.36 ? 166 GLN A CD  1 
ATOM   1263 O  OE1 . GLN A 1 166 ? -3.327  12.727  11.748  1.00 16.73 ? 166 GLN A OE1 1 
ATOM   1264 N  NE2 . GLN A 1 166 ? -2.777  11.079  10.328  1.00 16.17 ? 166 GLN A NE2 1 
ATOM   1265 N  N   . SER A 1 167 ? 0.535   10.294  15.381  1.00 15.95 ? 167 SER A N   1 
ATOM   1266 C  CA  . SER A 1 167 ? 0.591   9.334   16.476  1.00 16.42 ? 167 SER A CA  1 
ATOM   1267 C  C   . SER A 1 167 ? -0.524  8.301   16.344  1.00 16.43 ? 167 SER A C   1 
ATOM   1268 O  O   . SER A 1 167 ? -1.566  8.620   15.730  1.00 16.43 ? 167 SER A O   1 
ATOM   1269 C  CB  . SER A 1 167 ? 0.469   10.055  17.821  1.00 16.60 ? 167 SER A CB  1 
ATOM   1270 O  OG  . SER A 1 167 ? 1.612   10.852  18.077  1.00 17.32 ? 167 SER A OG  1 
ATOM   1271 O  OXT . SER A 1 167 ? -0.342  7.182   16.859  1.00 16.69 ? 167 SER A OXT 1 
HETATM 1272 C  C1  . MAN B 2 .   ? -9.273  10.815  13.171  1.00 19.20 ? 900 MAN A C1  1 
HETATM 1273 C  C2  . MAN B 2 .   ? -8.248  11.795  13.591  1.00 19.95 ? 900 MAN A C2  1 
HETATM 1274 C  C3  . MAN B 2 .   ? -8.014  11.766  15.159  1.00 20.69 ? 900 MAN A C3  1 
HETATM 1275 C  C4  . MAN B 2 .   ? -9.342  11.686  15.985  1.00 21.00 ? 900 MAN A C4  1 
HETATM 1276 C  C5  . MAN B 2 .   ? -10.477 10.963  15.287  1.00 20.91 ? 900 MAN A C5  1 
HETATM 1277 C  C6  . MAN B 2 .   ? -11.885 11.338  15.725  1.00 21.36 ? 900 MAN A C6  1 
HETATM 1278 O  O2  . MAN B 2 .   ? -8.669  13.111  13.179  1.00 20.70 ? 900 MAN A O2  1 
HETATM 1279 O  O3  . MAN B 2 .   ? -7.282  12.922  15.593  1.00 20.81 ? 900 MAN A O3  1 
HETATM 1280 O  O4  . MAN B 2 .   ? -9.119  11.006  17.223  1.00 21.67 ? 900 MAN A O4  1 
HETATM 1281 O  O5  . MAN B 2 .   ? -10.532 11.140  13.822  1.00 20.26 ? 900 MAN A O5  1 
HETATM 1282 O  O6  . MAN B 2 .   ? -12.608 10.308  16.403  1.00 22.24 ? 900 MAN A O6  1 
HETATM 1283 ZN ZN  . ZN  C 3 .   ? -5.005  0.602   -6.772  1.00 11.61 ? 200 ZN  A ZN  1 
HETATM 1284 O  O   . HOH D 4 .   ? -0.107  11.304  6.990   1.00 13.12 ? 201 HOH A O   1 
HETATM 1285 O  O   . HOH D 4 .   ? -12.543 2.157   11.225  1.00 11.49 ? 202 HOH A O   1 
HETATM 1286 O  O   . HOH D 4 .   ? -0.517  -9.478  -10.640 1.00 11.17 ? 204 HOH A O   1 
HETATM 1287 O  O   . HOH D 4 .   ? -15.318 7.808   10.023  1.00 13.33 ? 205 HOH A O   1 
HETATM 1288 O  O   . HOH D 4 .   ? 7.149   7.689   4.909   1.00 17.55 ? 206 HOH A O   1 
HETATM 1289 O  O   . HOH D 4 .   ? 1.695   9.679   2.489   1.00 10.62 ? 207 HOH A O   1 
HETATM 1290 O  O   . HOH D 4 .   ? -18.946 3.007   5.989   1.00 19.93 ? 208 HOH A O   1 
HETATM 1291 O  O   . HOH D 4 .   ? 0.384   9.391   5.035   1.00 10.55 ? 209 HOH A O   1 
HETATM 1292 O  O   . HOH D 4 .   ? -6.847  3.437   -3.895  1.00 12.01 ? 210 HOH A O   1 
HETATM 1293 O  O   . HOH D 4 .   ? 2.285   -11.757 9.350   1.00 14.75 ? 211 HOH A O   1 
HETATM 1294 O  O   . HOH D 4 .   ? -11.990 -9.219  1.329   1.00 56.15 ? 212 HOH A O   1 
HETATM 1295 O  O   . HOH D 4 .   ? -7.166  13.166  -3.567  1.00 12.51 ? 213 HOH A O   1 
HETATM 1296 O  O   . HOH D 4 .   ? -7.142  -15.551 -2.261  1.00 13.98 ? 214 HOH A O   1 
HETATM 1297 O  O   . HOH D 4 .   ? 7.217   12.607  0.836   1.00 22.04 ? 215 HOH A O   1 
HETATM 1298 O  O   . HOH D 4 .   ? -5.672  3.212   16.531  1.00 15.97 ? 216 HOH A O   1 
HETATM 1299 O  O   . HOH D 4 .   ? -9.961  11.437  7.495   1.00 16.34 ? 217 HOH A O   1 
HETATM 1300 O  O   . HOH D 4 .   ? -4.966  0.721   15.416  1.00 16.10 ? 219 HOH A O   1 
HETATM 1301 O  O   . HOH D 4 .   ? -13.868 2.404   -7.732  1.00 17.30 ? 220 HOH A O   1 
HETATM 1302 O  O   . HOH D 4 .   ? -4.012  -13.096 -4.351  1.00 15.57 ? 221 HOH A O   1 
HETATM 1303 O  O   . HOH D 4 .   ? 6.493   -6.952  6.310   1.00 17.21 ? 222 HOH A O   1 
HETATM 1304 O  O   . HOH D 4 .   ? -8.593  -6.482  -5.321  1.00 14.31 ? 223 HOH A O   1 
HETATM 1305 O  O   . HOH D 4 .   ? -0.395  12.970  15.749  1.00 22.01 ? 224 HOH A O   1 
HETATM 1306 O  O   . HOH D 4 .   ? -10.477 9.790   -5.718  1.00 23.27 ? 225 HOH A O   1 
HETATM 1307 O  O   . HOH D 4 .   ? 5.381   -13.581 -0.957  1.00 17.07 ? 226 HOH A O   1 
HETATM 1308 O  O   . HOH D 4 .   ? -3.793  -2.683  -9.520  1.00 13.53 ? 227 HOH A O   1 
HETATM 1309 O  O   . HOH D 4 .   ? 6.464   -13.310 -3.711  1.00 31.26 ? 228 HOH A O   1 
HETATM 1310 O  O   . HOH D 4 .   ? -13.009 6.889   16.593  1.00 19.03 ? 229 HOH A O   1 
HETATM 1311 O  O   . HOH D 4 .   ? 11.394  -8.500  1.436   1.00 28.98 ? 230 HOH A O   1 
HETATM 1312 O  O   . HOH D 4 .   ? -7.047  -11.038 -11.161 1.00 27.40 ? 231 HOH A O   1 
HETATM 1313 O  O   . HOH D 4 .   ? -11.804 10.087  9.773   1.00 24.26 ? 232 HOH A O   1 
HETATM 1314 O  O   . HOH D 4 .   ? -9.801  -10.935 -0.455  1.00 20.41 ? 233 HOH A O   1 
HETATM 1315 O  O   . HOH D 4 .   ? 0.558   4.468   -5.437  1.00 29.75 ? 234 HOH A O   1 
HETATM 1316 O  O   . HOH D 4 .   ? 2.044   -3.632  -19.150 1.00 29.58 ? 235 HOH A O   1 
HETATM 1317 O  O   . HOH D 4 .   ? 4.543   -2.839  -16.540 1.00 18.81 ? 236 HOH A O   1 
HETATM 1318 O  O   . HOH D 4 .   ? 6.235   14.177  9.312   1.00 28.59 ? 238 HOH A O   1 
HETATM 1319 O  O   . HOH D 4 .   ? -10.359 -3.478  19.320  1.00 26.26 ? 240 HOH A O   1 
HETATM 1320 O  O   . HOH D 4 .   ? -20.436 1.678   2.141   1.00 41.76 ? 241 HOH A O   1 
HETATM 1321 O  O   . HOH D 4 .   ? -2.968  7.659   -6.033  1.00 24.52 ? 242 HOH A O   1 
HETATM 1322 O  O   . HOH D 4 .   ? -20.782 -0.570  3.840   1.00 20.60 ? 243 HOH A O   1 
HETATM 1323 O  O   . HOH D 4 .   ? -16.324 -7.097  -5.895  1.00 38.56 ? 244 HOH A O   1 
HETATM 1324 O  O   . HOH D 4 .   ? 14.227  2.843   -4.903  1.00 31.49 ? 246 HOH A O   1 
HETATM 1325 O  O   . HOH D 4 .   ? 0.237   -11.022 -12.940 1.00 18.21 ? 247 HOH A O   1 
HETATM 1326 O  O   . HOH D 4 .   ? 5.211   5.495   10.760  1.00 19.35 ? 248 HOH A O   1 
HETATM 1327 O  O   . HOH D 4 .   ? 5.508   10.036  -9.378  1.00 33.68 ? 249 HOH A O   1 
HETATM 1328 O  O   . HOH D 4 .   ? 7.742   0.954   -16.197 1.00 23.00 ? 250 HOH A O   1 
HETATM 1329 O  O   . HOH D 4 .   ? -3.212  15.586  3.057   1.00 30.87 ? 251 HOH A O   1 
HETATM 1330 O  O   . HOH D 4 .   ? -2.340  14.187  13.996  1.00 26.67 ? 252 HOH A O   1 
HETATM 1331 O  O   . HOH D 4 .   ? 14.420  -7.144  -16.740 1.00 27.61 ? 253 HOH A O   1 
HETATM 1332 O  O   . HOH D 4 .   ? 13.127  8.232   -7.285  1.00 30.59 ? 255 HOH A O   1 
HETATM 1333 O  O   . HOH D 4 .   ? -4.599  0.996   22.479  1.00 23.23 ? 256 HOH A O   1 
HETATM 1334 O  O   . HOH D 4 .   ? -12.386 14.395  -1.877  1.00 32.27 ? 257 HOH A O   1 
HETATM 1335 O  O   . HOH D 4 .   ? -1.606  -10.230 13.538  1.00 24.86 ? 259 HOH A O   1 
HETATM 1336 O  O   . HOH D 4 .   ? 5.479   -10.311 -16.564 1.00 36.79 ? 260 HOH A O   1 
HETATM 1337 O  O   . HOH D 4 .   ? -5.429  -5.728  1.709   1.00 17.55 ? 263 HOH A O   1 
HETATM 1338 O  O   . HOH D 4 .   ? -10.158 15.792  2.373   1.00 32.26 ? 267 HOH A O   1 
HETATM 1339 O  O   . HOH D 4 .   ? -10.781 -8.153  3.934   1.00 30.66 ? 269 HOH A O   1 
HETATM 1340 O  O   . HOH D 4 .   ? -9.973  -5.425  16.472  1.00 22.74 ? 271 HOH A O   1 
HETATM 1341 O  O   . HOH D 4 .   ? -15.474 -3.065  5.299   1.00 26.82 ? 272 HOH A O   1 
HETATM 1342 O  O   . HOH D 4 .   ? 19.776  -1.601  -18.441 1.00 32.07 ? 273 HOH A O   1 
HETATM 1343 O  O   . HOH D 4 .   ? -2.811  -15.945 -6.995  1.00 27.53 ? 275 HOH A O   1 
HETATM 1344 O  O   . HOH D 4 .   ? 12.748  -4.545  5.312   1.00 27.94 ? 276 HOH A O   1 
HETATM 1345 O  O   . HOH D 4 .   ? -0.906  6.628   -4.366  1.00 21.33 ? 277 HOH A O   1 
HETATM 1346 O  O   . HOH D 4 .   ? 5.701   -12.718 -13.431 1.00 41.18 ? 279 HOH A O   1 
HETATM 1347 O  O   . HOH D 4 .   ? 14.799  -11.882 -2.426  1.00 42.83 ? 281 HOH A O   1 
HETATM 1348 O  O   . HOH D 4 .   ? 10.724  0.929   -21.989 1.00 50.12 ? 282 HOH A O   1 
HETATM 1349 O  O   . HOH D 4 .   ? -12.316 -8.023  -2.316  1.00 33.17 ? 284 HOH A O   1 
HETATM 1350 O  O   . HOH D 4 .   ? -18.736 -3.528  6.248   1.00 43.02 ? 289 HOH A O   1 
HETATM 1351 O  O   . HOH D 4 .   ? 14.772  -11.822 -13.744 1.00 30.71 ? 290 HOH A O   1 
HETATM 1352 O  O   . HOH D 4 .   ? 13.404  5.424   -9.665  1.00 33.44 ? 291 HOH A O   1 
HETATM 1353 O  O   . HOH D 4 .   ? -13.750 -7.802  10.127  1.00 41.43 ? 293 HOH A O   1 
HETATM 1354 O  O   . HOH D 4 .   ? -8.364  -1.700  24.059  1.00 40.69 ? 299 HOH A O   1 
HETATM 1355 O  O   . HOH D 4 .   ? -0.942  -9.558  -18.606 1.00 38.77 ? 301 HOH A O   1 
HETATM 1356 O  O   . HOH D 4 .   ? -11.490 0.002   21.699  1.00 32.15 ? 305 HOH A O   1 
HETATM 1357 O  O   . HOH D 4 .   ? 6.885   -9.041  -22.028 1.00 33.54 ? 311 HOH A O   1 
HETATM 1358 O  O   . HOH D 4 .   ? 14.676  -6.152  -1.889  1.00 25.19 ? 316 HOH A O   1 
HETATM 1359 O  O   . HOH D 4 .   ? -13.329 10.177  -1.422  1.00 27.91 ? 327 HOH A O   1 
HETATM 1360 O  O   . HOH D 4 .   ? 3.354   -14.039 -15.004 1.00 47.09 ? 330 HOH A O   1 
HETATM 1361 O  O   . HOH D 4 .   ? -0.936  9.486   9.012   1.00 13.14 ? 332 HOH A O   1 
HETATM 1362 O  O   . HOH D 4 .   ? 0.689   11.160  -10.659 1.00 52.23 ? 335 HOH A O   1 
HETATM 1363 O  O   . HOH D 4 .   ? 17.859  3.331   -9.530  1.00 31.30 ? 344 HOH A O   1 
HETATM 1364 O  O   . HOH D 4 .   ? -9.294  -16.193 -10.805 1.00 46.39 ? 349 HOH A O   1 
HETATM 1365 O  O   . HOH D 4 .   ? 17.076  -2.388  -20.478 1.00 42.96 ? 352 HOH A O   1 
HETATM 1366 O  O   . HOH D 4 .   ? -15.073 -3.129  -0.649  1.00 31.07 ? 353 HOH A O   1 
HETATM 1367 O  O   . HOH D 4 .   ? -12.782 -8.418  6.326   1.00 40.61 ? 354 HOH A O   1 
HETATM 1368 O  O   . HOH D 4 .   ? -16.139 5.007   17.346  1.00 32.35 ? 356 HOH A O   1 
HETATM 1369 O  O   . HOH D 4 .   ? -5.480  -17.666 -8.981  1.00 52.20 ? 357 HOH A O   1 
HETATM 1370 O  O   . HOH D 4 .   ? -14.013 -0.449  19.670  1.00 47.37 ? 366 HOH A O   1 
HETATM 1371 O  O   . HOH D 4 .   ? -3.585  -0.017  -8.414  1.00 15.74 ? 401 HOH A O   1 
HETATM 1372 O  O   . HOH D 4 .   ? -5.678  -1.381  -11.195 1.00 19.85 ? 405 HOH A O   1 
HETATM 1373 O  O   . HOH D 4 .   ? 15.145  -10.690 -16.494 1.00 37.30 ? 407 HOH A O   1 
HETATM 1374 O  O   . HOH D 4 .   ? 19.481  -2.728  -4.254  1.00 39.35 ? 413 HOH A O   1 
HETATM 1375 O  O   . HOH D 4 .   ? 6.114   5.185   8.109   1.00 23.36 ? 415 HOH A O   1 
HETATM 1376 O  O   . HOH D 4 .   ? 6.952   8.374   8.829   1.00 32.55 ? 416 HOH A O   1 
HETATM 1377 O  O   . HOH D 4 .   ? -10.615 9.341   20.821  1.00 40.15 ? 419 HOH A O   1 
HETATM 1378 O  O   . HOH D 4 .   ? -13.474 9.923   12.945  1.00 30.26 ? 422 HOH A O   1 
HETATM 1379 O  O   . HOH D 4 .   ? -15.184 -7.183  16.419  1.00 45.53 ? 423 HOH A O   1 
HETATM 1380 O  O   . HOH D 4 .   ? -14.754 -4.153  8.166   1.00 30.07 ? 424 HOH A O   1 
HETATM 1381 O  O   . HOH D 4 .   ? -3.634  -14.671 9.800   1.00 40.55 ? 425 HOH A O   1 
HETATM 1382 O  O   . HOH D 4 .   ? 6.208   -16.200 -2.454  1.00 35.14 ? 427 HOH A O   1 
HETATM 1383 O  O   . HOH D 4 .   ? 3.145   -17.323 -2.803  1.00 25.55 ? 428 HOH A O   1 
HETATM 1384 O  O   . HOH D 4 .   ? 9.257   -17.622 -5.791  1.00 39.12 ? 429 HOH A O   1 
HETATM 1385 O  O   . HOH D 4 .   ? 10.673  13.217  -10.069 1.00 46.95 ? 430 HOH A O   1 
HETATM 1386 O  O   . HOH D 4 .   ? 9.819   -13.653 -8.456  1.00 34.99 ? 432 HOH A O   1 
HETATM 1387 O  O   . HOH D 4 .   ? 10.079  11.464  0.280   1.00 42.35 ? 441 HOH A O   1 
HETATM 1388 O  O   . HOH D 4 .   ? -10.759 15.196  5.424   1.00 39.65 ? 505 HOH A O   1 
HETATM 1389 O  O   . HOH D 4 .   ? -2.160  13.528  7.128   1.00 35.83 ? 508 HOH A O   1 
HETATM 1390 O  O   . HOH D 4 .   ? -7.041  -10.109 4.742   1.00 27.31 ? 510 HOH A O   1 
HETATM 1391 O  O   . HOH D 4 .   ? -10.364 5.638   -9.149  1.00 37.17 ? 512 HOH A O   1 
HETATM 1392 O  O   . HOH D 4 .   ? -6.318  -15.839 -6.431  1.00 28.16 ? 514 HOH A O   1 
HETATM 1393 O  O   . HOH D 4 .   ? -15.575 -7.350  -10.848 1.00 32.37 ? 515 HOH A O   1 
HETATM 1394 O  O   . HOH D 4 .   ? -14.653 7.674   -8.054  1.00 46.95 ? 516 HOH A O   1 
HETATM 1395 O  O   . HOH D 4 .   ? -2.256  6.777   -16.928 1.00 41.96 ? 521 HOH A O   1 
HETATM 1396 O  O   . HOH D 4 .   ? -3.914  1.166   -11.265 1.00 52.12 ? 522 HOH A O   1 
HETATM 1397 O  O   . HOH D 4 .   ? -15.440 4.696   -6.842  1.00 28.31 ? 525 HOH A O   1 
HETATM 1398 O  O   . HOH D 4 .   ? -11.786 4.078   20.552  1.00 22.94 ? 526 HOH A O   1 
HETATM 1399 O  O   . HOH D 4 .   ? 15.174  -7.669  -4.321  1.00 42.96 ? 531 HOH A O   1 
HETATM 1400 O  O   . HOH D 4 .   ? 17.804  -10.858 -9.676  1.00 40.23 ? 534 HOH A O   1 
HETATM 1401 O  O   . HOH D 4 .   ? 10.475  0.907   -18.391 1.00 39.33 ? 538 HOH A O   1 
HETATM 1402 O  O   . HOH D 4 .   ? 7.851   3.358   -18.147 1.00 29.55 ? 539 HOH A O   1 
HETATM 1403 O  O   . HOH D 4 .   ? 10.557  0.242   -25.079 1.00 38.01 ? 540 HOH A O   1 
HETATM 1404 O  O   . HOH D 4 .   ? 13.845  -0.172  -19.306 1.00 41.62 ? 541 HOH A O   1 
HETATM 1405 O  O   . HOH D 4 .   ? 7.720   -10.253 -14.096 1.00 51.37 ? 543 HOH A O   1 
HETATM 1406 O  O   . HOH D 4 .   ? 22.135  -7.804  -8.567  1.00 37.55 ? 545 HOH A O   1 
HETATM 1407 O  O   . HOH D 4 .   ? 15.007  0.643   0.953   1.00 26.26 ? 547 HOH A O   1 
HETATM 1408 O  O   . HOH D 4 .   ? 16.615  4.620   -0.958  1.00 41.39 ? 549 HOH A O   1 
HETATM 1409 O  O   . HOH D 4 .   ? -5.173  -13.265 -16.415 1.00 46.18 ? 558 HOH A O   1 
HETATM 1410 O  O   . HOH D 4 .   ? -6.668  -11.882 -13.958 1.00 26.75 ? 559 HOH A O   1 
HETATM 1411 O  O   . HOH D 4 .   ? 14.231  8.504   -3.879  1.00 29.73 ? 562 HOH A O   1 
HETATM 1412 O  O   . HOH D 4 .   ? 3.864   14.824  1.569   1.00 29.75 ? 566 HOH A O   1 
HETATM 1413 O  O   . HOH D 4 .   ? -11.844 -13.040 -6.456  1.00 43.23 ? 568 HOH A O   1 
HETATM 1414 O  O   . HOH D 4 .   ? -9.331  11.071  -8.092  1.00 34.55 ? 572 HOH A O   1 
HETATM 1415 O  O   . HOH D 4 .   ? -13.971 8.803   -4.288  1.00 56.18 ? 574 HOH A O   1 
HETATM 1416 O  O   . HOH D 4 .   ? -16.803 7.262   -2.794  1.00 45.93 ? 575 HOH A O   1 
HETATM 1417 O  O   . HOH D 4 .   ? -15.749 10.378  0.244   1.00 34.32 ? 576 HOH A O   1 
HETATM 1418 O  O   . HOH D 4 .   ? -17.693 8.073   0.368   1.00 41.77 ? 577 HOH A O   1 
HETATM 1419 O  O   . HOH D 4 .   ? -16.015 -6.424  2.330   1.00 36.10 ? 579 HOH A O   1 
HETATM 1420 O  O   . HOH D 4 .   ? 2.547   6.414   14.334  1.00 14.87 ? 584 HOH A O   1 
HETATM 1421 O  O   . HOH D 4 .   ? 4.558   10.536  19.569  1.00 40.59 ? 585 HOH A O   1 
HETATM 1422 O  O   . HOH D 4 .   ? 3.420   12.704  15.303  1.00 50.20 ? 586 HOH A O   1 
HETATM 1423 O  O   . HOH D 4 .   ? -0.773  15.967  12.274  1.00 39.15 ? 587 HOH A O   1 
HETATM 1424 O  O   . HOH D 4 .   ? 4.830   14.856  12.261  1.00 35.19 ? 588 HOH A O   1 
HETATM 1425 O  O   . HOH D 4 .   ? 11.456  15.432  10.458  1.00 45.72 ? 591 HOH A O   1 
HETATM 1426 O  O   . HOH D 4 .   ? 8.268   12.143  11.227  1.00 39.13 ? 593 HOH A O   1 
HETATM 1427 O  O   . HOH D 4 .   ? 9.092   16.345  8.517   1.00 50.79 ? 594 HOH A O   1 
HETATM 1428 O  O   . HOH D 4 .   ? 3.402   17.286  11.496  1.00 40.76 ? 595 HOH A O   1 
HETATM 1429 O  O   . HOH D 4 .   ? -15.086 8.882   17.997  1.00 42.48 ? 601 HOH A O   1 
HETATM 1430 O  O   . HOH D 4 .   ? -13.799 5.842   19.230  1.00 41.55 ? 602 HOH A O   1 
HETATM 1431 O  O   . HOH D 4 .   ? -15.596 2.270   19.298  1.00 41.95 ? 603 HOH A O   1 
HETATM 1432 O  O   . HOH D 4 .   ? 6.418   13.019  14.164  1.00 36.76 ? 607 HOH A O   1 
HETATM 1433 O  O   . HOH D 4 .   ? 7.959   15.020  12.334  1.00 45.22 ? 608 HOH A O   1 
HETATM 1434 O  O   . HOH D 4 .   ? 8.809   6.283   7.141   1.00 42.66 ? 609 HOH A O   1 
HETATM 1435 O  O   . HOH D 4 .   ? -9.585  14.534  -4.708  1.00 39.96 ? 612 HOH A O   1 
HETATM 1436 O  O   . HOH D 4 .   ? 0.757   -16.009 -9.353  1.00 41.77 ? 617 HOH A O   1 
HETATM 1437 O  O   . HOH D 4 .   ? 3.146   12.506  -6.094  1.00 32.53 ? 618 HOH A O   1 
HETATM 1438 O  O   . HOH D 4 .   ? 4.866   0.241   -24.739 1.00 44.60 ? 622 HOH A O   1 
HETATM 1439 O  O   . HOH D 4 .   ? 4.292   5.098   16.425  1.00 42.31 ? 626 HOH A O   1 
HETATM 1440 O  O   . HOH D 4 .   ? -6.051  -16.097 -11.726 1.00 38.01 ? 629 HOH A O   1 
HETATM 1441 O  O   . HOH D 4 .   ? -12.955 -10.867 9.469   1.00 33.32 ? 631 HOH A O   1 
HETATM 1442 O  O   . HOH D 4 .   ? -14.158 -8.999  13.080  1.00 43.59 ? 632 HOH A O   1 
HETATM 1443 O  O   . HOH D 4 .   ? -17.253 17.833  2.708   1.00 38.04 ? 633 HOH A O   1 
HETATM 1444 O  O   . HOH D 4 .   ? -17.417 15.081  6.787   1.00 48.08 ? 634 HOH A O   1 
HETATM 1445 O  O   . HOH D 4 .   ? -17.929 6.630   19.649  1.00 48.21 ? 635 HOH A O   1 
HETATM 1446 O  O   . HOH D 4 .   ? -6.273  -10.981 18.913  1.00 44.23 ? 636 HOH A O   1 
HETATM 1447 O  O   . HOH D 4 .   ? -1.596  4.719   -9.986  1.00 36.70 ? 637 HOH A O   1 
HETATM 1448 O  O   . HOH D 4 .   ? 21.747  -0.990  -5.489  1.00 41.27 ? 642 HOH A O   1 
HETATM 1449 O  O   . HOH D 4 .   ? 9.681   9.833   8.650   1.00 37.20 ? 643 HOH A O   1 
HETATM 1450 O  O   . HOH D 4 .   ? 10.996  8.596   6.241   1.00 36.82 ? 644 HOH A O   1 
HETATM 1451 O  O   . HOH D 4 .   ? -17.846 9.875   12.546  1.00 51.75 ? 646 HOH A O   1 
HETATM 1452 O  O   . HOH D 4 .   ? -6.532  -14.944 10.356  1.00 44.35 ? 650 HOH A O   1 
HETATM 1453 O  O   . HOH D 4 .   ? 3.061   -15.603 -11.985 1.00 43.71 ? 656 HOH A O   1 
HETATM 1454 O  O   . HOH D 4 .   ? 8.956   12.416  3.606   1.00 42.45 ? 657 HOH A O   1 
HETATM 1455 O  O   . HOH D 4 .   ? -12.412 12.433  -8.941  1.00 48.19 ? 665 HOH A O   1 
HETATM 1456 O  O   . HOH D 4 .   ? 12.384  -9.028  -7.352  1.00 36.34 ? 669 HOH A O   1 
HETATM 1457 O  O   . HOH D 4 .   ? 20.571  -8.487  -13.318 1.00 39.87 ? 670 HOH A O   1 
HETATM 1458 O  O   . HOH D 4 .   ? 21.434  -3.707  -7.326  1.00 39.22 ? 674 HOH A O   1 
HETATM 1459 O  O   . HOH D 4 .   ? 8.379   -12.038 4.888   1.00 34.69 ? 677 HOH A O   1 
HETATM 1460 O  O   . HOH D 4 .   ? 1.690   13.063  -14.711 1.00 48.53 ? 680 HOH A O   1 
HETATM 1461 O  O   . HOH D 4 .   ? -11.700 8.282   -8.698  1.00 46.05 ? 681 HOH A O   1 
HETATM 1462 O  O   . HOH D 4 .   ? 13.355  8.489   -0.646  1.00 29.37 ? 696 HOH A O   1 
HETATM 1463 O  O   . HOH D 4 .   ? -17.051 4.601   -4.379  1.00 35.46 ? 699 HOH A O   1 
HETATM 1464 O  O   . HOH D 4 .   ? -20.831 8.529   12.799  1.00 33.25 ? 702 HOH A O   1 
HETATM 1465 O  O   . HOH D 4 .   ? 10.816  -5.796  7.956   1.00 42.53 ? 707 HOH A O   1 
HETATM 1466 O  O   . HOH D 4 .   ? 13.169  -6.362  -6.198  1.00 42.44 ? 716 HOH A O   1 
HETATM 1467 O  O   . HOH D 4 .   ? -7.361  -18.547 -6.350  1.00 49.22 ? 718 HOH A O   1 
HETATM 1468 O  O   . HOH D 4 .   ? -12.663 -12.146 -1.444  1.00 50.03 ? 719 HOH A O   1 
HETATM 1469 O  O   . HOH D 4 .   ? -4.519  7.630   -12.563 1.00 41.56 ? 723 HOH A O   1 
HETATM 1470 O  O   . HOH D 4 .   ? -16.540 -1.958  18.672  1.00 33.87 ? 724 HOH A O   1 
HETATM 1471 O  O   . HOH D 4 .   ? -7.378  18.104  4.195   1.00 46.57 ? 728 HOH A O   1 
HETATM 1472 O  O   . HOH D 4 .   ? 21.561  -5.014  -10.478 1.00 48.27 ? 733 HOH A O   1 
HETATM 1473 O  O   . HOH D 4 .   ? -16.700 -3.803  16.211  1.00 36.47 ? 735 HOH A O   1 
HETATM 1474 O  O   . HOH D 4 .   ? -9.256  -15.114 -5.688  1.00 54.49 ? 736 HOH A O   1 
HETATM 1475 O  O   . HOH D 4 .   ? -10.216 0.839   24.503  1.00 46.38 ? 738 HOH A O   1 
HETATM 1476 O  O   . HOH D 4 .   ? 10.693  -2.332  -20.985 1.00 33.35 ? 739 HOH A O   1 
HETATM 1477 O  O   . HOH D 4 .   ? 11.820  -4.723  -22.783 1.00 48.22 ? 740 HOH A O   1 
HETATM 1478 O  O   . HOH D 4 .   ? 7.212   -1.644  -23.195 1.00 35.00 ? 741 HOH A O   1 
HETATM 1479 O  O   . HOH D 4 .   ? -0.878  2.622   -7.630  1.00 33.81 ? 742 HOH A O   1 
HETATM 1480 O  O   . HOH D 4 .   ? -11.062 -9.926  -6.500  1.00 41.27 ? 743 HOH A O   1 
HETATM 1481 O  O   . HOH D 4 .   ? -8.525  -13.875 -12.593 1.00 46.17 ? 751 HOH A O   1 
HETATM 1482 O  O   . HOH D 4 .   ? 5.135   10.465  -6.395  1.00 31.09 ? 752 HOH A O   1 
HETATM 1483 O  O   . HOH D 4 .   ? -2.197  10.600  -5.786  1.00 39.61 ? 753 HOH A O   1 
HETATM 1484 O  O   . HOH D 4 .   ? -4.934  2.142   -8.451  1.00 27.72 ? 754 HOH A O   1 
# 
